data_1EH1
# 
_entry.id   1EH1 
# 
_audit_conform.dict_name       mmcif_pdbx.dic 
_audit_conform.dict_version    5.385 
_audit_conform.dict_location   http://mmcif.pdb.org/dictionaries/ascii/mmcif_pdbx.dic 
# 
loop_
_database_2.database_id 
_database_2.database_code 
_database_2.pdbx_database_accession 
_database_2.pdbx_DOI 
PDB   1EH1         pdb_00001eh1 10.2210/pdb1eh1/pdb 
RCSB  RCSB010562   ?            ?                   
WWPDB D_1000010562 ?            ?                   
# 
loop_
_pdbx_audit_revision_history.ordinal 
_pdbx_audit_revision_history.data_content_type 
_pdbx_audit_revision_history.major_revision 
_pdbx_audit_revision_history.minor_revision 
_pdbx_audit_revision_history.revision_date 
1 'Structure model' 1 0 2000-11-15 
2 'Structure model' 1 1 2008-04-27 
3 'Structure model' 1 2 2011-07-13 
4 'Structure model' 1 3 2018-01-31 
5 'Structure model' 1 4 2024-02-07 
# 
_pdbx_audit_revision_details.ordinal             1 
_pdbx_audit_revision_details.revision_ordinal    1 
_pdbx_audit_revision_details.data_content_type   'Structure model' 
_pdbx_audit_revision_details.provider            repository 
_pdbx_audit_revision_details.type                'Initial release' 
_pdbx_audit_revision_details.description         ? 
_pdbx_audit_revision_details.details             ? 
# 
loop_
_pdbx_audit_revision_group.ordinal 
_pdbx_audit_revision_group.revision_ordinal 
_pdbx_audit_revision_group.data_content_type 
_pdbx_audit_revision_group.group 
1 2 'Structure model' 'Version format compliance' 
2 3 'Structure model' 'Version format compliance' 
3 4 'Structure model' 'Experimental preparation'  
4 5 'Structure model' 'Data collection'           
5 5 'Structure model' 'Database references'       
# 
loop_
_pdbx_audit_revision_category.ordinal 
_pdbx_audit_revision_category.revision_ordinal 
_pdbx_audit_revision_category.data_content_type 
_pdbx_audit_revision_category.category 
1 4 'Structure model' exptl_crystal_grow 
2 5 'Structure model' chem_comp_atom     
3 5 'Structure model' chem_comp_bond     
4 5 'Structure model' database_2         
# 
loop_
_pdbx_audit_revision_item.ordinal 
_pdbx_audit_revision_item.revision_ordinal 
_pdbx_audit_revision_item.data_content_type 
_pdbx_audit_revision_item.item 
1 4 'Structure model' '_exptl_crystal_grow.temp'            
2 5 'Structure model' '_database_2.pdbx_DOI'                
3 5 'Structure model' '_database_2.pdbx_database_accession' 
# 
_pdbx_database_status.status_code                     REL 
_pdbx_database_status.entry_id                        1EH1 
_pdbx_database_status.recvd_initial_deposition_date   2000-02-18 
_pdbx_database_status.deposit_site                    RCSB 
_pdbx_database_status.process_site                    RCSB 
_pdbx_database_status.status_code_sf                  REL 
_pdbx_database_status.SG_entry                        . 
_pdbx_database_status.pdb_format_compatible           Y 
_pdbx_database_status.status_code_mr                  ? 
_pdbx_database_status.status_code_cs                  ? 
_pdbx_database_status.methods_development_category    ? 
_pdbx_database_status.status_code_nmr_data            ? 
# 
loop_
_audit_author.name 
_audit_author.pdbx_ordinal 
'Toyoda, T.'   1 
'Tin, O.F.'    2 
'Ito, K.'      3 
'Fujiwara, T.' 4 
'Kumasaka, T.' 5 
'Yamamoto, M.' 6 
'Garber, M.B.' 7 
'Nakamura, Y.' 8 
# 
_citation.id                        primary 
_citation.title                     
;Crystal structure combined with genetic analysis of the Thermus thermophilus ribosome recycling factor shows that a flexible hinge may act as a functional switch.
;
_citation.journal_abbrev            RNA 
_citation.journal_volume            6 
_citation.page_first                1432 
_citation.page_last                 1444 
_citation.year                      2000 
_citation.journal_id_ASTM           RNARFU 
_citation.country                   UK 
_citation.journal_id_ISSN           1355-8382 
_citation.journal_id_CSD            2122 
_citation.book_publisher            ? 
_citation.pdbx_database_id_PubMed   11073219 
_citation.pdbx_database_id_DOI      10.1017/S1355838200001060 
# 
loop_
_citation_author.citation_id 
_citation_author.name 
_citation_author.ordinal 
_citation_author.identifier_ORCID 
primary 'Toyoda, T.'   1 ? 
primary 'Tin, O.F.'    2 ? 
primary 'Ito, K.'      3 ? 
primary 'Fujiwara, T.' 4 ? 
primary 'Kumasaka, T.' 5 ? 
primary 'Yamamoto, M.' 6 ? 
primary 'Garber, M.B.' 7 ? 
primary 'Nakamura, Y.' 8 ? 
# 
loop_
_entity.id 
_entity.type 
_entity.src_method 
_entity.pdbx_description 
_entity.formula_weight 
_entity.pdbx_number_of_molecules 
_entity.pdbx_ec 
_entity.pdbx_mutation 
_entity.pdbx_fragment 
_entity.details 
1 polymer man 'RIBOSOME RECYCLING FACTOR' 21029.068 1  ? ? ? ? 
2 water   nat water                       18.015    88 ? ? ? ? 
# 
_entity_poly.entity_id                      1 
_entity_poly.type                           'polypeptide(L)' 
_entity_poly.nstd_linkage                   no 
_entity_poly.nstd_monomer                   no 
_entity_poly.pdbx_seq_one_letter_code       
;MTLKELYAETRSHMQKSLEVLEHNLAGLRTGRANPALLLHLKVEYYGAHVPLNQIATVTAPDPRTLVVQSWDQNALKAIE
KAIRDSDLGLNPSNKGDALYINIPPLTEERRKDLVRAVRQYAEEGRVAIRNIRREALDKLKKLAKELHLSEDETKRAEAE
IQKITDEFIAKADQLAEKKEQEILG
;
_entity_poly.pdbx_seq_one_letter_code_can   
;MTLKELYAETRSHMQKSLEVLEHNLAGLRTGRANPALLLHLKVEYYGAHVPLNQIATVTAPDPRTLVVQSWDQNALKAIE
KAIRDSDLGLNPSNKGDALYINIPPLTEERRKDLVRAVRQYAEEGRVAIRNIRREALDKLKKLAKELHLSEDETKRAEAE
IQKITDEFIAKADQLAEKKEQEILG
;
_entity_poly.pdbx_strand_id                 A 
_entity_poly.pdbx_target_identifier         ? 
# 
_pdbx_entity_nonpoly.entity_id   2 
_pdbx_entity_nonpoly.name        water 
_pdbx_entity_nonpoly.comp_id     HOH 
# 
loop_
_entity_poly_seq.entity_id 
_entity_poly_seq.num 
_entity_poly_seq.mon_id 
_entity_poly_seq.hetero 
1 1   MET n 
1 2   THR n 
1 3   LEU n 
1 4   LYS n 
1 5   GLU n 
1 6   LEU n 
1 7   TYR n 
1 8   ALA n 
1 9   GLU n 
1 10  THR n 
1 11  ARG n 
1 12  SER n 
1 13  HIS n 
1 14  MET n 
1 15  GLN n 
1 16  LYS n 
1 17  SER n 
1 18  LEU n 
1 19  GLU n 
1 20  VAL n 
1 21  LEU n 
1 22  GLU n 
1 23  HIS n 
1 24  ASN n 
1 25  LEU n 
1 26  ALA n 
1 27  GLY n 
1 28  LEU n 
1 29  ARG n 
1 30  THR n 
1 31  GLY n 
1 32  ARG n 
1 33  ALA n 
1 34  ASN n 
1 35  PRO n 
1 36  ALA n 
1 37  LEU n 
1 38  LEU n 
1 39  LEU n 
1 40  HIS n 
1 41  LEU n 
1 42  LYS n 
1 43  VAL n 
1 44  GLU n 
1 45  TYR n 
1 46  TYR n 
1 47  GLY n 
1 48  ALA n 
1 49  HIS n 
1 50  VAL n 
1 51  PRO n 
1 52  LEU n 
1 53  ASN n 
1 54  GLN n 
1 55  ILE n 
1 56  ALA n 
1 57  THR n 
1 58  VAL n 
1 59  THR n 
1 60  ALA n 
1 61  PRO n 
1 62  ASP n 
1 63  PRO n 
1 64  ARG n 
1 65  THR n 
1 66  LEU n 
1 67  VAL n 
1 68  VAL n 
1 69  GLN n 
1 70  SER n 
1 71  TRP n 
1 72  ASP n 
1 73  GLN n 
1 74  ASN n 
1 75  ALA n 
1 76  LEU n 
1 77  LYS n 
1 78  ALA n 
1 79  ILE n 
1 80  GLU n 
1 81  LYS n 
1 82  ALA n 
1 83  ILE n 
1 84  ARG n 
1 85  ASP n 
1 86  SER n 
1 87  ASP n 
1 88  LEU n 
1 89  GLY n 
1 90  LEU n 
1 91  ASN n 
1 92  PRO n 
1 93  SER n 
1 94  ASN n 
1 95  LYS n 
1 96  GLY n 
1 97  ASP n 
1 98  ALA n 
1 99  LEU n 
1 100 TYR n 
1 101 ILE n 
1 102 ASN n 
1 103 ILE n 
1 104 PRO n 
1 105 PRO n 
1 106 LEU n 
1 107 THR n 
1 108 GLU n 
1 109 GLU n 
1 110 ARG n 
1 111 ARG n 
1 112 LYS n 
1 113 ASP n 
1 114 LEU n 
1 115 VAL n 
1 116 ARG n 
1 117 ALA n 
1 118 VAL n 
1 119 ARG n 
1 120 GLN n 
1 121 TYR n 
1 122 ALA n 
1 123 GLU n 
1 124 GLU n 
1 125 GLY n 
1 126 ARG n 
1 127 VAL n 
1 128 ALA n 
1 129 ILE n 
1 130 ARG n 
1 131 ASN n 
1 132 ILE n 
1 133 ARG n 
1 134 ARG n 
1 135 GLU n 
1 136 ALA n 
1 137 LEU n 
1 138 ASP n 
1 139 LYS n 
1 140 LEU n 
1 141 LYS n 
1 142 LYS n 
1 143 LEU n 
1 144 ALA n 
1 145 LYS n 
1 146 GLU n 
1 147 LEU n 
1 148 HIS n 
1 149 LEU n 
1 150 SER n 
1 151 GLU n 
1 152 ASP n 
1 153 GLU n 
1 154 THR n 
1 155 LYS n 
1 156 ARG n 
1 157 ALA n 
1 158 GLU n 
1 159 ALA n 
1 160 GLU n 
1 161 ILE n 
1 162 GLN n 
1 163 LYS n 
1 164 ILE n 
1 165 THR n 
1 166 ASP n 
1 167 GLU n 
1 168 PHE n 
1 169 ILE n 
1 170 ALA n 
1 171 LYS n 
1 172 ALA n 
1 173 ASP n 
1 174 GLN n 
1 175 LEU n 
1 176 ALA n 
1 177 GLU n 
1 178 LYS n 
1 179 LYS n 
1 180 GLU n 
1 181 GLN n 
1 182 GLU n 
1 183 ILE n 
1 184 LEU n 
1 185 GLY n 
# 
_entity_src_gen.entity_id                          1 
_entity_src_gen.pdbx_src_id                        1 
_entity_src_gen.pdbx_alt_source_flag               sample 
_entity_src_gen.pdbx_seq_type                      ? 
_entity_src_gen.pdbx_beg_seq_num                   ? 
_entity_src_gen.pdbx_end_seq_num                   ? 
_entity_src_gen.gene_src_common_name               ? 
_entity_src_gen.gene_src_genus                     Thermus 
_entity_src_gen.pdbx_gene_src_gene                 ? 
_entity_src_gen.gene_src_species                   ? 
_entity_src_gen.gene_src_strain                    ? 
_entity_src_gen.gene_src_tissue                    ? 
_entity_src_gen.gene_src_tissue_fraction           ? 
_entity_src_gen.gene_src_details                   ? 
_entity_src_gen.pdbx_gene_src_fragment             ? 
_entity_src_gen.pdbx_gene_src_scientific_name      'Thermus thermophilus' 
_entity_src_gen.pdbx_gene_src_ncbi_taxonomy_id     274 
_entity_src_gen.pdbx_gene_src_variant              ? 
_entity_src_gen.pdbx_gene_src_cell_line            ? 
_entity_src_gen.pdbx_gene_src_atcc                 ? 
_entity_src_gen.pdbx_gene_src_organ                ? 
_entity_src_gen.pdbx_gene_src_organelle            ? 
_entity_src_gen.pdbx_gene_src_cell                 ? 
_entity_src_gen.pdbx_gene_src_cellular_location    ? 
_entity_src_gen.host_org_common_name               ? 
_entity_src_gen.pdbx_host_org_scientific_name      'Escherichia coli' 
_entity_src_gen.pdbx_host_org_ncbi_taxonomy_id     562 
_entity_src_gen.host_org_genus                     Escherichia 
_entity_src_gen.pdbx_host_org_gene                 ? 
_entity_src_gen.pdbx_host_org_organ                ? 
_entity_src_gen.host_org_species                   ? 
_entity_src_gen.pdbx_host_org_tissue               ? 
_entity_src_gen.pdbx_host_org_tissue_fraction      ? 
_entity_src_gen.pdbx_host_org_strain               ? 
_entity_src_gen.pdbx_host_org_variant              ? 
_entity_src_gen.pdbx_host_org_cell_line            ? 
_entity_src_gen.pdbx_host_org_atcc                 ? 
_entity_src_gen.pdbx_host_org_culture_collection   ? 
_entity_src_gen.pdbx_host_org_cell                 ? 
_entity_src_gen.pdbx_host_org_organelle            ? 
_entity_src_gen.pdbx_host_org_cellular_location    ? 
_entity_src_gen.pdbx_host_org_vector_type          ? 
_entity_src_gen.pdbx_host_org_vector               ? 
_entity_src_gen.host_org_details                   ? 
_entity_src_gen.expression_system_id               ? 
_entity_src_gen.plasmid_name                       ? 
_entity_src_gen.plasmid_details                    ? 
_entity_src_gen.pdbx_description                   ? 
# 
loop_
_chem_comp.id 
_chem_comp.type 
_chem_comp.mon_nstd_flag 
_chem_comp.name 
_chem_comp.pdbx_synonyms 
_chem_comp.formula 
_chem_comp.formula_weight 
ALA 'L-peptide linking' y ALANINE         ? 'C3 H7 N O2'     89.093  
ARG 'L-peptide linking' y ARGININE        ? 'C6 H15 N4 O2 1' 175.209 
ASN 'L-peptide linking' y ASPARAGINE      ? 'C4 H8 N2 O3'    132.118 
ASP 'L-peptide linking' y 'ASPARTIC ACID' ? 'C4 H7 N O4'     133.103 
GLN 'L-peptide linking' y GLUTAMINE       ? 'C5 H10 N2 O3'   146.144 
GLU 'L-peptide linking' y 'GLUTAMIC ACID' ? 'C5 H9 N O4'     147.129 
GLY 'peptide linking'   y GLYCINE         ? 'C2 H5 N O2'     75.067  
HIS 'L-peptide linking' y HISTIDINE       ? 'C6 H10 N3 O2 1' 156.162 
HOH non-polymer         . WATER           ? 'H2 O'           18.015  
ILE 'L-peptide linking' y ISOLEUCINE      ? 'C6 H13 N O2'    131.173 
LEU 'L-peptide linking' y LEUCINE         ? 'C6 H13 N O2'    131.173 
LYS 'L-peptide linking' y LYSINE          ? 'C6 H15 N2 O2 1' 147.195 
MET 'L-peptide linking' y METHIONINE      ? 'C5 H11 N O2 S'  149.211 
PHE 'L-peptide linking' y PHENYLALANINE   ? 'C9 H11 N O2'    165.189 
PRO 'L-peptide linking' y PROLINE         ? 'C5 H9 N O2'     115.130 
SER 'L-peptide linking' y SERINE          ? 'C3 H7 N O3'     105.093 
THR 'L-peptide linking' y THREONINE       ? 'C4 H9 N O3'     119.119 
TRP 'L-peptide linking' y TRYPTOPHAN      ? 'C11 H12 N2 O2'  204.225 
TYR 'L-peptide linking' y TYROSINE        ? 'C9 H11 N O3'    181.189 
VAL 'L-peptide linking' y VALINE          ? 'C5 H11 N O2'    117.146 
# 
loop_
_pdbx_poly_seq_scheme.asym_id 
_pdbx_poly_seq_scheme.entity_id 
_pdbx_poly_seq_scheme.seq_id 
_pdbx_poly_seq_scheme.mon_id 
_pdbx_poly_seq_scheme.ndb_seq_num 
_pdbx_poly_seq_scheme.pdb_seq_num 
_pdbx_poly_seq_scheme.auth_seq_num 
_pdbx_poly_seq_scheme.pdb_mon_id 
_pdbx_poly_seq_scheme.auth_mon_id 
_pdbx_poly_seq_scheme.pdb_strand_id 
_pdbx_poly_seq_scheme.pdb_ins_code 
_pdbx_poly_seq_scheme.hetero 
A 1 1   MET 1   1   1   MET MET A . n 
A 1 2   THR 2   2   2   THR THR A . n 
A 1 3   LEU 3   3   3   LEU LEU A . n 
A 1 4   LYS 4   4   4   LYS LYS A . n 
A 1 5   GLU 5   5   5   GLU GLU A . n 
A 1 6   LEU 6   6   6   LEU LEU A . n 
A 1 7   TYR 7   7   7   TYR TYR A . n 
A 1 8   ALA 8   8   8   ALA ALA A . n 
A 1 9   GLU 9   9   9   GLU GLU A . n 
A 1 10  THR 10  10  10  THR THR A . n 
A 1 11  ARG 11  11  11  ARG ARG A . n 
A 1 12  SER 12  12  12  SER SER A . n 
A 1 13  HIS 13  13  13  HIS HIS A . n 
A 1 14  MET 14  14  14  MET MET A . n 
A 1 15  GLN 15  15  15  GLN GLN A . n 
A 1 16  LYS 16  16  16  LYS LYS A . n 
A 1 17  SER 17  17  17  SER SER A . n 
A 1 18  LEU 18  18  18  LEU LEU A . n 
A 1 19  GLU 19  19  19  GLU GLU A . n 
A 1 20  VAL 20  20  20  VAL VAL A . n 
A 1 21  LEU 21  21  21  LEU LEU A . n 
A 1 22  GLU 22  22  22  GLU GLU A . n 
A 1 23  HIS 23  23  23  HIS HIS A . n 
A 1 24  ASN 24  24  24  ASN ASN A . n 
A 1 25  LEU 25  25  25  LEU LEU A . n 
A 1 26  ALA 26  26  26  ALA ALA A . n 
A 1 27  GLY 27  27  27  GLY GLY A . n 
A 1 28  LEU 28  28  28  LEU LEU A . n 
A 1 29  ARG 29  29  29  ARG ARG A . n 
A 1 30  THR 30  30  30  THR THR A . n 
A 1 31  GLY 31  31  31  GLY GLY A . n 
A 1 32  ARG 32  32  32  ARG ARG A . n 
A 1 33  ALA 33  33  33  ALA ALA A . n 
A 1 34  ASN 34  34  34  ASN ASN A . n 
A 1 35  PRO 35  35  35  PRO PRO A . n 
A 1 36  ALA 36  36  36  ALA ALA A . n 
A 1 37  LEU 37  37  37  LEU LEU A . n 
A 1 38  LEU 38  38  38  LEU LEU A . n 
A 1 39  LEU 39  39  39  LEU LEU A . n 
A 1 40  HIS 40  40  40  HIS HIS A . n 
A 1 41  LEU 41  41  41  LEU LEU A . n 
A 1 42  LYS 42  42  42  LYS LYS A . n 
A 1 43  VAL 43  43  43  VAL VAL A . n 
A 1 44  GLU 44  44  44  GLU GLU A . n 
A 1 45  TYR 45  45  45  TYR TYR A . n 
A 1 46  TYR 46  46  46  TYR TYR A . n 
A 1 47  GLY 47  47  47  GLY GLY A . n 
A 1 48  ALA 48  48  48  ALA ALA A . n 
A 1 49  HIS 49  49  49  HIS HIS A . n 
A 1 50  VAL 50  50  50  VAL VAL A . n 
A 1 51  PRO 51  51  51  PRO PRO A . n 
A 1 52  LEU 52  52  52  LEU LEU A . n 
A 1 53  ASN 53  53  53  ASN ASN A . n 
A 1 54  GLN 54  54  54  GLN GLN A . n 
A 1 55  ILE 55  55  55  ILE ILE A . n 
A 1 56  ALA 56  56  56  ALA ALA A . n 
A 1 57  THR 57  57  57  THR THR A . n 
A 1 58  VAL 58  58  58  VAL VAL A . n 
A 1 59  THR 59  59  59  THR THR A . n 
A 1 60  ALA 60  60  60  ALA ALA A . n 
A 1 61  PRO 61  61  61  PRO PRO A . n 
A 1 62  ASP 62  62  62  ASP ASP A . n 
A 1 63  PRO 63  63  63  PRO PRO A . n 
A 1 64  ARG 64  64  64  ARG ARG A . n 
A 1 65  THR 65  65  65  THR THR A . n 
A 1 66  LEU 66  66  66  LEU LEU A . n 
A 1 67  VAL 67  67  67  VAL VAL A . n 
A 1 68  VAL 68  68  68  VAL VAL A . n 
A 1 69  GLN 69  69  69  GLN GLN A . n 
A 1 70  SER 70  70  70  SER SER A . n 
A 1 71  TRP 71  71  71  TRP TRP A . n 
A 1 72  ASP 72  72  72  ASP ASP A . n 
A 1 73  GLN 73  73  73  GLN GLN A . n 
A 1 74  ASN 74  74  74  ASN ASN A . n 
A 1 75  ALA 75  75  75  ALA ALA A . n 
A 1 76  LEU 76  76  76  LEU LEU A . n 
A 1 77  LYS 77  77  77  LYS LYS A . n 
A 1 78  ALA 78  78  78  ALA ALA A . n 
A 1 79  ILE 79  79  79  ILE ILE A . n 
A 1 80  GLU 80  80  80  GLU GLU A . n 
A 1 81  LYS 81  81  81  LYS LYS A . n 
A 1 82  ALA 82  82  82  ALA ALA A . n 
A 1 83  ILE 83  83  83  ILE ILE A . n 
A 1 84  ARG 84  84  84  ARG ARG A . n 
A 1 85  ASP 85  85  85  ASP ASP A . n 
A 1 86  SER 86  86  86  SER SER A . n 
A 1 87  ASP 87  87  87  ASP ASP A . n 
A 1 88  LEU 88  88  88  LEU LEU A . n 
A 1 89  GLY 89  89  89  GLY GLY A . n 
A 1 90  LEU 90  90  90  LEU LEU A . n 
A 1 91  ASN 91  91  91  ASN ASN A . n 
A 1 92  PRO 92  92  92  PRO PRO A . n 
A 1 93  SER 93  93  93  SER SER A . n 
A 1 94  ASN 94  94  94  ASN ASN A . n 
A 1 95  LYS 95  95  95  LYS LYS A . n 
A 1 96  GLY 96  96  96  GLY GLY A . n 
A 1 97  ASP 97  97  97  ASP ASP A . n 
A 1 98  ALA 98  98  98  ALA ALA A . n 
A 1 99  LEU 99  99  99  LEU LEU A . n 
A 1 100 TYR 100 100 100 TYR TYR A . n 
A 1 101 ILE 101 101 101 ILE ILE A . n 
A 1 102 ASN 102 102 102 ASN ASN A . n 
A 1 103 ILE 103 103 103 ILE ILE A . n 
A 1 104 PRO 104 104 104 PRO PRO A . n 
A 1 105 PRO 105 105 105 PRO PRO A . n 
A 1 106 LEU 106 106 106 LEU LEU A . n 
A 1 107 THR 107 107 107 THR THR A . n 
A 1 108 GLU 108 108 108 GLU GLU A . n 
A 1 109 GLU 109 109 109 GLU GLU A . n 
A 1 110 ARG 110 110 110 ARG ARG A . n 
A 1 111 ARG 111 111 111 ARG ARG A . n 
A 1 112 LYS 112 112 112 LYS LYS A . n 
A 1 113 ASP 113 113 113 ASP ASP A . n 
A 1 114 LEU 114 114 114 LEU LEU A . n 
A 1 115 VAL 115 115 115 VAL VAL A . n 
A 1 116 ARG 116 116 116 ARG ARG A . n 
A 1 117 ALA 117 117 117 ALA ALA A . n 
A 1 118 VAL 118 118 118 VAL VAL A . n 
A 1 119 ARG 119 119 119 ARG ARG A . n 
A 1 120 GLN 120 120 120 GLN GLN A . n 
A 1 121 TYR 121 121 121 TYR TYR A . n 
A 1 122 ALA 122 122 122 ALA ALA A . n 
A 1 123 GLU 123 123 123 GLU GLU A . n 
A 1 124 GLU 124 124 124 GLU GLU A . n 
A 1 125 GLY 125 125 125 GLY GLY A . n 
A 1 126 ARG 126 126 126 ARG ARG A . n 
A 1 127 VAL 127 127 127 VAL VAL A . n 
A 1 128 ALA 128 128 128 ALA ALA A . n 
A 1 129 ILE 129 129 129 ILE ILE A . n 
A 1 130 ARG 130 130 130 ARG ARG A . n 
A 1 131 ASN 131 131 131 ASN ASN A . n 
A 1 132 ILE 132 132 132 ILE ILE A . n 
A 1 133 ARG 133 133 133 ARG ARG A . n 
A 1 134 ARG 134 134 134 ARG ARG A . n 
A 1 135 GLU 135 135 135 GLU GLU A . n 
A 1 136 ALA 136 136 136 ALA ALA A . n 
A 1 137 LEU 137 137 137 LEU LEU A . n 
A 1 138 ASP 138 138 138 ASP ASP A . n 
A 1 139 LYS 139 139 139 LYS LYS A . n 
A 1 140 LEU 140 140 140 LEU LEU A . n 
A 1 141 LYS 141 141 141 LYS LYS A . n 
A 1 142 LYS 142 142 142 LYS LYS A . n 
A 1 143 LEU 143 143 143 LEU LEU A . n 
A 1 144 ALA 144 144 144 ALA ALA A . n 
A 1 145 LYS 145 145 145 LYS LYS A . n 
A 1 146 GLU 146 146 146 GLU GLU A . n 
A 1 147 LEU 147 147 147 LEU LEU A . n 
A 1 148 HIS 148 148 148 HIS HIS A . n 
A 1 149 LEU 149 149 149 LEU LEU A . n 
A 1 150 SER 150 150 150 SER SER A . n 
A 1 151 GLU 151 151 151 GLU GLU A . n 
A 1 152 ASP 152 152 152 ASP ASP A . n 
A 1 153 GLU 153 153 153 GLU GLU A . n 
A 1 154 THR 154 154 154 THR THR A . n 
A 1 155 LYS 155 155 155 LYS LYS A . n 
A 1 156 ARG 156 156 156 ARG ARG A . n 
A 1 157 ALA 157 157 157 ALA ALA A . n 
A 1 158 GLU 158 158 158 GLU GLU A . n 
A 1 159 ALA 159 159 159 ALA ALA A . n 
A 1 160 GLU 160 160 160 GLU GLU A . n 
A 1 161 ILE 161 161 161 ILE ILE A . n 
A 1 162 GLN 162 162 162 GLN GLN A . n 
A 1 163 LYS 163 163 163 LYS LYS A . n 
A 1 164 ILE 164 164 164 ILE ILE A . n 
A 1 165 THR 165 165 165 THR THR A . n 
A 1 166 ASP 166 166 166 ASP ASP A . n 
A 1 167 GLU 167 167 167 GLU GLU A . n 
A 1 168 PHE 168 168 168 PHE PHE A . n 
A 1 169 ILE 169 169 169 ILE ILE A . n 
A 1 170 ALA 170 170 170 ALA ALA A . n 
A 1 171 LYS 171 171 171 LYS LYS A . n 
A 1 172 ALA 172 172 172 ALA ALA A . n 
A 1 173 ASP 173 173 173 ASP ASP A . n 
A 1 174 GLN 174 174 174 GLN GLN A . n 
A 1 175 LEU 175 175 175 LEU LEU A . n 
A 1 176 ALA 176 176 176 ALA ALA A . n 
A 1 177 GLU 177 177 177 GLU GLU A . n 
A 1 178 LYS 178 178 178 LYS LYS A . n 
A 1 179 LYS 179 179 179 LYS LYS A . n 
A 1 180 GLU 180 180 180 GLU GLU A . n 
A 1 181 GLN 181 181 181 GLN GLN A . n 
A 1 182 GLU 182 182 182 GLU GLU A . n 
A 1 183 ILE 183 183 183 ILE ILE A . n 
A 1 184 LEU 184 184 184 LEU LEU A . n 
A 1 185 GLY 185 185 185 GLY GLY A . n 
# 
loop_
_pdbx_nonpoly_scheme.asym_id 
_pdbx_nonpoly_scheme.entity_id 
_pdbx_nonpoly_scheme.mon_id 
_pdbx_nonpoly_scheme.ndb_seq_num 
_pdbx_nonpoly_scheme.pdb_seq_num 
_pdbx_nonpoly_scheme.auth_seq_num 
_pdbx_nonpoly_scheme.pdb_mon_id 
_pdbx_nonpoly_scheme.auth_mon_id 
_pdbx_nonpoly_scheme.pdb_strand_id 
_pdbx_nonpoly_scheme.pdb_ins_code 
B 2 HOH 1  201 201 HOH HOH A . 
B 2 HOH 2  202 202 HOH HOH A . 
B 2 HOH 3  203 203 HOH HOH A . 
B 2 HOH 4  204 204 HOH HOH A . 
B 2 HOH 5  205 205 HOH HOH A . 
B 2 HOH 6  206 206 HOH HOH A . 
B 2 HOH 7  207 207 HOH HOH A . 
B 2 HOH 8  208 208 HOH HOH A . 
B 2 HOH 9  209 209 HOH HOH A . 
B 2 HOH 10 210 210 HOH HOH A . 
B 2 HOH 11 211 211 HOH HOH A . 
B 2 HOH 12 212 212 HOH HOH A . 
B 2 HOH 13 213 213 HOH HOH A . 
B 2 HOH 14 214 214 HOH HOH A . 
B 2 HOH 15 215 215 HOH HOH A . 
B 2 HOH 16 216 216 HOH HOH A . 
B 2 HOH 17 217 217 HOH HOH A . 
B 2 HOH 18 218 218 HOH HOH A . 
B 2 HOH 19 219 219 HOH HOH A . 
B 2 HOH 20 220 220 HOH HOH A . 
B 2 HOH 21 221 221 HOH HOH A . 
B 2 HOH 22 222 222 HOH HOH A . 
B 2 HOH 23 223 223 HOH HOH A . 
B 2 HOH 24 224 224 HOH HOH A . 
B 2 HOH 25 225 225 HOH HOH A . 
B 2 HOH 26 226 226 HOH HOH A . 
B 2 HOH 27 227 227 HOH HOH A . 
B 2 HOH 28 228 228 HOH HOH A . 
B 2 HOH 29 229 229 HOH HOH A . 
B 2 HOH 30 230 230 HOH HOH A . 
B 2 HOH 31 231 231 HOH HOH A . 
B 2 HOH 32 232 232 HOH HOH A . 
B 2 HOH 33 233 233 HOH HOH A . 
B 2 HOH 34 234 234 HOH HOH A . 
B 2 HOH 35 235 235 HOH HOH A . 
B 2 HOH 36 236 236 HOH HOH A . 
B 2 HOH 37 237 237 HOH HOH A . 
B 2 HOH 38 238 238 HOH HOH A . 
B 2 HOH 39 239 239 HOH HOH A . 
B 2 HOH 40 240 240 HOH HOH A . 
B 2 HOH 41 241 241 HOH HOH A . 
B 2 HOH 42 242 242 HOH HOH A . 
B 2 HOH 43 243 243 HOH HOH A . 
B 2 HOH 44 244 244 HOH HOH A . 
B 2 HOH 45 245 245 HOH HOH A . 
B 2 HOH 46 246 246 HOH HOH A . 
B 2 HOH 47 247 247 HOH HOH A . 
B 2 HOH 48 248 248 HOH HOH A . 
B 2 HOH 49 249 249 HOH HOH A . 
B 2 HOH 50 250 250 HOH HOH A . 
B 2 HOH 51 251 251 HOH HOH A . 
B 2 HOH 52 252 252 HOH HOH A . 
B 2 HOH 53 253 253 HOH HOH A . 
B 2 HOH 54 254 254 HOH HOH A . 
B 2 HOH 55 255 255 HOH HOH A . 
B 2 HOH 56 256 256 HOH HOH A . 
B 2 HOH 57 257 257 HOH HOH A . 
B 2 HOH 58 258 258 HOH HOH A . 
B 2 HOH 59 259 259 HOH HOH A . 
B 2 HOH 60 260 260 HOH HOH A . 
B 2 HOH 61 261 261 HOH HOH A . 
B 2 HOH 62 262 262 HOH HOH A . 
B 2 HOH 63 263 263 HOH HOH A . 
B 2 HOH 64 264 264 HOH HOH A . 
B 2 HOH 65 265 265 HOH HOH A . 
B 2 HOH 66 266 266 HOH HOH A . 
B 2 HOH 67 267 267 HOH HOH A . 
B 2 HOH 68 268 268 HOH HOH A . 
B 2 HOH 69 269 269 HOH HOH A . 
B 2 HOH 70 270 270 HOH HOH A . 
B 2 HOH 71 271 271 HOH HOH A . 
B 2 HOH 72 272 272 HOH HOH A . 
B 2 HOH 73 273 273 HOH HOH A . 
B 2 HOH 74 274 274 HOH HOH A . 
B 2 HOH 75 275 275 HOH HOH A . 
B 2 HOH 76 276 276 HOH HOH A . 
B 2 HOH 77 277 277 HOH HOH A . 
B 2 HOH 78 278 278 HOH HOH A . 
B 2 HOH 79 279 279 HOH HOH A . 
B 2 HOH 80 280 280 HOH HOH A . 
B 2 HOH 81 281 281 HOH HOH A . 
B 2 HOH 82 282 282 HOH HOH A . 
B 2 HOH 83 283 283 HOH HOH A . 
B 2 HOH 84 284 284 HOH HOH A . 
B 2 HOH 85 285 285 HOH HOH A . 
B 2 HOH 86 286 286 HOH HOH A . 
B 2 HOH 87 287 287 HOH HOH A . 
B 2 HOH 88 288 288 HOH HOH A . 
# 
loop_
_software.name 
_software.classification 
_software.version 
_software.citation_id 
_software.pdbx_ordinal 
MLPHARE   phasing          .   ? 1 
CNS       refinement       1.0 ? 2 
DENZO     'data reduction' .   ? 3 
SCALEPACK 'data scaling'   .   ? 4 
# 
_cell.entry_id           1EH1 
_cell.length_a           71.500 
_cell.length_b           71.50 
_cell.length_c           79.6 
_cell.angle_alpha        90.00 
_cell.angle_beta         90.00 
_cell.angle_gamma        120.00 
_cell.Z_PDB              6 
_cell.pdbx_unique_axis   ? 
# 
_symmetry.entry_id                         1EH1 
_symmetry.space_group_name_H-M             'P 32 2 1' 
_symmetry.pdbx_full_space_group_name_H-M   ? 
_symmetry.cell_setting                     ? 
_symmetry.Int_Tables_number                154 
# 
_exptl.entry_id          1EH1 
_exptl.method            'X-RAY DIFFRACTION' 
_exptl.crystals_number   1 
# 
_exptl_crystal.id                    1 
_exptl_crystal.density_meas          ? 
_exptl_crystal.density_Matthews      3.23 
_exptl_crystal.density_percent_sol   61.9 
_exptl_crystal.description           ? 
# 
_exptl_crystal_grow.crystal_id      1 
_exptl_crystal_grow.method          'VAPOR DIFFUSION, HANGING DROP' 
_exptl_crystal_grow.temp            293.0 
_exptl_crystal_grow.temp_details    ? 
_exptl_crystal_grow.pH              4.9 
_exptl_crystal_grow.pdbx_details    
'ammonium sulphate, sodium acetate, MES, pH 4.9, VAPOR DIFFUSION, HANGING DROP, temperature 20K' 
_exptl_crystal_grow.pdbx_pH_range   ? 
# 
_diffrn.id                     1 
_diffrn.ambient_temp           110 
_diffrn.ambient_temp_details   ? 
_diffrn.crystal_id             1 
# 
_diffrn_detector.diffrn_id              1 
_diffrn_detector.detector               'IMAGE PLATE' 
_diffrn_detector.type                   RIGAKU 
_diffrn_detector.pdbx_collection_date   1999-07-30 
_diffrn_detector.details                'GRAPHITE CRYSTAL' 
# 
_diffrn_radiation.diffrn_id                        1 
_diffrn_radiation.wavelength_id                    1 
_diffrn_radiation.pdbx_monochromatic_or_laue_m_l   M 
_diffrn_radiation.monochromator                    ? 
_diffrn_radiation.pdbx_diffrn_protocol             MAD 
_diffrn_radiation.pdbx_scattering_type             x-ray 
# 
_diffrn_radiation_wavelength.id           1 
_diffrn_radiation_wavelength.wavelength   1.5418 
_diffrn_radiation_wavelength.wt           1.0 
# 
_diffrn_source.diffrn_id                   1 
_diffrn_source.source                      'ROTATING ANODE' 
_diffrn_source.type                        RIGAKU 
_diffrn_source.pdbx_synchrotron_site       ? 
_diffrn_source.pdbx_synchrotron_beamline   ? 
_diffrn_source.pdbx_wavelength             1.5418 
_diffrn_source.pdbx_wavelength_list        ? 
# 
_reflns.entry_id                     1EH1 
_reflns.observed_criterion_sigma_I   2.0 
_reflns.observed_criterion_sigma_F   2.0 
_reflns.d_resolution_low             50.0 
_reflns.d_resolution_high            2.6 
_reflns.number_obs                   28513 
_reflns.number_all                   7568 
_reflns.percent_possible_obs         99.7 
_reflns.pdbx_Rmerge_I_obs            0.0380000 
_reflns.pdbx_Rsym_value              ? 
_reflns.pdbx_netI_over_sigmaI        17.6 
_reflns.B_iso_Wilson_estimate        63.5 
_reflns.pdbx_redundancy              3.8 
_reflns.R_free_details               ? 
_reflns.limit_h_max                  ? 
_reflns.limit_h_min                  ? 
_reflns.limit_k_max                  ? 
_reflns.limit_k_min                  ? 
_reflns.limit_l_max                  ? 
_reflns.limit_l_min                  ? 
_reflns.observed_criterion_F_max     ? 
_reflns.observed_criterion_F_min     ? 
_reflns.pdbx_diffrn_id               1 
_reflns.pdbx_ordinal                 1 
# 
_reflns_shell.d_res_high             2.6 
_reflns_shell.d_res_low              2.66 
_reflns_shell.percent_possible_all   98.7 
_reflns_shell.Rmerge_I_obs           0.2340000 
_reflns_shell.pdbx_Rsym_value        ? 
_reflns_shell.meanI_over_sigI_obs    ? 
_reflns_shell.pdbx_redundancy        1.70 
_reflns_shell.percent_possible_obs   ? 
_reflns_shell.number_unique_all      7568 
_reflns_shell.pdbx_diffrn_id         ? 
_reflns_shell.pdbx_ordinal           1 
# 
_refine.entry_id                                 1EH1 
_refine.ls_number_reflns_obs                     7394 
_refine.ls_number_reflns_all                     7549 
_refine.pdbx_ls_sigma_I                          3.0 
_refine.pdbx_ls_sigma_F                          2.0 
_refine.pdbx_data_cutoff_high_absF               ? 
_refine.pdbx_data_cutoff_low_absF                0.0000 
_refine.ls_d_res_low                             10.0 
_refine.ls_d_res_high                            2.6 
_refine.ls_percent_reflns_obs                    99.7 
_refine.ls_R_factor_obs                          0.2360000 
_refine.ls_R_factor_all                          0.2680000 
_refine.ls_R_factor_R_work                       0.2340000 
_refine.ls_R_factor_R_free                       0.3070000 
_refine.ls_R_factor_R_free_error                 ? 
_refine.ls_R_factor_R_free_error_details         ? 
_refine.ls_percent_reflns_R_free                 5.42 
_refine.ls_number_reflns_R_free                  393 
_refine.ls_number_parameters                     ? 
_refine.ls_number_restraints                     ? 
_refine.occupancy_min                            ? 
_refine.occupancy_max                            ? 
_refine.B_iso_mean                               58.02 
_refine.aniso_B[1][1]                            ? 
_refine.aniso_B[2][2]                            ? 
_refine.aniso_B[3][3]                            ? 
_refine.aniso_B[1][2]                            ? 
_refine.aniso_B[1][3]                            ? 
_refine.aniso_B[2][3]                            ? 
_refine.solvent_model_details                    ? 
_refine.solvent_model_param_ksol                 ? 
_refine.solvent_model_param_bsol                 ? 
_refine.pdbx_ls_cross_valid_method               ? 
_refine.details                                  ? 
_refine.pdbx_starting_model                      ? 
_refine.pdbx_method_to_determine_struct          MAD 
_refine.pdbx_isotropic_thermal_model             ? 
_refine.pdbx_stereochemistry_target_values       'RAMACHANDRAN ET AL BBA 359:298 (1974)' 
_refine.pdbx_stereochem_target_val_spec_case     ? 
_refine.pdbx_R_Free_selection_details            RANDOM 
_refine.pdbx_overall_ESU_R_Free                  ? 
_refine.overall_SU_B                             ? 
_refine.ls_redundancy_reflns_obs                 ? 
_refine.B_iso_min                                ? 
_refine.B_iso_max                                ? 
_refine.overall_SU_ML                            ? 
_refine.pdbx_overall_ESU_R                       ? 
_refine.pdbx_data_cutoff_high_rms_absF           ? 
_refine.pdbx_refine_id                           'X-RAY DIFFRACTION' 
_refine.pdbx_diffrn_id                           1 
_refine.pdbx_TLS_residual_ADP_flag               ? 
_refine.correlation_coeff_Fo_to_Fc               ? 
_refine.correlation_coeff_Fo_to_Fc_free          ? 
_refine.pdbx_solvent_vdw_probe_radii             ? 
_refine.pdbx_solvent_ion_probe_radii             ? 
_refine.pdbx_solvent_shrinkage_radii             ? 
_refine.pdbx_overall_phase_error                 ? 
_refine.overall_SU_R_Cruickshank_DPI             ? 
_refine.pdbx_overall_SU_R_free_Cruickshank_DPI   ? 
_refine.pdbx_overall_SU_R_Blow_DPI               ? 
_refine.pdbx_overall_SU_R_free_Blow_DPI          ? 
# 
_refine_hist.pdbx_refine_id                   'X-RAY DIFFRACTION' 
_refine_hist.cycle_id                         LAST 
_refine_hist.pdbx_number_atoms_protein        1478 
_refine_hist.pdbx_number_atoms_nucleic_acid   0 
_refine_hist.pdbx_number_atoms_ligand         0 
_refine_hist.number_atoms_solvent             88 
_refine_hist.number_atoms_total               1566 
_refine_hist.d_res_high                       2.6 
_refine_hist.d_res_low                        10.0 
# 
loop_
_refine_ls_restr.type 
_refine_ls_restr.dev_ideal 
_refine_ls_restr.dev_ideal_target 
_refine_ls_restr.weight 
_refine_ls_restr.number 
_refine_ls_restr.pdbx_refine_id 
_refine_ls_restr.pdbx_restraint_function 
c_bond_d    0.007 ? ? ? 'X-RAY DIFFRACTION' ? 
c_angle_deg 1.1   ? ? ? 'X-RAY DIFFRACTION' ? 
# 
_refine_ls_shell.pdbx_total_number_of_bins_used   8 
_refine_ls_shell.d_res_high                       2.60 
_refine_ls_shell.d_res_low                        2.72 
_refine_ls_shell.number_reflns_R_work             820 
_refine_ls_shell.R_factor_R_work                  0.2755000 
_refine_ls_shell.percent_reflns_obs               ? 
_refine_ls_shell.R_factor_R_free                  0.3148000 
_refine_ls_shell.R_factor_R_free_error            ? 
_refine_ls_shell.percent_reflns_R_free            3.76 
_refine_ls_shell.number_reflns_R_free             32 
_refine_ls_shell.redundancy_reflns_obs            ? 
_refine_ls_shell.number_reflns_all                ? 
_refine_ls_shell.number_reflns_obs                ? 
_refine_ls_shell.pdbx_refine_id                   'X-RAY DIFFRACTION' 
_refine_ls_shell.R_factor_all                     ? 
# 
_struct.entry_id                  1EH1 
_struct.title                     'RIBOSOME RECYCLING FACTOR FROM THERMUS THERMOPHILUS' 
_struct.pdbx_model_details        ? 
_struct.pdbx_CASP_flag            ? 
_struct.pdbx_model_type_details   ? 
# 
_struct_keywords.entry_id        1EH1 
_struct_keywords.pdbx_keywords   RIBOSOME 
_struct_keywords.text            'TRANSLATION, RIBOSOME, HINGE VARIABILITY' 
# 
loop_
_struct_asym.id 
_struct_asym.pdbx_blank_PDB_chainid_flag 
_struct_asym.pdbx_modified 
_struct_asym.entity_id 
_struct_asym.details 
A N N 1 ? 
B N N 2 ? 
# 
_struct_ref.id                         1 
_struct_ref.db_name                    UNP 
_struct_ref.db_code                    RRF_THET8 
_struct_ref.entity_id                  1 
_struct_ref.pdbx_db_accession          Q9WX76 
_struct_ref.pdbx_align_begin           1 
_struct_ref.pdbx_seq_one_letter_code   
;MTLKELYAETRSHMQKSLEVLEHNLAGLRTGRANPALLLHLKVEYYGAHVPLNQIATVTAPDPRTLVVQSWDQNALKAIE
KAIRDSDLGLNPSNKGDALYINIPPLTEERRKDLVRAVRQYAEEGRVAIRNIRREALDKLKKLAKELHLSEDETKRAEAE
IQKITDEFIAKADQLAEKKEQEILG
;
_struct_ref.pdbx_db_isoform            ? 
# 
_struct_ref_seq.align_id                      1 
_struct_ref_seq.ref_id                        1 
_struct_ref_seq.pdbx_PDB_id_code              1EH1 
_struct_ref_seq.pdbx_strand_id                A 
_struct_ref_seq.seq_align_beg                 1 
_struct_ref_seq.pdbx_seq_align_beg_ins_code   ? 
_struct_ref_seq.seq_align_end                 185 
_struct_ref_seq.pdbx_seq_align_end_ins_code   ? 
_struct_ref_seq.pdbx_db_accession             Q9WX76 
_struct_ref_seq.db_align_beg                  1 
_struct_ref_seq.pdbx_db_align_beg_ins_code    ? 
_struct_ref_seq.db_align_end                  185 
_struct_ref_seq.pdbx_db_align_end_ins_code    ? 
_struct_ref_seq.pdbx_auth_seq_align_beg       1 
_struct_ref_seq.pdbx_auth_seq_align_end       185 
# 
_pdbx_struct_assembly.id                   1 
_pdbx_struct_assembly.details              author_defined_assembly 
_pdbx_struct_assembly.method_details       ? 
_pdbx_struct_assembly.oligomeric_details   monomeric 
_pdbx_struct_assembly.oligomeric_count     1 
# 
_pdbx_struct_assembly_gen.assembly_id       1 
_pdbx_struct_assembly_gen.oper_expression   1 
_pdbx_struct_assembly_gen.asym_id_list      A,B 
# 
_pdbx_struct_oper_list.id                   1 
_pdbx_struct_oper_list.type                 'identity operation' 
_pdbx_struct_oper_list.name                 1_555 
_pdbx_struct_oper_list.symmetry_operation   x,y,z 
_pdbx_struct_oper_list.matrix[1][1]         1.0000000000 
_pdbx_struct_oper_list.matrix[1][2]         0.0000000000 
_pdbx_struct_oper_list.matrix[1][3]         0.0000000000 
_pdbx_struct_oper_list.vector[1]            0.0000000000 
_pdbx_struct_oper_list.matrix[2][1]         0.0000000000 
_pdbx_struct_oper_list.matrix[2][2]         1.0000000000 
_pdbx_struct_oper_list.matrix[2][3]         0.0000000000 
_pdbx_struct_oper_list.vector[2]            0.0000000000 
_pdbx_struct_oper_list.matrix[3][1]         0.0000000000 
_pdbx_struct_oper_list.matrix[3][2]         0.0000000000 
_pdbx_struct_oper_list.matrix[3][3]         1.0000000000 
_pdbx_struct_oper_list.vector[3]            0.0000000000 
# 
_struct_biol.id                    1 
_struct_biol.pdbx_parent_biol_id   ? 
_struct_biol.details               ? 
# 
loop_
_struct_conf.conf_type_id 
_struct_conf.id 
_struct_conf.pdbx_PDB_helix_id 
_struct_conf.beg_label_comp_id 
_struct_conf.beg_label_asym_id 
_struct_conf.beg_label_seq_id 
_struct_conf.pdbx_beg_PDB_ins_code 
_struct_conf.end_label_comp_id 
_struct_conf.end_label_asym_id 
_struct_conf.end_label_seq_id 
_struct_conf.pdbx_end_PDB_ins_code 
_struct_conf.beg_auth_comp_id 
_struct_conf.beg_auth_asym_id 
_struct_conf.beg_auth_seq_id 
_struct_conf.end_auth_comp_id 
_struct_conf.end_auth_asym_id 
_struct_conf.end_auth_seq_id 
_struct_conf.pdbx_PDB_helix_class 
_struct_conf.details 
_struct_conf.pdbx_PDB_helix_length 
HELX_P HELX_P1 1 THR A 2   ? GLY A 27  ? THR A 2   GLY A 27  1 ? 26 
HELX_P HELX_P2 2 PRO A 35  ? LEU A 39  ? PRO A 35  LEU A 39  5 ? 5  
HELX_P HELX_P3 3 ASN A 53  ? ILE A 55  ? ASN A 53  ILE A 55  5 ? 3  
HELX_P HELX_P4 4 ASP A 72  ? ARG A 84  ? ASP A 72  ARG A 84  1 ? 13 
HELX_P HELX_P5 5 GLU A 109 ? HIS A 148 ? GLU A 109 HIS A 148 1 ? 40 
HELX_P HELX_P6 6 SER A 150 ? LEU A 184 ? SER A 150 LEU A 184 1 ? 35 
# 
_struct_conf_type.id          HELX_P 
_struct_conf_type.criteria    ? 
_struct_conf_type.reference   ? 
# 
loop_
_struct_sheet.id 
_struct_sheet.type 
_struct_sheet.number_strands 
_struct_sheet.details 
A ? 2 ? 
B ? 4 ? 
# 
loop_
_struct_sheet_order.sheet_id 
_struct_sheet_order.range_id_1 
_struct_sheet_order.range_id_2 
_struct_sheet_order.offset 
_struct_sheet_order.sense 
A 1 2 ? anti-parallel 
B 1 2 ? anti-parallel 
B 2 3 ? anti-parallel 
B 3 4 ? anti-parallel 
# 
loop_
_struct_sheet_range.sheet_id 
_struct_sheet_range.id 
_struct_sheet_range.beg_label_comp_id 
_struct_sheet_range.beg_label_asym_id 
_struct_sheet_range.beg_label_seq_id 
_struct_sheet_range.pdbx_beg_PDB_ins_code 
_struct_sheet_range.end_label_comp_id 
_struct_sheet_range.end_label_asym_id 
_struct_sheet_range.end_label_seq_id 
_struct_sheet_range.pdbx_end_PDB_ins_code 
_struct_sheet_range.beg_auth_comp_id 
_struct_sheet_range.beg_auth_asym_id 
_struct_sheet_range.beg_auth_seq_id 
_struct_sheet_range.end_auth_comp_id 
_struct_sheet_range.end_auth_asym_id 
_struct_sheet_range.end_auth_seq_id 
A 1 LYS A 42 ? TYR A 45  ? LYS A 42 TYR A 45  
A 2 ALA A 48 ? PRO A 51  ? ALA A 48 PRO A 51  
B 1 THR A 57 ? THR A 59  ? THR A 57 THR A 59  
B 2 THR A 65 ? GLN A 69  ? THR A 65 GLN A 69  
B 3 ALA A 98 ? ASN A 102 ? ALA A 98 ASN A 102 
B 4 PRO A 92 ? LYS A 95  ? PRO A 92 LYS A 95  
# 
loop_
_pdbx_struct_sheet_hbond.sheet_id 
_pdbx_struct_sheet_hbond.range_id_1 
_pdbx_struct_sheet_hbond.range_id_2 
_pdbx_struct_sheet_hbond.range_1_label_atom_id 
_pdbx_struct_sheet_hbond.range_1_label_comp_id 
_pdbx_struct_sheet_hbond.range_1_label_asym_id 
_pdbx_struct_sheet_hbond.range_1_label_seq_id 
_pdbx_struct_sheet_hbond.range_1_PDB_ins_code 
_pdbx_struct_sheet_hbond.range_1_auth_atom_id 
_pdbx_struct_sheet_hbond.range_1_auth_comp_id 
_pdbx_struct_sheet_hbond.range_1_auth_asym_id 
_pdbx_struct_sheet_hbond.range_1_auth_seq_id 
_pdbx_struct_sheet_hbond.range_2_label_atom_id 
_pdbx_struct_sheet_hbond.range_2_label_comp_id 
_pdbx_struct_sheet_hbond.range_2_label_asym_id 
_pdbx_struct_sheet_hbond.range_2_label_seq_id 
_pdbx_struct_sheet_hbond.range_2_PDB_ins_code 
_pdbx_struct_sheet_hbond.range_2_auth_atom_id 
_pdbx_struct_sheet_hbond.range_2_auth_comp_id 
_pdbx_struct_sheet_hbond.range_2_auth_asym_id 
_pdbx_struct_sheet_hbond.range_2_auth_seq_id 
A 1 2 N TYR A 45  ? N TYR A 45  O ALA A 48 ? O ALA A 48 
B 1 2 O THR A 59  ? O THR A 59  N VAL A 67 ? N VAL A 67 
B 2 3 N VAL A 68  ? N VAL A 68  O LEU A 99 ? O LEU A 99 
B 3 4 O TYR A 100 ? O TYR A 100 N SER A 93 ? N SER A 93 
# 
loop_
_pdbx_validate_torsion.id 
_pdbx_validate_torsion.PDB_model_num 
_pdbx_validate_torsion.auth_comp_id 
_pdbx_validate_torsion.auth_asym_id 
_pdbx_validate_torsion.auth_seq_id 
_pdbx_validate_torsion.PDB_ins_code 
_pdbx_validate_torsion.label_alt_id 
_pdbx_validate_torsion.phi 
_pdbx_validate_torsion.psi 
1  1 THR A 30  ? ? -70.88  -137.26 
2  1 ARG A 32  ? ? 68.07   -2.04   
3  1 LEU A 41  ? ? -53.90  106.71  
4  1 HIS A 49  ? ? -108.14 76.97   
5  1 PRO A 61  ? ? -48.67  -81.89  
6  1 PRO A 63  ? ? -56.41  -4.25   
7  1 ALA A 82  ? ? -132.53 -32.10  
8  1 ARG A 84  ? ? -71.44  -119.61 
9  1 ASP A 85  ? ? 36.83   31.22   
10 1 GLU A 108 ? ? -66.76  11.00   
# 
loop_
_chem_comp_atom.comp_id 
_chem_comp_atom.atom_id 
_chem_comp_atom.type_symbol 
_chem_comp_atom.pdbx_aromatic_flag 
_chem_comp_atom.pdbx_stereo_config 
_chem_comp_atom.pdbx_ordinal 
ALA N    N N N 1   
ALA CA   C N S 2   
ALA C    C N N 3   
ALA O    O N N 4   
ALA CB   C N N 5   
ALA OXT  O N N 6   
ALA H    H N N 7   
ALA H2   H N N 8   
ALA HA   H N N 9   
ALA HB1  H N N 10  
ALA HB2  H N N 11  
ALA HB3  H N N 12  
ALA HXT  H N N 13  
ARG N    N N N 14  
ARG CA   C N S 15  
ARG C    C N N 16  
ARG O    O N N 17  
ARG CB   C N N 18  
ARG CG   C N N 19  
ARG CD   C N N 20  
ARG NE   N N N 21  
ARG CZ   C N N 22  
ARG NH1  N N N 23  
ARG NH2  N N N 24  
ARG OXT  O N N 25  
ARG H    H N N 26  
ARG H2   H N N 27  
ARG HA   H N N 28  
ARG HB2  H N N 29  
ARG HB3  H N N 30  
ARG HG2  H N N 31  
ARG HG3  H N N 32  
ARG HD2  H N N 33  
ARG HD3  H N N 34  
ARG HE   H N N 35  
ARG HH11 H N N 36  
ARG HH12 H N N 37  
ARG HH21 H N N 38  
ARG HH22 H N N 39  
ARG HXT  H N N 40  
ASN N    N N N 41  
ASN CA   C N S 42  
ASN C    C N N 43  
ASN O    O N N 44  
ASN CB   C N N 45  
ASN CG   C N N 46  
ASN OD1  O N N 47  
ASN ND2  N N N 48  
ASN OXT  O N N 49  
ASN H    H N N 50  
ASN H2   H N N 51  
ASN HA   H N N 52  
ASN HB2  H N N 53  
ASN HB3  H N N 54  
ASN HD21 H N N 55  
ASN HD22 H N N 56  
ASN HXT  H N N 57  
ASP N    N N N 58  
ASP CA   C N S 59  
ASP C    C N N 60  
ASP O    O N N 61  
ASP CB   C N N 62  
ASP CG   C N N 63  
ASP OD1  O N N 64  
ASP OD2  O N N 65  
ASP OXT  O N N 66  
ASP H    H N N 67  
ASP H2   H N N 68  
ASP HA   H N N 69  
ASP HB2  H N N 70  
ASP HB3  H N N 71  
ASP HD2  H N N 72  
ASP HXT  H N N 73  
GLN N    N N N 74  
GLN CA   C N S 75  
GLN C    C N N 76  
GLN O    O N N 77  
GLN CB   C N N 78  
GLN CG   C N N 79  
GLN CD   C N N 80  
GLN OE1  O N N 81  
GLN NE2  N N N 82  
GLN OXT  O N N 83  
GLN H    H N N 84  
GLN H2   H N N 85  
GLN HA   H N N 86  
GLN HB2  H N N 87  
GLN HB3  H N N 88  
GLN HG2  H N N 89  
GLN HG3  H N N 90  
GLN HE21 H N N 91  
GLN HE22 H N N 92  
GLN HXT  H N N 93  
GLU N    N N N 94  
GLU CA   C N S 95  
GLU C    C N N 96  
GLU O    O N N 97  
GLU CB   C N N 98  
GLU CG   C N N 99  
GLU CD   C N N 100 
GLU OE1  O N N 101 
GLU OE2  O N N 102 
GLU OXT  O N N 103 
GLU H    H N N 104 
GLU H2   H N N 105 
GLU HA   H N N 106 
GLU HB2  H N N 107 
GLU HB3  H N N 108 
GLU HG2  H N N 109 
GLU HG3  H N N 110 
GLU HE2  H N N 111 
GLU HXT  H N N 112 
GLY N    N N N 113 
GLY CA   C N N 114 
GLY C    C N N 115 
GLY O    O N N 116 
GLY OXT  O N N 117 
GLY H    H N N 118 
GLY H2   H N N 119 
GLY HA2  H N N 120 
GLY HA3  H N N 121 
GLY HXT  H N N 122 
HIS N    N N N 123 
HIS CA   C N S 124 
HIS C    C N N 125 
HIS O    O N N 126 
HIS CB   C N N 127 
HIS CG   C Y N 128 
HIS ND1  N Y N 129 
HIS CD2  C Y N 130 
HIS CE1  C Y N 131 
HIS NE2  N Y N 132 
HIS OXT  O N N 133 
HIS H    H N N 134 
HIS H2   H N N 135 
HIS HA   H N N 136 
HIS HB2  H N N 137 
HIS HB3  H N N 138 
HIS HD1  H N N 139 
HIS HD2  H N N 140 
HIS HE1  H N N 141 
HIS HE2  H N N 142 
HIS HXT  H N N 143 
HOH O    O N N 144 
HOH H1   H N N 145 
HOH H2   H N N 146 
ILE N    N N N 147 
ILE CA   C N S 148 
ILE C    C N N 149 
ILE O    O N N 150 
ILE CB   C N S 151 
ILE CG1  C N N 152 
ILE CG2  C N N 153 
ILE CD1  C N N 154 
ILE OXT  O N N 155 
ILE H    H N N 156 
ILE H2   H N N 157 
ILE HA   H N N 158 
ILE HB   H N N 159 
ILE HG12 H N N 160 
ILE HG13 H N N 161 
ILE HG21 H N N 162 
ILE HG22 H N N 163 
ILE HG23 H N N 164 
ILE HD11 H N N 165 
ILE HD12 H N N 166 
ILE HD13 H N N 167 
ILE HXT  H N N 168 
LEU N    N N N 169 
LEU CA   C N S 170 
LEU C    C N N 171 
LEU O    O N N 172 
LEU CB   C N N 173 
LEU CG   C N N 174 
LEU CD1  C N N 175 
LEU CD2  C N N 176 
LEU OXT  O N N 177 
LEU H    H N N 178 
LEU H2   H N N 179 
LEU HA   H N N 180 
LEU HB2  H N N 181 
LEU HB3  H N N 182 
LEU HG   H N N 183 
LEU HD11 H N N 184 
LEU HD12 H N N 185 
LEU HD13 H N N 186 
LEU HD21 H N N 187 
LEU HD22 H N N 188 
LEU HD23 H N N 189 
LEU HXT  H N N 190 
LYS N    N N N 191 
LYS CA   C N S 192 
LYS C    C N N 193 
LYS O    O N N 194 
LYS CB   C N N 195 
LYS CG   C N N 196 
LYS CD   C N N 197 
LYS CE   C N N 198 
LYS NZ   N N N 199 
LYS OXT  O N N 200 
LYS H    H N N 201 
LYS H2   H N N 202 
LYS HA   H N N 203 
LYS HB2  H N N 204 
LYS HB3  H N N 205 
LYS HG2  H N N 206 
LYS HG3  H N N 207 
LYS HD2  H N N 208 
LYS HD3  H N N 209 
LYS HE2  H N N 210 
LYS HE3  H N N 211 
LYS HZ1  H N N 212 
LYS HZ2  H N N 213 
LYS HZ3  H N N 214 
LYS HXT  H N N 215 
MET N    N N N 216 
MET CA   C N S 217 
MET C    C N N 218 
MET O    O N N 219 
MET CB   C N N 220 
MET CG   C N N 221 
MET SD   S N N 222 
MET CE   C N N 223 
MET OXT  O N N 224 
MET H    H N N 225 
MET H2   H N N 226 
MET HA   H N N 227 
MET HB2  H N N 228 
MET HB3  H N N 229 
MET HG2  H N N 230 
MET HG3  H N N 231 
MET HE1  H N N 232 
MET HE2  H N N 233 
MET HE3  H N N 234 
MET HXT  H N N 235 
PHE N    N N N 236 
PHE CA   C N S 237 
PHE C    C N N 238 
PHE O    O N N 239 
PHE CB   C N N 240 
PHE CG   C Y N 241 
PHE CD1  C Y N 242 
PHE CD2  C Y N 243 
PHE CE1  C Y N 244 
PHE CE2  C Y N 245 
PHE CZ   C Y N 246 
PHE OXT  O N N 247 
PHE H    H N N 248 
PHE H2   H N N 249 
PHE HA   H N N 250 
PHE HB2  H N N 251 
PHE HB3  H N N 252 
PHE HD1  H N N 253 
PHE HD2  H N N 254 
PHE HE1  H N N 255 
PHE HE2  H N N 256 
PHE HZ   H N N 257 
PHE HXT  H N N 258 
PRO N    N N N 259 
PRO CA   C N S 260 
PRO C    C N N 261 
PRO O    O N N 262 
PRO CB   C N N 263 
PRO CG   C N N 264 
PRO CD   C N N 265 
PRO OXT  O N N 266 
PRO H    H N N 267 
PRO HA   H N N 268 
PRO HB2  H N N 269 
PRO HB3  H N N 270 
PRO HG2  H N N 271 
PRO HG3  H N N 272 
PRO HD2  H N N 273 
PRO HD3  H N N 274 
PRO HXT  H N N 275 
SER N    N N N 276 
SER CA   C N S 277 
SER C    C N N 278 
SER O    O N N 279 
SER CB   C N N 280 
SER OG   O N N 281 
SER OXT  O N N 282 
SER H    H N N 283 
SER H2   H N N 284 
SER HA   H N N 285 
SER HB2  H N N 286 
SER HB3  H N N 287 
SER HG   H N N 288 
SER HXT  H N N 289 
THR N    N N N 290 
THR CA   C N S 291 
THR C    C N N 292 
THR O    O N N 293 
THR CB   C N R 294 
THR OG1  O N N 295 
THR CG2  C N N 296 
THR OXT  O N N 297 
THR H    H N N 298 
THR H2   H N N 299 
THR HA   H N N 300 
THR HB   H N N 301 
THR HG1  H N N 302 
THR HG21 H N N 303 
THR HG22 H N N 304 
THR HG23 H N N 305 
THR HXT  H N N 306 
TRP N    N N N 307 
TRP CA   C N S 308 
TRP C    C N N 309 
TRP O    O N N 310 
TRP CB   C N N 311 
TRP CG   C Y N 312 
TRP CD1  C Y N 313 
TRP CD2  C Y N 314 
TRP NE1  N Y N 315 
TRP CE2  C Y N 316 
TRP CE3  C Y N 317 
TRP CZ2  C Y N 318 
TRP CZ3  C Y N 319 
TRP CH2  C Y N 320 
TRP OXT  O N N 321 
TRP H    H N N 322 
TRP H2   H N N 323 
TRP HA   H N N 324 
TRP HB2  H N N 325 
TRP HB3  H N N 326 
TRP HD1  H N N 327 
TRP HE1  H N N 328 
TRP HE3  H N N 329 
TRP HZ2  H N N 330 
TRP HZ3  H N N 331 
TRP HH2  H N N 332 
TRP HXT  H N N 333 
TYR N    N N N 334 
TYR CA   C N S 335 
TYR C    C N N 336 
TYR O    O N N 337 
TYR CB   C N N 338 
TYR CG   C Y N 339 
TYR CD1  C Y N 340 
TYR CD2  C Y N 341 
TYR CE1  C Y N 342 
TYR CE2  C Y N 343 
TYR CZ   C Y N 344 
TYR OH   O N N 345 
TYR OXT  O N N 346 
TYR H    H N N 347 
TYR H2   H N N 348 
TYR HA   H N N 349 
TYR HB2  H N N 350 
TYR HB3  H N N 351 
TYR HD1  H N N 352 
TYR HD2  H N N 353 
TYR HE1  H N N 354 
TYR HE2  H N N 355 
TYR HH   H N N 356 
TYR HXT  H N N 357 
VAL N    N N N 358 
VAL CA   C N S 359 
VAL C    C N N 360 
VAL O    O N N 361 
VAL CB   C N N 362 
VAL CG1  C N N 363 
VAL CG2  C N N 364 
VAL OXT  O N N 365 
VAL H    H N N 366 
VAL H2   H N N 367 
VAL HA   H N N 368 
VAL HB   H N N 369 
VAL HG11 H N N 370 
VAL HG12 H N N 371 
VAL HG13 H N N 372 
VAL HG21 H N N 373 
VAL HG22 H N N 374 
VAL HG23 H N N 375 
VAL HXT  H N N 376 
# 
loop_
_chem_comp_bond.comp_id 
_chem_comp_bond.atom_id_1 
_chem_comp_bond.atom_id_2 
_chem_comp_bond.value_order 
_chem_comp_bond.pdbx_aromatic_flag 
_chem_comp_bond.pdbx_stereo_config 
_chem_comp_bond.pdbx_ordinal 
ALA N   CA   sing N N 1   
ALA N   H    sing N N 2   
ALA N   H2   sing N N 3   
ALA CA  C    sing N N 4   
ALA CA  CB   sing N N 5   
ALA CA  HA   sing N N 6   
ALA C   O    doub N N 7   
ALA C   OXT  sing N N 8   
ALA CB  HB1  sing N N 9   
ALA CB  HB2  sing N N 10  
ALA CB  HB3  sing N N 11  
ALA OXT HXT  sing N N 12  
ARG N   CA   sing N N 13  
ARG N   H    sing N N 14  
ARG N   H2   sing N N 15  
ARG CA  C    sing N N 16  
ARG CA  CB   sing N N 17  
ARG CA  HA   sing N N 18  
ARG C   O    doub N N 19  
ARG C   OXT  sing N N 20  
ARG CB  CG   sing N N 21  
ARG CB  HB2  sing N N 22  
ARG CB  HB3  sing N N 23  
ARG CG  CD   sing N N 24  
ARG CG  HG2  sing N N 25  
ARG CG  HG3  sing N N 26  
ARG CD  NE   sing N N 27  
ARG CD  HD2  sing N N 28  
ARG CD  HD3  sing N N 29  
ARG NE  CZ   sing N N 30  
ARG NE  HE   sing N N 31  
ARG CZ  NH1  sing N N 32  
ARG CZ  NH2  doub N N 33  
ARG NH1 HH11 sing N N 34  
ARG NH1 HH12 sing N N 35  
ARG NH2 HH21 sing N N 36  
ARG NH2 HH22 sing N N 37  
ARG OXT HXT  sing N N 38  
ASN N   CA   sing N N 39  
ASN N   H    sing N N 40  
ASN N   H2   sing N N 41  
ASN CA  C    sing N N 42  
ASN CA  CB   sing N N 43  
ASN CA  HA   sing N N 44  
ASN C   O    doub N N 45  
ASN C   OXT  sing N N 46  
ASN CB  CG   sing N N 47  
ASN CB  HB2  sing N N 48  
ASN CB  HB3  sing N N 49  
ASN CG  OD1  doub N N 50  
ASN CG  ND2  sing N N 51  
ASN ND2 HD21 sing N N 52  
ASN ND2 HD22 sing N N 53  
ASN OXT HXT  sing N N 54  
ASP N   CA   sing N N 55  
ASP N   H    sing N N 56  
ASP N   H2   sing N N 57  
ASP CA  C    sing N N 58  
ASP CA  CB   sing N N 59  
ASP CA  HA   sing N N 60  
ASP C   O    doub N N 61  
ASP C   OXT  sing N N 62  
ASP CB  CG   sing N N 63  
ASP CB  HB2  sing N N 64  
ASP CB  HB3  sing N N 65  
ASP CG  OD1  doub N N 66  
ASP CG  OD2  sing N N 67  
ASP OD2 HD2  sing N N 68  
ASP OXT HXT  sing N N 69  
GLN N   CA   sing N N 70  
GLN N   H    sing N N 71  
GLN N   H2   sing N N 72  
GLN CA  C    sing N N 73  
GLN CA  CB   sing N N 74  
GLN CA  HA   sing N N 75  
GLN C   O    doub N N 76  
GLN C   OXT  sing N N 77  
GLN CB  CG   sing N N 78  
GLN CB  HB2  sing N N 79  
GLN CB  HB3  sing N N 80  
GLN CG  CD   sing N N 81  
GLN CG  HG2  sing N N 82  
GLN CG  HG3  sing N N 83  
GLN CD  OE1  doub N N 84  
GLN CD  NE2  sing N N 85  
GLN NE2 HE21 sing N N 86  
GLN NE2 HE22 sing N N 87  
GLN OXT HXT  sing N N 88  
GLU N   CA   sing N N 89  
GLU N   H    sing N N 90  
GLU N   H2   sing N N 91  
GLU CA  C    sing N N 92  
GLU CA  CB   sing N N 93  
GLU CA  HA   sing N N 94  
GLU C   O    doub N N 95  
GLU C   OXT  sing N N 96  
GLU CB  CG   sing N N 97  
GLU CB  HB2  sing N N 98  
GLU CB  HB3  sing N N 99  
GLU CG  CD   sing N N 100 
GLU CG  HG2  sing N N 101 
GLU CG  HG3  sing N N 102 
GLU CD  OE1  doub N N 103 
GLU CD  OE2  sing N N 104 
GLU OE2 HE2  sing N N 105 
GLU OXT HXT  sing N N 106 
GLY N   CA   sing N N 107 
GLY N   H    sing N N 108 
GLY N   H2   sing N N 109 
GLY CA  C    sing N N 110 
GLY CA  HA2  sing N N 111 
GLY CA  HA3  sing N N 112 
GLY C   O    doub N N 113 
GLY C   OXT  sing N N 114 
GLY OXT HXT  sing N N 115 
HIS N   CA   sing N N 116 
HIS N   H    sing N N 117 
HIS N   H2   sing N N 118 
HIS CA  C    sing N N 119 
HIS CA  CB   sing N N 120 
HIS CA  HA   sing N N 121 
HIS C   O    doub N N 122 
HIS C   OXT  sing N N 123 
HIS CB  CG   sing N N 124 
HIS CB  HB2  sing N N 125 
HIS CB  HB3  sing N N 126 
HIS CG  ND1  sing Y N 127 
HIS CG  CD2  doub Y N 128 
HIS ND1 CE1  doub Y N 129 
HIS ND1 HD1  sing N N 130 
HIS CD2 NE2  sing Y N 131 
HIS CD2 HD2  sing N N 132 
HIS CE1 NE2  sing Y N 133 
HIS CE1 HE1  sing N N 134 
HIS NE2 HE2  sing N N 135 
HIS OXT HXT  sing N N 136 
HOH O   H1   sing N N 137 
HOH O   H2   sing N N 138 
ILE N   CA   sing N N 139 
ILE N   H    sing N N 140 
ILE N   H2   sing N N 141 
ILE CA  C    sing N N 142 
ILE CA  CB   sing N N 143 
ILE CA  HA   sing N N 144 
ILE C   O    doub N N 145 
ILE C   OXT  sing N N 146 
ILE CB  CG1  sing N N 147 
ILE CB  CG2  sing N N 148 
ILE CB  HB   sing N N 149 
ILE CG1 CD1  sing N N 150 
ILE CG1 HG12 sing N N 151 
ILE CG1 HG13 sing N N 152 
ILE CG2 HG21 sing N N 153 
ILE CG2 HG22 sing N N 154 
ILE CG2 HG23 sing N N 155 
ILE CD1 HD11 sing N N 156 
ILE CD1 HD12 sing N N 157 
ILE CD1 HD13 sing N N 158 
ILE OXT HXT  sing N N 159 
LEU N   CA   sing N N 160 
LEU N   H    sing N N 161 
LEU N   H2   sing N N 162 
LEU CA  C    sing N N 163 
LEU CA  CB   sing N N 164 
LEU CA  HA   sing N N 165 
LEU C   O    doub N N 166 
LEU C   OXT  sing N N 167 
LEU CB  CG   sing N N 168 
LEU CB  HB2  sing N N 169 
LEU CB  HB3  sing N N 170 
LEU CG  CD1  sing N N 171 
LEU CG  CD2  sing N N 172 
LEU CG  HG   sing N N 173 
LEU CD1 HD11 sing N N 174 
LEU CD1 HD12 sing N N 175 
LEU CD1 HD13 sing N N 176 
LEU CD2 HD21 sing N N 177 
LEU CD2 HD22 sing N N 178 
LEU CD2 HD23 sing N N 179 
LEU OXT HXT  sing N N 180 
LYS N   CA   sing N N 181 
LYS N   H    sing N N 182 
LYS N   H2   sing N N 183 
LYS CA  C    sing N N 184 
LYS CA  CB   sing N N 185 
LYS CA  HA   sing N N 186 
LYS C   O    doub N N 187 
LYS C   OXT  sing N N 188 
LYS CB  CG   sing N N 189 
LYS CB  HB2  sing N N 190 
LYS CB  HB3  sing N N 191 
LYS CG  CD   sing N N 192 
LYS CG  HG2  sing N N 193 
LYS CG  HG3  sing N N 194 
LYS CD  CE   sing N N 195 
LYS CD  HD2  sing N N 196 
LYS CD  HD3  sing N N 197 
LYS CE  NZ   sing N N 198 
LYS CE  HE2  sing N N 199 
LYS CE  HE3  sing N N 200 
LYS NZ  HZ1  sing N N 201 
LYS NZ  HZ2  sing N N 202 
LYS NZ  HZ3  sing N N 203 
LYS OXT HXT  sing N N 204 
MET N   CA   sing N N 205 
MET N   H    sing N N 206 
MET N   H2   sing N N 207 
MET CA  C    sing N N 208 
MET CA  CB   sing N N 209 
MET CA  HA   sing N N 210 
MET C   O    doub N N 211 
MET C   OXT  sing N N 212 
MET CB  CG   sing N N 213 
MET CB  HB2  sing N N 214 
MET CB  HB3  sing N N 215 
MET CG  SD   sing N N 216 
MET CG  HG2  sing N N 217 
MET CG  HG3  sing N N 218 
MET SD  CE   sing N N 219 
MET CE  HE1  sing N N 220 
MET CE  HE2  sing N N 221 
MET CE  HE3  sing N N 222 
MET OXT HXT  sing N N 223 
PHE N   CA   sing N N 224 
PHE N   H    sing N N 225 
PHE N   H2   sing N N 226 
PHE CA  C    sing N N 227 
PHE CA  CB   sing N N 228 
PHE CA  HA   sing N N 229 
PHE C   O    doub N N 230 
PHE C   OXT  sing N N 231 
PHE CB  CG   sing N N 232 
PHE CB  HB2  sing N N 233 
PHE CB  HB3  sing N N 234 
PHE CG  CD1  doub Y N 235 
PHE CG  CD2  sing Y N 236 
PHE CD1 CE1  sing Y N 237 
PHE CD1 HD1  sing N N 238 
PHE CD2 CE2  doub Y N 239 
PHE CD2 HD2  sing N N 240 
PHE CE1 CZ   doub Y N 241 
PHE CE1 HE1  sing N N 242 
PHE CE2 CZ   sing Y N 243 
PHE CE2 HE2  sing N N 244 
PHE CZ  HZ   sing N N 245 
PHE OXT HXT  sing N N 246 
PRO N   CA   sing N N 247 
PRO N   CD   sing N N 248 
PRO N   H    sing N N 249 
PRO CA  C    sing N N 250 
PRO CA  CB   sing N N 251 
PRO CA  HA   sing N N 252 
PRO C   O    doub N N 253 
PRO C   OXT  sing N N 254 
PRO CB  CG   sing N N 255 
PRO CB  HB2  sing N N 256 
PRO CB  HB3  sing N N 257 
PRO CG  CD   sing N N 258 
PRO CG  HG2  sing N N 259 
PRO CG  HG3  sing N N 260 
PRO CD  HD2  sing N N 261 
PRO CD  HD3  sing N N 262 
PRO OXT HXT  sing N N 263 
SER N   CA   sing N N 264 
SER N   H    sing N N 265 
SER N   H2   sing N N 266 
SER CA  C    sing N N 267 
SER CA  CB   sing N N 268 
SER CA  HA   sing N N 269 
SER C   O    doub N N 270 
SER C   OXT  sing N N 271 
SER CB  OG   sing N N 272 
SER CB  HB2  sing N N 273 
SER CB  HB3  sing N N 274 
SER OG  HG   sing N N 275 
SER OXT HXT  sing N N 276 
THR N   CA   sing N N 277 
THR N   H    sing N N 278 
THR N   H2   sing N N 279 
THR CA  C    sing N N 280 
THR CA  CB   sing N N 281 
THR CA  HA   sing N N 282 
THR C   O    doub N N 283 
THR C   OXT  sing N N 284 
THR CB  OG1  sing N N 285 
THR CB  CG2  sing N N 286 
THR CB  HB   sing N N 287 
THR OG1 HG1  sing N N 288 
THR CG2 HG21 sing N N 289 
THR CG2 HG22 sing N N 290 
THR CG2 HG23 sing N N 291 
THR OXT HXT  sing N N 292 
TRP N   CA   sing N N 293 
TRP N   H    sing N N 294 
TRP N   H2   sing N N 295 
TRP CA  C    sing N N 296 
TRP CA  CB   sing N N 297 
TRP CA  HA   sing N N 298 
TRP C   O    doub N N 299 
TRP C   OXT  sing N N 300 
TRP CB  CG   sing N N 301 
TRP CB  HB2  sing N N 302 
TRP CB  HB3  sing N N 303 
TRP CG  CD1  doub Y N 304 
TRP CG  CD2  sing Y N 305 
TRP CD1 NE1  sing Y N 306 
TRP CD1 HD1  sing N N 307 
TRP CD2 CE2  doub Y N 308 
TRP CD2 CE3  sing Y N 309 
TRP NE1 CE2  sing Y N 310 
TRP NE1 HE1  sing N N 311 
TRP CE2 CZ2  sing Y N 312 
TRP CE3 CZ3  doub Y N 313 
TRP CE3 HE3  sing N N 314 
TRP CZ2 CH2  doub Y N 315 
TRP CZ2 HZ2  sing N N 316 
TRP CZ3 CH2  sing Y N 317 
TRP CZ3 HZ3  sing N N 318 
TRP CH2 HH2  sing N N 319 
TRP OXT HXT  sing N N 320 
TYR N   CA   sing N N 321 
TYR N   H    sing N N 322 
TYR N   H2   sing N N 323 
TYR CA  C    sing N N 324 
TYR CA  CB   sing N N 325 
TYR CA  HA   sing N N 326 
TYR C   O    doub N N 327 
TYR C   OXT  sing N N 328 
TYR CB  CG   sing N N 329 
TYR CB  HB2  sing N N 330 
TYR CB  HB3  sing N N 331 
TYR CG  CD1  doub Y N 332 
TYR CG  CD2  sing Y N 333 
TYR CD1 CE1  sing Y N 334 
TYR CD1 HD1  sing N N 335 
TYR CD2 CE2  doub Y N 336 
TYR CD2 HD2  sing N N 337 
TYR CE1 CZ   doub Y N 338 
TYR CE1 HE1  sing N N 339 
TYR CE2 CZ   sing Y N 340 
TYR CE2 HE2  sing N N 341 
TYR CZ  OH   sing N N 342 
TYR OH  HH   sing N N 343 
TYR OXT HXT  sing N N 344 
VAL N   CA   sing N N 345 
VAL N   H    sing N N 346 
VAL N   H2   sing N N 347 
VAL CA  C    sing N N 348 
VAL CA  CB   sing N N 349 
VAL CA  HA   sing N N 350 
VAL C   O    doub N N 351 
VAL C   OXT  sing N N 352 
VAL CB  CG1  sing N N 353 
VAL CB  CG2  sing N N 354 
VAL CB  HB   sing N N 355 
VAL CG1 HG11 sing N N 356 
VAL CG1 HG12 sing N N 357 
VAL CG1 HG13 sing N N 358 
VAL CG2 HG21 sing N N 359 
VAL CG2 HG22 sing N N 360 
VAL CG2 HG23 sing N N 361 
VAL OXT HXT  sing N N 362 
# 
_atom_sites.entry_id                    1EH1 
_atom_sites.fract_transf_matrix[1][1]   -0.00347790 
_atom_sites.fract_transf_matrix[1][2]   -0.01336398 
_atom_sites.fract_transf_matrix[1][3]   -0.00837389 
_atom_sites.fract_transf_matrix[2][1]   -0.01509656 
_atom_sites.fract_transf_matrix[2][2]   -0.00263680 
_atom_sites.fract_transf_matrix[2][3]   -0.00509545 
_atom_sites.fract_transf_matrix[3][1]   0.00255934 
_atom_sites.fract_transf_matrix[3][2]   0.00604559 
_atom_sites.fract_transf_matrix[3][3]   -0.01071119 
_atom_sites.fract_transf_vector[1]      0.807195 
_atom_sites.fract_transf_vector[2]      0.658808 
_atom_sites.fract_transf_vector[3]      0.337260 
# 
loop_
_atom_type.symbol 
C 
N 
O 
S 
# 
loop_
_atom_site.group_PDB 
_atom_site.id 
_atom_site.type_symbol 
_atom_site.label_atom_id 
_atom_site.label_alt_id 
_atom_site.label_comp_id 
_atom_site.label_asym_id 
_atom_site.label_entity_id 
_atom_site.label_seq_id 
_atom_site.pdbx_PDB_ins_code 
_atom_site.Cartn_x 
_atom_site.Cartn_y 
_atom_site.Cartn_z 
_atom_site.occupancy 
_atom_site.B_iso_or_equiv 
_atom_site.pdbx_formal_charge 
_atom_site.auth_seq_id 
_atom_site.auth_comp_id 
_atom_site.auth_asym_id 
_atom_site.auth_atom_id 
_atom_site.pdbx_PDB_model_num 
ATOM   1    N N   . MET A 1 1   ? 23.167  1.465   -20.518 1.00 66.51  ? 1   MET A N   1 
ATOM   2    C CA  . MET A 1 1   ? 23.096  2.816   -19.883 1.00 66.40  ? 1   MET A CA  1 
ATOM   3    C C   . MET A 1 1   ? 22.885  3.923   -20.924 1.00 63.94  ? 1   MET A C   1 
ATOM   4    O O   . MET A 1 1   ? 23.786  4.712   -21.207 1.00 62.90  ? 1   MET A O   1 
ATOM   5    C CB  . MET A 1 1   ? 24.381  3.089   -19.097 1.00 68.97  ? 1   MET A CB  1 
ATOM   6    C CG  . MET A 1 1   ? 24.783  1.962   -18.157 1.00 71.47  ? 1   MET A CG  1 
ATOM   7    S SD  . MET A 1 1   ? 26.431  2.207   -17.473 1.00 73.43  ? 1   MET A SD  1 
ATOM   8    C CE  . MET A 1 1   ? 26.035  2.886   -15.841 1.00 70.77  ? 1   MET A CE  1 
ATOM   9    N N   . THR A 1 2   ? 21.688  3.957   -21.502 1.00 61.07  ? 2   THR A N   1 
ATOM   10   C CA  . THR A 1 2   ? 21.339  4.964   -22.497 1.00 58.22  ? 2   THR A CA  1 
ATOM   11   C C   . THR A 1 2   ? 20.182  5.781   -21.958 1.00 55.26  ? 2   THR A C   1 
ATOM   12   O O   . THR A 1 2   ? 19.673  5.497   -20.878 1.00 55.93  ? 2   THR A O   1 
ATOM   13   C CB  . THR A 1 2   ? 20.903  4.319   -23.821 1.00 59.18  ? 2   THR A CB  1 
ATOM   14   O OG1 . THR A 1 2   ? 19.858  3.372   -23.567 1.00 59.62  ? 2   THR A OG1 1 
ATOM   15   C CG2 . THR A 1 2   ? 22.073  3.623   -24.491 1.00 61.13  ? 2   THR A CG2 1 
ATOM   16   N N   . LEU A 1 3   ? 19.772  6.799   -22.704 1.00 52.03  ? 3   LEU A N   1 
ATOM   17   C CA  . LEU A 1 3   ? 18.655  7.632   -22.286 1.00 50.03  ? 3   LEU A CA  1 
ATOM   18   C C   . LEU A 1 3   ? 17.434  6.754   -22.059 1.00 49.34  ? 3   LEU A C   1 
ATOM   19   O O   . LEU A 1 3   ? 16.776  6.827   -21.020 1.00 49.47  ? 3   LEU A O   1 
ATOM   20   C CB  . LEU A 1 3   ? 18.346  8.673   -23.356 1.00 47.89  ? 3   LEU A CB  1 
ATOM   21   C CG  . LEU A 1 3   ? 18.871  10.077  -23.069 1.00 47.72  ? 3   LEU A CG  1 
ATOM   22   C CD1 . LEU A 1 3   ? 20.328  10.024  -22.617 1.00 45.33  ? 3   LEU A CD1 1 
ATOM   23   C CD2 . LEU A 1 3   ? 18.694  10.927  -24.322 1.00 46.19  ? 3   LEU A CD2 1 
ATOM   24   N N   . LYS A 1 4   ? 17.151  5.914   -23.043 1.00 48.14  ? 4   LYS A N   1 
ATOM   25   C CA  . LYS A 1 4   ? 16.027  4.999   -22.985 1.00 48.70  ? 4   LYS A CA  1 
ATOM   26   C C   . LYS A 1 4   ? 16.081  4.117   -21.734 1.00 47.81  ? 4   LYS A C   1 
ATOM   27   O O   . LYS A 1 4   ? 15.058  3.844   -21.106 1.00 47.97  ? 4   LYS A O   1 
ATOM   28   C CB  . LYS A 1 4   ? 16.024  4.126   -24.244 1.00 51.69  ? 4   LYS A CB  1 
ATOM   29   C CG  . LYS A 1 4   ? 14.741  3.350   -24.490 1.00 56.53  ? 4   LYS A CG  1 
ATOM   30   C CD  . LYS A 1 4   ? 14.774  2.723   -25.873 1.00 61.14  ? 4   LYS A CD  1 
ATOM   31   C CE  . LYS A 1 4   ? 13.457  2.058   -26.211 1.00 64.07  ? 4   LYS A CE  1 
ATOM   32   N NZ  . LYS A 1 4   ? 12.322  3.028   -26.178 1.00 67.45  ? 4   LYS A NZ  1 
ATOM   33   N N   . GLU A 1 5   ? 17.276  3.674   -21.365 1.00 46.65  ? 5   GLU A N   1 
ATOM   34   C CA  . GLU A 1 5   ? 17.414  2.821   -20.190 1.00 45.11  ? 5   GLU A CA  1 
ATOM   35   C C   . GLU A 1 5   ? 17.311  3.645   -18.919 1.00 40.88  ? 5   GLU A C   1 
ATOM   36   O O   . GLU A 1 5   ? 16.893  3.155   -17.882 1.00 39.19  ? 5   GLU A O   1 
ATOM   37   C CB  . GLU A 1 5   ? 18.738  2.060   -20.253 1.00 49.57  ? 5   GLU A CB  1 
ATOM   38   C CG  . GLU A 1 5   ? 18.916  1.333   -21.580 1.00 55.34  ? 5   GLU A CG  1 
ATOM   39   C CD  . GLU A 1 5   ? 20.141  0.447   -21.622 1.00 58.94  ? 5   GLU A CD  1 
ATOM   40   O OE1 . GLU A 1 5   ? 20.512  0.022   -22.738 1.00 61.14  ? 5   GLU A OE1 1 
ATOM   41   O OE2 . GLU A 1 5   ? 20.720  0.171   -20.548 1.00 61.78  ? 5   GLU A OE2 1 
ATOM   42   N N   . LEU A 1 6   ? 17.684  4.914   -19.029 1.00 38.36  ? 6   LEU A N   1 
ATOM   43   C CA  . LEU A 1 6   ? 17.610  5.848   -17.919 1.00 36.06  ? 6   LEU A CA  1 
ATOM   44   C C   . LEU A 1 6   ? 16.122  6.022   -17.592 1.00 36.19  ? 6   LEU A C   1 
ATOM   45   O O   . LEU A 1 6   ? 15.704  5.993   -16.434 1.00 37.51  ? 6   LEU A O   1 
ATOM   46   C CB  . LEU A 1 6   ? 18.190  7.196   -18.344 1.00 33.70  ? 6   LEU A CB  1 
ATOM   47   C CG  . LEU A 1 6   ? 19.047  7.980   -17.355 1.00 31.83  ? 6   LEU A CG  1 
ATOM   48   C CD1 . LEU A 1 6   ? 18.965  9.452   -17.716 1.00 29.08  ? 6   LEU A CD1 1 
ATOM   49   C CD2 . LEU A 1 6   ? 18.579  7.757   -15.937 1.00 34.02  ? 6   LEU A CD2 1 
ATOM   50   N N   . TYR A 1 7   ? 15.324  6.202   -18.634 1.00 33.46  ? 7   TYR A N   1 
ATOM   51   C CA  . TYR A 1 7   ? 13.898  6.368   -18.450 1.00 32.91  ? 7   TYR A CA  1 
ATOM   52   C C   . TYR A 1 7   ? 13.295  5.126   -17.800 1.00 33.17  ? 7   TYR A C   1 
ATOM   53   O O   . TYR A 1 7   ? 12.635  5.207   -16.767 1.00 33.26  ? 7   TYR A O   1 
ATOM   54   C CB  . TYR A 1 7   ? 13.229  6.653   -19.799 1.00 29.71  ? 7   TYR A CB  1 
ATOM   55   C CG  . TYR A 1 7   ? 13.814  7.849   -20.529 1.00 29.84  ? 7   TYR A CG  1 
ATOM   56   C CD1 . TYR A 1 7   ? 14.430  8.886   -19.823 1.00 28.33  ? 7   TYR A CD1 1 
ATOM   57   C CD2 . TYR A 1 7   ? 13.703  7.974   -21.918 1.00 28.74  ? 7   TYR A CD2 1 
ATOM   58   C CE1 . TYR A 1 7   ? 14.917  10.018  -20.473 1.00 27.97  ? 7   TYR A CE1 1 
ATOM   59   C CE2 . TYR A 1 7   ? 14.191  9.112   -22.584 1.00 26.74  ? 7   TYR A CE2 1 
ATOM   60   C CZ  . TYR A 1 7   ? 14.796  10.125  -21.855 1.00 28.68  ? 7   TYR A CZ  1 
ATOM   61   O OH  . TYR A 1 7   ? 15.293  11.238  -22.514 1.00 30.22  ? 7   TYR A OH  1 
ATOM   62   N N   . ALA A 1 8   ? 13.552  3.976   -18.405 1.00 34.58  ? 8   ALA A N   1 
ATOM   63   C CA  . ALA A 1 8   ? 13.042  2.701   -17.921 1.00 34.40  ? 8   ALA A CA  1 
ATOM   64   C C   . ALA A 1 8   ? 13.393  2.494   -16.465 1.00 35.03  ? 8   ALA A C   1 
ATOM   65   O O   . ALA A 1 8   ? 12.574  2.044   -15.660 1.00 34.57  ? 8   ALA A O   1 
ATOM   66   C CB  . ALA A 1 8   ? 13.620  1.562   -18.763 1.00 31.08  ? 8   ALA A CB  1 
ATOM   67   N N   . GLU A 1 9   ? 14.631  2.828   -16.132 1.00 37.16  ? 9   GLU A N   1 
ATOM   68   C CA  . GLU A 1 9   ? 15.112  2.670   -14.767 1.00 37.39  ? 9   GLU A CA  1 
ATOM   69   C C   . GLU A 1 9   ? 14.403  3.623   -13.815 1.00 36.31  ? 9   GLU A C   1 
ATOM   70   O O   . GLU A 1 9   ? 14.003  3.242   -12.709 1.00 34.73  ? 9   GLU A O   1 
ATOM   71   C CB  . GLU A 1 9   ? 16.616  2.911   -14.723 1.00 38.45  ? 9   GLU A CB  1 
ATOM   72   C CG  . GLU A 1 9   ? 17.186  2.845   -13.329 1.00 45.34  ? 9   GLU A CG  1 
ATOM   73   C CD  . GLU A 1 9   ? 18.674  3.073   -13.323 1.00 47.52  ? 9   GLU A CD  1 
ATOM   74   O OE1 . GLU A 1 9   ? 19.406  2.187   -13.830 1.00 49.34  ? 9   GLU A OE1 1 
ATOM   75   O OE2 . GLU A 1 9   ? 19.096  4.143   -12.825 1.00 46.09  ? 9   GLU A OE2 1 
ATOM   76   N N   . THR A 1 10  ? 14.255  4.870   -14.258 1.00 34.59  ? 10  THR A N   1 
ATOM   77   C CA  . THR A 1 10  ? 13.577  5.886   -13.466 1.00 32.76  ? 10  THR A CA  1 
ATOM   78   C C   . THR A 1 10  ? 12.132  5.453   -13.200 1.00 33.05  ? 10  THR A C   1 
ATOM   79   O O   . THR A 1 10  ? 11.659  5.497   -12.063 1.00 32.96  ? 10  THR A O   1 
ATOM   80   C CB  . THR A 1 10  ? 13.573  7.238   -14.202 1.00 32.27  ? 10  THR A CB  1 
ATOM   81   O OG1 . THR A 1 10  ? 14.924  7.656   -14.436 1.00 33.11  ? 10  THR A OG1 1 
ATOM   82   C CG2 . THR A 1 10  ? 12.847  8.289   -13.387 1.00 30.93  ? 10  THR A CG2 1 
ATOM   83   N N   . ARG A 1 11  ? 11.439  5.018   -14.254 1.00 33.10  ? 11  ARG A N   1 
ATOM   84   C CA  . ARG A 1 11  ? 10.051  4.576   -14.127 1.00 33.47  ? 11  ARG A CA  1 
ATOM   85   C C   . ARG A 1 11  ? 9.955   3.371   -13.215 1.00 33.43  ? 11  ARG A C   1 
ATOM   86   O O   . ARG A 1 11  ? 8.984   3.209   -12.488 1.00 34.56  ? 11  ARG A O   1 
ATOM   87   C CB  . ARG A 1 11  ? 9.478   4.188   -15.485 1.00 34.37  ? 11  ARG A CB  1 
ATOM   88   C CG  . ARG A 1 11  ? 8.004   3.794   -15.428 1.00 37.77  ? 11  ARG A CG  1 
ATOM   89   C CD  . ARG A 1 11  ? 7.652   2.724   -16.465 1.00 39.59  ? 11  ARG A CD  1 
ATOM   90   N NE  . ARG A 1 11  ? 8.210   1.419   -16.102 1.00 37.78  ? 11  ARG A NE  1 
ATOM   91   C CZ  . ARG A 1 11  ? 7.808   0.706   -15.054 1.00 39.86  ? 11  ARG A CZ  1 
ATOM   92   N NH1 . ARG A 1 11  ? 6.832   1.164   -14.274 1.00 40.67  ? 11  ARG A NH1 1 
ATOM   93   N NH2 . ARG A 1 11  ? 8.410   -0.439  -14.753 1.00 40.99  ? 11  ARG A NH2 1 
ATOM   94   N N   . SER A 1 12  ? 10.974  2.521   -13.276 1.00 34.24  ? 12  SER A N   1 
ATOM   95   C CA  . SER A 1 12  ? 11.034  1.304   -12.467 1.00 34.41  ? 12  SER A CA  1 
ATOM   96   C C   . SER A 1 12  ? 11.145  1.622   -10.982 1.00 34.71  ? 12  SER A C   1 
ATOM   97   O O   . SER A 1 12  ? 10.345  1.149   -10.160 1.00 33.16  ? 12  SER A O   1 
ATOM   98   C CB  . SER A 1 12  ? 12.238  0.459   -12.892 1.00 34.86  ? 12  SER A CB  1 
ATOM   99   O OG  . SER A 1 12  ? 12.338  -0.694  -12.084 1.00 36.41  ? 12  SER A OG  1 
ATOM   100  N N   . HIS A 1 13  ? 12.156  2.420   -10.642 1.00 34.53  ? 13  HIS A N   1 
ATOM   101  C CA  . HIS A 1 13  ? 12.360  2.809   -9.255  1.00 32.26  ? 13  HIS A CA  1 
ATOM   102  C C   . HIS A 1 13  ? 11.104  3.478   -8.688  1.00 30.06  ? 13  HIS A C   1 
ATOM   103  O O   . HIS A 1 13  ? 10.569  3.048   -7.665  1.00 29.97  ? 13  HIS A O   1 
ATOM   104  C CB  . HIS A 1 13  ? 13.567  3.750   -9.120  1.00 32.91  ? 13  HIS A CB  1 
ATOM   105  C CG  . HIS A 1 13  ? 14.877  3.106   -9.462  1.00 37.36  ? 13  HIS A CG  1 
ATOM   106  N ND1 . HIS A 1 13  ? 15.053  1.738   -9.454  1.00 37.01  ? 13  HIS A ND1 1 
ATOM   107  C CD2 . HIS A 1 13  ? 16.073  3.642   -9.805  1.00 36.70  ? 13  HIS A CD2 1 
ATOM   108  C CE1 . HIS A 1 13  ? 16.302  1.460   -9.782  1.00 35.61  ? 13  HIS A CE1 1 
ATOM   109  N NE2 . HIS A 1 13  ? 16.941  2.595   -9.999  1.00 37.61  ? 13  HIS A NE2 1 
ATOM   110  N N   . MET A 1 14  ? 10.627  4.525   -9.351  1.00 27.52  ? 14  MET A N   1 
ATOM   111  C CA  . MET A 1 14  ? 9.443   5.215   -8.861  1.00 27.48  ? 14  MET A CA  1 
ATOM   112  C C   . MET A 1 14  ? 8.288   4.253   -8.610  1.00 27.10  ? 14  MET A C   1 
ATOM   113  O O   . MET A 1 14  ? 7.569   4.373   -7.617  1.00 21.71  ? 14  MET A O   1 
ATOM   114  C CB  . MET A 1 14  ? 9.039   6.312   -9.843  1.00 27.90  ? 14  MET A CB  1 
ATOM   115  C CG  . MET A 1 14  ? 9.907   7.544   -9.709  1.00 29.19  ? 14  MET A CG  1 
ATOM   116  S SD  . MET A 1 14  ? 9.525   8.831   -10.880 1.00 29.93  ? 14  MET A SD  1 
ATOM   117  C CE  . MET A 1 14  ? 10.983  9.872   -10.691 1.00 26.84  ? 14  MET A CE  1 
ATOM   118  N N   . GLN A 1 15  ? 8.132   3.287   -9.511  1.00 28.09  ? 15  GLN A N   1 
ATOM   119  C CA  . GLN A 1 15  ? 7.089   2.278   -9.390  1.00 30.04  ? 15  GLN A CA  1 
ATOM   120  C C   . GLN A 1 15  ? 7.272   1.470   -8.099  1.00 31.01  ? 15  GLN A C   1 
ATOM   121  O O   . GLN A 1 15  ? 6.296   1.122   -7.442  1.00 31.06  ? 15  GLN A O   1 
ATOM   122  C CB  . GLN A 1 15  ? 7.111   1.344   -10.615 1.00 31.68  ? 15  GLN A CB  1 
ATOM   123  C CG  . GLN A 1 15  ? 6.078   0.219   -10.556 1.00 31.29  ? 15  GLN A CG  1 
ATOM   124  C CD  . GLN A 1 15  ? 4.656   0.732   -10.442 1.00 33.37  ? 15  GLN A CD  1 
ATOM   125  O OE1 . GLN A 1 15  ? 3.854   0.201   -9.675  1.00 36.96  ? 15  GLN A OE1 1 
ATOM   126  N NE2 . GLN A 1 15  ? 4.329   1.759   -11.219 1.00 34.86  ? 15  GLN A NE2 1 
ATOM   127  N N   . LYS A 1 16  ? 8.522   1.187   -7.733  1.00 32.57  ? 16  LYS A N   1 
ATOM   128  C CA  . LYS A 1 16  ? 8.819   0.430   -6.513  1.00 35.01  ? 16  LYS A CA  1 
ATOM   129  C C   . LYS A 1 16  ? 8.457   1.258   -5.288  1.00 36.59  ? 16  LYS A C   1 
ATOM   130  O O   . LYS A 1 16  ? 7.999   0.739   -4.264  1.00 38.39  ? 16  LYS A O   1 
ATOM   131  C CB  . LYS A 1 16  ? 10.311  0.060   -6.430  1.00 36.37  ? 16  LYS A CB  1 
ATOM   132  C CG  . LYS A 1 16  ? 10.683  -1.375  -6.806  1.00 40.65  ? 16  LYS A CG  1 
ATOM   133  C CD  . LYS A 1 16  ? 10.923  -1.555  -8.309  1.00 47.48  ? 16  LYS A CD  1 
ATOM   134  C CE  . LYS A 1 16  ? 9.621   -1.605  -9.139  1.00 53.59  ? 16  LYS A CE  1 
ATOM   135  N NZ  . LYS A 1 16  ? 9.852   -1.841  -10.614 1.00 54.35  ? 16  LYS A NZ  1 
ATOM   136  N N   . SER A 1 17  ? 8.676   2.557   -5.385  1.00 37.03  ? 17  SER A N   1 
ATOM   137  C CA  . SER A 1 17  ? 8.364   3.440   -4.271  1.00 35.66  ? 17  SER A CA  1 
ATOM   138  C C   . SER A 1 17  ? 6.857   3.545   -4.116  1.00 34.54  ? 17  SER A C   1 
ATOM   139  O O   . SER A 1 17  ? 6.334   3.569   -3.009  1.00 35.55  ? 17  SER A O   1 
ATOM   140  C CB  . SER A 1 17  ? 8.986   4.813   -4.512  1.00 32.87  ? 17  SER A CB  1 
ATOM   141  O OG  . SER A 1 17  ? 10.390  4.682   -4.553  1.00 35.61  ? 17  SER A OG  1 
ATOM   142  N N   . LEU A 1 18  ? 6.162   3.588   -5.241  1.00 33.79  ? 18  LEU A N   1 
ATOM   143  C CA  . LEU A 1 18  ? 4.717   3.675   -5.228  1.00 32.56  ? 18  LEU A CA  1 
ATOM   144  C C   . LEU A 1 18  ? 4.155   2.408   -4.573  1.00 32.41  ? 18  LEU A C   1 
ATOM   145  O O   . LEU A 1 18  ? 3.100   2.427   -3.935  1.00 29.57  ? 18  LEU A O   1 
ATOM   146  C CB  . LEU A 1 18  ? 4.202   3.809   -6.654  1.00 31.32  ? 18  LEU A CB  1 
ATOM   147  C CG  . LEU A 1 18  ? 2.724   4.185   -6.730  1.00 33.62  ? 18  LEU A CG  1 
ATOM   148  C CD1 . LEU A 1 18  ? 2.539   5.577   -6.131  1.00 34.38  ? 18  LEU A CD1 1 
ATOM   149  C CD2 . LEU A 1 18  ? 2.244   4.139   -8.178  1.00 31.18  ? 18  LEU A CD2 1 
ATOM   150  N N   . GLU A 1 19  ? 4.873   1.303   -4.728  1.00 33.36  ? 19  GLU A N   1 
ATOM   151  C CA  . GLU A 1 19  ? 4.434   0.050   -4.135  1.00 35.14  ? 19  GLU A CA  1 
ATOM   152  C C   . GLU A 1 19  ? 4.713   0.045   -2.636  1.00 35.52  ? 19  GLU A C   1 
ATOM   153  O O   . GLU A 1 19  ? 3.928   -0.474  -1.843  1.00 34.59  ? 19  GLU A O   1 
ATOM   154  C CB  . GLU A 1 19  ? 5.119   -1.123  -4.823  1.00 35.64  ? 19  GLU A CB  1 
ATOM   155  C CG  . GLU A 1 19  ? 4.648   -1.307  -6.244  1.00 42.23  ? 19  GLU A CG  1 
ATOM   156  C CD  . GLU A 1 19  ? 5.369   -2.421  -6.968  1.00 47.45  ? 19  GLU A CD  1 
ATOM   157  O OE1 . GLU A 1 19  ? 4.934   -2.762  -8.091  1.00 48.84  ? 19  GLU A OE1 1 
ATOM   158  O OE2 . GLU A 1 19  ? 6.368   -2.945  -6.417  1.00 49.26  ? 19  GLU A OE2 1 
ATOM   159  N N   . VAL A 1 20  ? 5.828   0.639   -2.239  1.00 36.82  ? 20  VAL A N   1 
ATOM   160  C CA  . VAL A 1 20  ? 6.136   0.706   -0.818  1.00 38.32  ? 20  VAL A CA  1 
ATOM   161  C C   . VAL A 1 20  ? 5.052   1.549   -0.158  1.00 40.01  ? 20  VAL A C   1 
ATOM   162  O O   . VAL A 1 20  ? 4.657   1.288   0.971   1.00 40.23  ? 20  VAL A O   1 
ATOM   163  C CB  . VAL A 1 20  ? 7.514   1.349   -0.573  1.00 38.63  ? 20  VAL A CB  1 
ATOM   164  C CG1 . VAL A 1 20  ? 7.640   1.780   0.881   1.00 36.05  ? 20  VAL A CG1 1 
ATOM   165  C CG2 . VAL A 1 20  ? 8.614   0.362   -0.945  1.00 37.33  ? 20  VAL A CG2 1 
ATOM   166  N N   . LEU A 1 21  ? 4.560   2.547   -0.889  1.00 40.45  ? 21  LEU A N   1 
ATOM   167  C CA  . LEU A 1 21  ? 3.510   3.420   -0.382  1.00 40.48  ? 21  LEU A CA  1 
ATOM   168  C C   . LEU A 1 21  ? 2.190   2.664   -0.268  1.00 42.94  ? 21  LEU A C   1 
ATOM   169  O O   . LEU A 1 21  ? 1.489   2.766   0.734   1.00 44.07  ? 21  LEU A O   1 
ATOM   170  C CB  . LEU A 1 21  ? 3.334   4.643   -1.297  1.00 35.99  ? 21  LEU A CB  1 
ATOM   171  C CG  . LEU A 1 21  ? 2.036   5.409   -1.017  1.00 34.85  ? 21  LEU A CG  1 
ATOM   172  C CD1 . LEU A 1 21  ? 2.056   6.000   0.394   1.00 33.63  ? 21  LEU A CD1 1 
ATOM   173  C CD2 . LEU A 1 21  ? 1.833   6.480   -2.068  1.00 35.66  ? 21  LEU A CD2 1 
ATOM   174  N N   . GLU A 1 22  ? 1.843   1.911   -1.305  1.00 45.38  ? 22  GLU A N   1 
ATOM   175  C CA  . GLU A 1 22  ? 0.609   1.134   -1.281  1.00 48.12  ? 22  GLU A CA  1 
ATOM   176  C C   . GLU A 1 22  ? 0.627   0.227   -0.055  1.00 49.06  ? 22  GLU A C   1 
ATOM   177  O O   . GLU A 1 22  ? -0.356  0.125   0.685   1.00 48.00  ? 22  GLU A O   1 
ATOM   178  C CB  . GLU A 1 22  ? 0.490   0.296   -2.557  1.00 47.49  ? 22  GLU A CB  1 
ATOM   179  C CG  . GLU A 1 22  ? 0.386   1.154   -3.806  1.00 51.69  ? 22  GLU A CG  1 
ATOM   180  C CD  . GLU A 1 22  ? 0.492   0.377   -5.103  1.00 52.79  ? 22  GLU A CD  1 
ATOM   181  O OE1 . GLU A 1 22  ? 0.526   1.030   -6.169  1.00 55.11  ? 22  GLU A OE1 1 
ATOM   182  O OE2 . GLU A 1 22  ? 0.543   -0.869  -5.063  1.00 53.79  ? 22  GLU A OE2 1 
ATOM   183  N N   . HIS A 1 23  ? 1.769   -0.414  0.164   1.00 49.83  ? 23  HIS A N   1 
ATOM   184  C CA  . HIS A 1 23  ? 1.931   -1.311  1.300   1.00 51.27  ? 23  HIS A CA  1 
ATOM   185  C C   . HIS A 1 23  ? 1.667   -0.563  2.608   1.00 50.79  ? 23  HIS A C   1 
ATOM   186  O O   . HIS A 1 23  ? 0.795   -0.941  3.391   1.00 51.12  ? 23  HIS A O   1 
ATOM   187  C CB  . HIS A 1 23  ? 3.349   -1.914  1.287   1.00 52.94  ? 23  HIS A CB  1 
ATOM   188  C CG  . HIS A 1 23  ? 3.625   -2.847  2.421   1.00 54.09  ? 23  HIS A CG  1 
ATOM   189  N ND1 . HIS A 1 23  ? 4.425   -2.500  3.490   1.00 56.46  ? 23  HIS A ND1 1 
ATOM   190  C CD2 . HIS A 1 23  ? 3.190   -4.107  2.664   1.00 56.07  ? 23  HIS A CD2 1 
ATOM   191  C CE1 . HIS A 1 23  ? 4.468   -3.507  4.343   1.00 56.58  ? 23  HIS A CE1 1 
ATOM   192  N NE2 . HIS A 1 23  ? 3.727   -4.495  3.869   1.00 56.44  ? 23  HIS A NE2 1 
ATOM   193  N N   . ASN A 1 24  ? 2.425   0.499   2.836   1.00 49.59  ? 24  ASN A N   1 
ATOM   194  C CA  . ASN A 1 24  ? 2.263   1.292   4.046   1.00 50.45  ? 24  ASN A CA  1 
ATOM   195  C C   . ASN A 1 24  ? 0.811   1.722   4.288   1.00 50.30  ? 24  ASN A C   1 
ATOM   196  O O   . ASN A 1 24  ? 0.376   1.881   5.426   1.00 50.32  ? 24  ASN A O   1 
ATOM   197  C CB  . ASN A 1 24  ? 3.149   2.536   3.979   1.00 50.51  ? 24  ASN A CB  1 
ATOM   198  C CG  . ASN A 1 24  ? 4.624   2.214   4.058   1.00 52.49  ? 24  ASN A CG  1 
ATOM   199  O OD1 . ASN A 1 24  ? 5.473   3.086   3.863   1.00 55.30  ? 24  ASN A OD1 1 
ATOM   200  N ND2 . ASN A 1 24  ? 4.940   0.959   4.350   1.00 55.38  ? 24  ASN A ND2 1 
ATOM   201  N N   . LEU A 1 25  ? 0.063   1.912   3.213   1.00 50.05  ? 25  LEU A N   1 
ATOM   202  C CA  . LEU A 1 25  ? -1.326  2.326   3.327   1.00 51.29  ? 25  LEU A CA  1 
ATOM   203  C C   . LEU A 1 25  ? -2.254  1.159   3.627   1.00 53.21  ? 25  LEU A C   1 
ATOM   204  O O   . LEU A 1 25  ? -3.098  1.237   4.516   1.00 53.26  ? 25  LEU A O   1 
ATOM   205  C CB  . LEU A 1 25  ? -1.776  3.023   2.039   1.00 49.63  ? 25  LEU A CB  1 
ATOM   206  C CG  . LEU A 1 25  ? -1.091  4.354   1.730   1.00 48.77  ? 25  LEU A CG  1 
ATOM   207  C CD1 . LEU A 1 25  ? -1.624  4.882   0.407   1.00 49.00  ? 25  LEU A CD1 1 
ATOM   208  C CD2 . LEU A 1 25  ? -1.340  5.362   2.861   1.00 46.20  ? 25  LEU A CD2 1 
ATOM   209  N N   . ALA A 1 26  ? -2.098  0.073   2.881   1.00 55.75  ? 26  ALA A N   1 
ATOM   210  C CA  . ALA A 1 26  ? -2.940  -1.094  3.087   1.00 56.72  ? 26  ALA A CA  1 
ATOM   211  C C   . ALA A 1 26  ? -2.770  -1.651  4.500   1.00 57.67  ? 26  ALA A C   1 
ATOM   212  O O   . ALA A 1 26  ? -3.592  -2.437  4.968   1.00 57.72  ? 26  ALA A O   1 
ATOM   213  C CB  . ALA A 1 26  ? -2.609  -2.168  2.051   1.00 56.96  ? 26  ALA A CB  1 
ATOM   214  N N   . GLY A 1 27  ? -1.704  -1.233  5.176   1.00 58.01  ? 27  GLY A N   1 
ATOM   215  C CA  . GLY A 1 27  ? -1.451  -1.702  6.526   1.00 58.60  ? 27  GLY A CA  1 
ATOM   216  C C   . GLY A 1 27  ? -2.093  -0.802  7.556   1.00 60.36  ? 27  GLY A C   1 
ATOM   217  O O   . GLY A 1 27  ? -1.724  -0.815  8.730   1.00 60.22  ? 27  GLY A O   1 
ATOM   218  N N   . LEU A 1 28  ? -3.060  -0.009  7.103   1.00 61.92  ? 28  LEU A N   1 
ATOM   219  C CA  . LEU A 1 28  ? -3.781  0.912   7.971   1.00 62.34  ? 28  LEU A CA  1 
ATOM   220  C C   . LEU A 1 28  ? -5.254  0.548   8.072   1.00 64.53  ? 28  LEU A C   1 
ATOM   221  O O   . LEU A 1 28  ? -5.890  0.211   7.075   1.00 62.96  ? 28  LEU A O   1 
ATOM   222  C CB  . LEU A 1 28  ? -3.674  2.346   7.447   1.00 61.17  ? 28  LEU A CB  1 
ATOM   223  C CG  . LEU A 1 28  ? -2.299  3.008   7.425   1.00 60.44  ? 28  LEU A CG  1 
ATOM   224  C CD1 . LEU A 1 28  ? -2.447  4.418   6.897   1.00 58.26  ? 28  LEU A CD1 1 
ATOM   225  C CD2 . LEU A 1 28  ? -1.693  3.019   8.820   1.00 59.93  ? 28  LEU A CD2 1 
ATOM   226  N N   . ARG A 1 29  ? -5.782  0.637   9.290   1.00 68.07  ? 29  ARG A N   1 
ATOM   227  C CA  . ARG A 1 29  ? -7.183  0.350   9.590   1.00 70.61  ? 29  ARG A CA  1 
ATOM   228  C C   . ARG A 1 29  ? -8.034  1.498   9.062   1.00 71.96  ? 29  ARG A C   1 
ATOM   229  O O   . ARG A 1 29  ? -8.162  2.513   9.722   1.00 73.06  ? 29  ARG A O   1 
ATOM   230  C CB  . ARG A 1 29  ? -7.350  0.256   11.104  1.00 71.71  ? 29  ARG A CB  1 
ATOM   231  C CG  . ARG A 1 29  ? -6.273  -0.583  11.772  1.00 73.49  ? 29  ARG A CG  1 
ATOM   232  C CD  . ARG A 1 29  ? -6.071  -0.152  13.212  1.00 74.90  ? 29  ARG A CD  1 
ATOM   233  N NE  . ARG A 1 29  ? -7.345  0.016   13.909  1.00 75.75  ? 29  ARG A NE  1 
ATOM   234  C CZ  . ARG A 1 29  ? -7.465  0.181   15.224  1.00 75.55  ? 29  ARG A CZ  1 
ATOM   235  N NH1 . ARG A 1 29  ? -6.384  0.196   15.988  1.00 75.16  ? 29  ARG A NH1 1 
ATOM   236  N NH2 . ARG A 1 29  ? -8.662  0.328   15.777  1.00 74.47  ? 29  ARG A NH2 1 
ATOM   237  N N   . THR A 1 30  ? -8.599  1.349   7.872   1.00 74.08  ? 30  THR A N   1 
ATOM   238  C CA  . THR A 1 30  ? -9.427  2.404   7.291   1.00 77.20  ? 30  THR A CA  1 
ATOM   239  C C   . THR A 1 30  ? -10.744 2.503   8.058   1.00 78.98  ? 30  THR A C   1 
ATOM   240  O O   . THR A 1 30  ? -10.772 2.444   9.291   1.00 78.01  ? 30  THR A O   1 
ATOM   241  C CB  . THR A 1 30  ? -9.738  2.087   5.821   1.00 77.87  ? 30  THR A CB  1 
ATOM   242  O OG1 . THR A 1 30  ? -10.458 0.849   5.755   1.00 78.43  ? 30  THR A OG1 1 
ATOM   243  C CG2 . THR A 1 30  ? -8.455  1.954   5.013   1.00 78.79  ? 30  THR A CG2 1 
ATOM   244  N N   . GLY A 1 31  ? -11.834 2.653   7.306   1.00 81.99  ? 31  GLY A N   1 
ATOM   245  C CA  . GLY A 1 31  ? -13.152 2.690   7.906   1.00 84.65  ? 31  GLY A CA  1 
ATOM   246  C C   . GLY A 1 31  ? -13.295 1.245   8.323   1.00 87.22  ? 31  GLY A C   1 
ATOM   247  O O   . GLY A 1 31  ? -14.332 0.814   8.812   1.00 87.61  ? 31  GLY A O   1 
ATOM   248  N N   . ARG A 1 32  ? -12.197 0.512   8.099   1.00 89.18  ? 32  ARG A N   1 
ATOM   249  C CA  . ARG A 1 32  ? -12.014 -0.912  8.409   1.00 89.10  ? 32  ARG A CA  1 
ATOM   250  C C   . ARG A 1 32  ? -12.855 -1.889  7.579   1.00 88.93  ? 32  ARG A C   1 
ATOM   251  O O   . ARG A 1 32  ? -12.739 -3.112  7.723   1.00 89.80  ? 32  ARG A O   1 
ATOM   252  C CB  . ARG A 1 32  ? -12.259 -1.157  9.899   1.00 89.46  ? 32  ARG A CB  1 
ATOM   253  C CG  . ARG A 1 32  ? -11.915 0.035   10.775  1.00 89.39  ? 32  ARG A CG  1 
ATOM   254  C CD  . ARG A 1 32  ? -11.727 -0.384  12.207  1.00 89.86  ? 32  ARG A CD  1 
ATOM   255  N NE  . ARG A 1 32  ? -10.532 -1.214  12.343  1.00 90.23  ? 32  ARG A NE  1 
ATOM   256  C CZ  . ARG A 1 32  ? -10.047 -1.638  13.504  1.00 89.99  ? 32  ARG A CZ  1 
ATOM   257  N NH1 . ARG A 1 32  ? -10.655 -1.309  14.634  1.00 90.27  ? 32  ARG A NH1 1 
ATOM   258  N NH2 . ARG A 1 32  ? -8.948  -2.378  13.538  1.00 89.66  ? 32  ARG A NH2 1 
ATOM   259  N N   . ALA A 1 33  ? -13.690 -1.352  6.698   1.00 87.70  ? 33  ALA A N   1 
ATOM   260  C CA  . ALA A 1 33  ? -14.537 -2.188  5.866   1.00 87.13  ? 33  ALA A CA  1 
ATOM   261  C C   . ALA A 1 33  ? -13.719 -3.030  4.885   1.00 86.92  ? 33  ALA A C   1 
ATOM   262  O O   . ALA A 1 33  ? -14.280 -3.819  4.126   1.00 85.75  ? 33  ALA A O   1 
ATOM   263  C CB  . ALA A 1 33  ? -15.523 -1.315  5.113   1.00 87.90  ? 33  ALA A CB  1 
ATOM   264  N N   . ASN A 1 34  ? -12.398 -2.868  4.913   1.00 87.02  ? 34  ASN A N   1 
ATOM   265  C CA  . ASN A 1 34  ? -11.507 -3.602  4.012   1.00 87.29  ? 34  ASN A CA  1 
ATOM   266  C C   . ASN A 1 34  ? -11.232 -5.048  4.400   1.00 86.13  ? 34  ASN A C   1 
ATOM   267  O O   . ASN A 1 34  ? -10.967 -5.353  5.561   1.00 85.95  ? 34  ASN A O   1 
ATOM   268  C CB  . ASN A 1 34  ? -10.162 -2.877  3.872   1.00 88.71  ? 34  ASN A CB  1 
ATOM   269  C CG  . ASN A 1 34  ? -10.093 -2.006  2.631   1.00 90.48  ? 34  ASN A CG  1 
ATOM   270  O OD1 . ASN A 1 34  ? -10.837 -1.031  2.499   1.00 91.71  ? 34  ASN A OD1 1 
ATOM   271  N ND2 . ASN A 1 34  ? -9.198  -2.359  1.707   1.00 89.87  ? 34  ASN A ND2 1 
ATOM   272  N N   . PRO A 1 35  ? -11.294 -5.962  3.419   1.00 85.25  ? 35  PRO A N   1 
ATOM   273  C CA  . PRO A 1 35  ? -11.039 -7.380  3.672   1.00 84.41  ? 35  PRO A CA  1 
ATOM   274  C C   . PRO A 1 35  ? -9.535  -7.655  3.695   1.00 83.38  ? 35  PRO A C   1 
ATOM   275  O O   . PRO A 1 35  ? -9.064  -8.534  4.414   1.00 84.04  ? 35  PRO A O   1 
ATOM   276  C CB  . PRO A 1 35  ? -11.748 -8.065  2.506   1.00 84.35  ? 35  PRO A CB  1 
ATOM   277  C CG  . PRO A 1 35  ? -11.536 -7.101  1.390   1.00 85.23  ? 35  PRO A CG  1 
ATOM   278  C CD  . PRO A 1 35  ? -11.824 -5.766  2.054   1.00 85.81  ? 35  PRO A CD  1 
ATOM   279  N N   . ALA A 1 36  ? -8.784  -6.883  2.918   1.00 82.66  ? 36  ALA A N   1 
ATOM   280  C CA  . ALA A 1 36  ? -7.335  -7.046  2.849   1.00 82.81  ? 36  ALA A CA  1 
ATOM   281  C C   . ALA A 1 36  ? -6.700  -6.839  4.219   1.00 83.07  ? 36  ALA A C   1 
ATOM   282  O O   . ALA A 1 36  ? -5.553  -7.219  4.456   1.00 84.02  ? 36  ALA A O   1 
ATOM   283  C CB  . ALA A 1 36  ? -6.747  -6.065  1.839   1.00 82.10  ? 36  ALA A CB  1 
ATOM   284  N N   . LEU A 1 37  ? -7.459  -6.232  5.119   1.00 83.41  ? 37  LEU A N   1 
ATOM   285  C CA  . LEU A 1 37  ? -6.999  -5.971  6.478   1.00 83.78  ? 37  LEU A CA  1 
ATOM   286  C C   . LEU A 1 37  ? -6.555  -7.276  7.148   1.00 83.33  ? 37  LEU A C   1 
ATOM   287  O O   . LEU A 1 37  ? -5.533  -7.325  7.840   1.00 83.80  ? 37  LEU A O   1 
ATOM   288  C CB  . LEU A 1 37  ? -8.140  -5.320  7.279   1.00 83.97  ? 37  LEU A CB  1 
ATOM   289  C CG  . LEU A 1 37  ? -7.996  -4.988  8.769   1.00 84.58  ? 37  LEU A CG  1 
ATOM   290  C CD1 . LEU A 1 37  ? -6.856  -4.006  8.982   1.00 86.06  ? 37  LEU A CD1 1 
ATOM   291  C CD2 . LEU A 1 37  ? -9.308  -4.395  9.277   1.00 84.61  ? 37  LEU A CD2 1 
ATOM   292  N N   . LEU A 1 38  ? -7.327  -8.332  6.908   1.00 81.85  ? 38  LEU A N   1 
ATOM   293  C CA  . LEU A 1 38  ? -7.072  -9.643  7.495   1.00 80.29  ? 38  LEU A CA  1 
ATOM   294  C C   . LEU A 1 38  ? -6.307  -10.618 6.612   1.00 80.31  ? 38  LEU A C   1 
ATOM   295  O O   . LEU A 1 38  ? -6.150  -11.782 6.977   1.00 80.16  ? 38  LEU A O   1 
ATOM   296  C CB  . LEU A 1 38  ? -8.397  -10.293 7.880   1.00 79.25  ? 38  LEU A CB  1 
ATOM   297  C CG  . LEU A 1 38  ? -9.381  -9.405  8.631   1.00 77.72  ? 38  LEU A CG  1 
ATOM   298  C CD1 . LEU A 1 38  ? -10.684 -10.156 8.842   1.00 77.62  ? 38  LEU A CD1 1 
ATOM   299  C CD2 . LEU A 1 38  ? -8.773  -8.977  9.956   1.00 77.19  ? 38  LEU A CD2 1 
ATOM   300  N N   . LEU A 1 39  ? -5.827  -10.166 5.459   1.00 80.87  ? 39  LEU A N   1 
ATOM   301  C CA  . LEU A 1 39  ? -5.111  -11.070 4.563   1.00 81.48  ? 39  LEU A CA  1 
ATOM   302  C C   . LEU A 1 39  ? -3.716  -11.449 5.058   1.00 81.52  ? 39  LEU A C   1 
ATOM   303  O O   . LEU A 1 39  ? -3.356  -12.620 5.057   1.00 81.51  ? 39  LEU A O   1 
ATOM   304  C CB  . LEU A 1 39  ? -5.030  -10.468 3.147   1.00 81.28  ? 39  LEU A CB  1 
ATOM   305  C CG  . LEU A 1 39  ? -3.892  -9.527  2.731   1.00 81.11  ? 39  LEU A CG  1 
ATOM   306  C CD1 . LEU A 1 39  ? -2.680  -10.340 2.265   1.00 80.19  ? 39  LEU A CD1 1 
ATOM   307  C CD2 . LEU A 1 39  ? -4.370  -8.632  1.589   1.00 80.68  ? 39  LEU A CD2 1 
ATOM   308  N N   . HIS A 1 40  ? -2.943  -10.458 5.492   1.00 82.62  ? 40  HIS A N   1 
ATOM   309  C CA  . HIS A 1 40  ? -1.578  -10.682 5.972   1.00 83.16  ? 40  HIS A CA  1 
ATOM   310  C C   . HIS A 1 40  ? -1.495  -11.434 7.297   1.00 82.21  ? 40  HIS A C   1 
ATOM   311  O O   . HIS A 1 40  ? -0.426  -11.914 7.681   1.00 81.86  ? 40  HIS A O   1 
ATOM   312  C CB  . HIS A 1 40  ? -0.846  -9.343  6.135   1.00 85.24  ? 40  HIS A CB  1 
ATOM   313  C CG  . HIS A 1 40  ? -0.515  -8.667  4.846   1.00 88.46  ? 40  HIS A CG  1 
ATOM   314  N ND1 . HIS A 1 40  ? 0.298   -9.241  3.889   1.00 89.79  ? 40  HIS A ND1 1 
ATOM   315  C CD2 . HIS A 1 40  ? -0.852  -7.444  4.373   1.00 89.89  ? 40  HIS A CD2 1 
ATOM   316  C CE1 . HIS A 1 40  ? 0.449   -8.395  2.887   1.00 91.04  ? 40  HIS A CE1 1 
ATOM   317  N NE2 . HIS A 1 40  ? -0.237  -7.296  3.153   1.00 91.32  ? 40  HIS A NE2 1 
ATOM   318  N N   . LEU A 1 41  ? -2.615  -11.520 8.004   1.00 81.49  ? 41  LEU A N   1 
ATOM   319  C CA  . LEU A 1 41  ? -2.639  -12.189 9.295   1.00 80.75  ? 41  LEU A CA  1 
ATOM   320  C C   . LEU A 1 41  ? -2.098  -13.613 9.285   1.00 80.27  ? 41  LEU A C   1 
ATOM   321  O O   . LEU A 1 41  ? -2.741  -14.534 8.783   1.00 80.31  ? 41  LEU A O   1 
ATOM   322  C CB  . LEU A 1 41  ? -4.060  -12.177 9.860   1.00 80.49  ? 41  LEU A CB  1 
ATOM   323  C CG  . LEU A 1 41  ? -4.478  -10.899 10.596  1.00 80.88  ? 41  LEU A CG  1 
ATOM   324  C CD1 . LEU A 1 41  ? -4.194  -9.663  9.750   1.00 81.46  ? 41  LEU A CD1 1 
ATOM   325  C CD2 . LEU A 1 41  ? -5.954  -10.986 10.937  1.00 81.70  ? 41  LEU A CD2 1 
ATOM   326  N N   . LYS A 1 42  ? -0.903  -13.783 9.844   1.00 78.85  ? 42  LYS A N   1 
ATOM   327  C CA  . LYS A 1 42  ? -0.284  -15.098 9.931   1.00 77.40  ? 42  LYS A CA  1 
ATOM   328  C C   . LYS A 1 42  ? -1.026  -15.895 10.990  1.00 75.77  ? 42  LYS A C   1 
ATOM   329  O O   . LYS A 1 42  ? -1.081  -15.498 12.150  1.00 75.62  ? 42  LYS A O   1 
ATOM   330  C CB  . LYS A 1 42  ? 1.190   -14.985 10.331  1.00 78.46  ? 42  LYS A CB  1 
ATOM   331  C CG  . LYS A 1 42  ? 2.114   -14.483 9.242   1.00 79.63  ? 42  LYS A CG  1 
ATOM   332  C CD  . LYS A 1 42  ? 3.559   -14.529 9.723   1.00 81.50  ? 42  LYS A CD  1 
ATOM   333  C CE  . LYS A 1 42  ? 4.544   -14.167 8.618   1.00 82.27  ? 42  LYS A CE  1 
ATOM   334  N NZ  . LYS A 1 42  ? 5.958   -14.239 9.094   1.00 81.72  ? 42  LYS A NZ  1 
ATOM   335  N N   . VAL A 1 43  ? -1.599  -17.018 10.581  1.00 73.86  ? 43  VAL A N   1 
ATOM   336  C CA  . VAL A 1 43  ? -2.345  -17.860 11.506  1.00 72.19  ? 43  VAL A CA  1 
ATOM   337  C C   . VAL A 1 43  ? -1.561  -19.131 11.802  1.00 71.07  ? 43  VAL A C   1 
ATOM   338  O O   . VAL A 1 43  ? -0.982  -19.728 10.899  1.00 70.92  ? 43  VAL A O   1 
ATOM   339  C CB  . VAL A 1 43  ? -3.735  -18.235 10.919  1.00 71.00  ? 43  VAL A CB  1 
ATOM   340  C CG1 . VAL A 1 43  ? -4.499  -19.120 11.888  1.00 70.11  ? 43  VAL A CG1 1 
ATOM   341  C CG2 . VAL A 1 43  ? -4.529  -16.977 10.624  1.00 70.88  ? 43  VAL A CG2 1 
ATOM   342  N N   . GLU A 1 44  ? -1.532  -19.528 13.071  1.00 69.84  ? 44  GLU A N   1 
ATOM   343  C CA  . GLU A 1 44  ? -0.836  -20.742 13.481  1.00 69.68  ? 44  GLU A CA  1 
ATOM   344  C C   . GLU A 1 44  ? -1.659  -21.959 13.080  1.00 69.27  ? 44  GLU A C   1 
ATOM   345  O O   . GLU A 1 44  ? -2.732  -22.203 13.626  1.00 68.66  ? 44  GLU A O   1 
ATOM   346  C CB  . GLU A 1 44  ? -0.607  -20.741 14.995  1.00 71.21  ? 44  GLU A CB  1 
ATOM   347  C CG  . GLU A 1 44  ? 0.835   -20.475 15.386  1.00 73.07  ? 44  GLU A CG  1 
ATOM   348  C CD  . GLU A 1 44  ? 1.773   -21.584 14.937  1.00 73.80  ? 44  GLU A CD  1 
ATOM   349  O OE1 . GLU A 1 44  ? 1.633   -22.718 15.449  1.00 74.00  ? 44  GLU A OE1 1 
ATOM   350  O OE2 . GLU A 1 44  ? 2.644   -21.317 14.076  1.00 73.36  ? 44  GLU A OE2 1 
ATOM   351  N N   . TYR A 1 45  ? -1.140  -22.720 12.122  1.00 68.73  ? 45  TYR A N   1 
ATOM   352  C CA  . TYR A 1 45  ? -1.822  -23.906 11.610  1.00 66.72  ? 45  TYR A CA  1 
ATOM   353  C C   . TYR A 1 45  ? -0.783  -25.017 11.452  1.00 65.64  ? 45  TYR A C   1 
ATOM   354  O O   . TYR A 1 45  ? 0.186   -24.857 10.714  1.00 65.98  ? 45  TYR A O   1 
ATOM   355  C CB  . TYR A 1 45  ? -2.449  -23.574 10.252  1.00 66.61  ? 45  TYR A CB  1 
ATOM   356  C CG  . TYR A 1 45  ? -3.524  -24.529 9.805   1.00 67.68  ? 45  TYR A CG  1 
ATOM   357  C CD1 . TYR A 1 45  ? -3.698  -24.817 8.454   1.00 67.79  ? 45  TYR A CD1 1 
ATOM   358  C CD2 . TYR A 1 45  ? -4.387  -25.130 10.725  1.00 69.32  ? 45  TYR A CD2 1 
ATOM   359  C CE1 . TYR A 1 45  ? -4.700  -25.680 8.022   1.00 67.63  ? 45  TYR A CE1 1 
ATOM   360  C CE2 . TYR A 1 45  ? -5.398  -25.997 10.306  1.00 69.17  ? 45  TYR A CE2 1 
ATOM   361  C CZ  . TYR A 1 45  ? -5.545  -26.267 8.952   1.00 68.45  ? 45  TYR A CZ  1 
ATOM   362  O OH  . TYR A 1 45  ? -6.527  -27.133 8.529   1.00 68.49  ? 45  TYR A OH  1 
ATOM   363  N N   . TYR A 1 46  ? -0.984  -26.135 12.148  1.00 64.71  ? 46  TYR A N   1 
ATOM   364  C CA  . TYR A 1 46  ? -0.046  -27.259 12.099  1.00 63.54  ? 46  TYR A CA  1 
ATOM   365  C C   . TYR A 1 46  ? 1.376   -26.786 12.404  1.00 65.35  ? 46  TYR A C   1 
ATOM   366  O O   . TYR A 1 46  ? 2.318   -27.126 11.686  1.00 65.46  ? 46  TYR A O   1 
ATOM   367  C CB  . TYR A 1 46  ? -0.062  -27.927 10.717  1.00 59.15  ? 46  TYR A CB  1 
ATOM   368  C CG  . TYR A 1 46  ? -1.364  -28.597 10.340  1.00 56.44  ? 46  TYR A CG  1 
ATOM   369  C CD1 . TYR A 1 46  ? -1.930  -28.389 9.081   1.00 54.82  ? 46  TYR A CD1 1 
ATOM   370  C CD2 . TYR A 1 46  ? -2.023  -29.451 11.229  1.00 55.60  ? 46  TYR A CD2 1 
ATOM   371  C CE1 . TYR A 1 46  ? -3.116  -29.007 8.712   1.00 53.18  ? 46  TYR A CE1 1 
ATOM   372  C CE2 . TYR A 1 46  ? -3.219  -30.082 10.867  1.00 54.66  ? 46  TYR A CE2 1 
ATOM   373  C CZ  . TYR A 1 46  ? -3.756  -29.852 9.607   1.00 53.82  ? 46  TYR A CZ  1 
ATOM   374  O OH  . TYR A 1 46  ? -4.928  -30.465 9.239   1.00 53.05  ? 46  TYR A OH  1 
ATOM   375  N N   . GLY A 1 47  ? 1.523   -25.987 13.460  1.00 66.97  ? 47  GLY A N   1 
ATOM   376  C CA  . GLY A 1 47  ? 2.834   -25.483 13.847  1.00 68.39  ? 47  GLY A CA  1 
ATOM   377  C C   . GLY A 1 47  ? 3.448   -24.441 12.924  1.00 69.11  ? 47  GLY A C   1 
ATOM   378  O O   . GLY A 1 47  ? 4.483   -23.856 13.243  1.00 69.48  ? 47  GLY A O   1 
ATOM   379  N N   . ALA A 1 48  ? 2.820   -24.204 11.777  1.00 69.66  ? 48  ALA A N   1 
ATOM   380  C CA  . ALA A 1 48  ? 3.336   -23.224 10.831  1.00 70.50  ? 48  ALA A CA  1 
ATOM   381  C C   . ALA A 1 48  ? 2.539   -21.925 10.882  1.00 71.09  ? 48  ALA A C   1 
ATOM   382  O O   . ALA A 1 48  ? 1.439   -21.877 11.439  1.00 69.81  ? 48  ALA A O   1 
ATOM   383  C CB  . ALA A 1 48  ? 3.311   -23.796 9.416   1.00 70.68  ? 48  ALA A CB  1 
ATOM   384  N N   . HIS A 1 49  ? 3.114   -20.875 10.297  1.00 71.17  ? 49  HIS A N   1 
ATOM   385  C CA  . HIS A 1 49  ? 2.487   -19.559 10.253  1.00 72.31  ? 49  HIS A CA  1 
ATOM   386  C C   . HIS A 1 49  ? 2.010   -19.250 8.840   1.00 72.22  ? 49  HIS A C   1 
ATOM   387  O O   . HIS A 1 49  ? 2.636   -18.477 8.117   1.00 71.81  ? 49  HIS A O   1 
ATOM   388  C CB  . HIS A 1 49  ? 3.479   -18.477 10.696  1.00 74.17  ? 49  HIS A CB  1 
ATOM   389  C CG  . HIS A 1 49  ? 3.758   -18.477 12.165  1.00 76.28  ? 49  HIS A CG  1 
ATOM   390  N ND1 . HIS A 1 49  ? 2.800   -18.150 13.105  1.00 76.82  ? 49  HIS A ND1 1 
ATOM   391  C CD2 . HIS A 1 49  ? 4.886   -18.763 12.855  1.00 76.98  ? 49  HIS A CD2 1 
ATOM   392  C CE1 . HIS A 1 49  ? 3.332   -18.234 14.310  1.00 76.87  ? 49  HIS A CE1 1 
ATOM   393  N NE2 . HIS A 1 49  ? 4.596   -18.604 14.188  1.00 77.83  ? 49  HIS A NE2 1 
ATOM   394  N N   . VAL A 1 50  ? 0.892   -19.849 8.451   1.00 73.03  ? 50  VAL A N   1 
ATOM   395  C CA  . VAL A 1 50  ? 0.355   -19.624 7.119   1.00 73.78  ? 50  VAL A CA  1 
ATOM   396  C C   . VAL A 1 50  ? -0.555  -18.399 7.059   1.00 74.27  ? 50  VAL A C   1 
ATOM   397  O O   . VAL A 1 50  ? -1.382  -18.178 7.954   1.00 73.80  ? 50  VAL A O   1 
ATOM   398  C CB  . VAL A 1 50  ? -0.428  -20.866 6.624   1.00 73.48  ? 50  VAL A CB  1 
ATOM   399  C CG1 . VAL A 1 50  ? 0.435   -22.113 6.793   1.00 72.84  ? 50  VAL A CG1 1 
ATOM   400  C CG2 . VAL A 1 50  ? -1.743  -21.012 7.383   1.00 72.95  ? 50  VAL A CG2 1 
ATOM   401  N N   . PRO A 1 51  ? -0.393  -17.566 6.014   1.00 74.86  ? 51  PRO A N   1 
ATOM   402  C CA  . PRO A 1 51  ? -1.241  -16.379 5.893   1.00 74.97  ? 51  PRO A CA  1 
ATOM   403  C C   . PRO A 1 51  ? -2.695  -16.798 5.724   1.00 74.75  ? 51  PRO A C   1 
ATOM   404  O O   . PRO A 1 51  ? -3.002  -17.795 5.069   1.00 75.36  ? 51  PRO A O   1 
ATOM   405  C CB  . PRO A 1 51  ? -0.673  -15.657 4.666   1.00 75.36  ? 51  PRO A CB  1 
ATOM   406  C CG  . PRO A 1 51  ? -0.040  -16.748 3.866   1.00 75.74  ? 51  PRO A CG  1 
ATOM   407  C CD  . PRO A 1 51  ? 0.612   -17.599 4.936   1.00 75.51  ? 51  PRO A CD  1 
ATOM   408  N N   . LEU A 1 52  ? -3.577  -16.018 6.333   1.00 74.05  ? 52  LEU A N   1 
ATOM   409  C CA  . LEU A 1 52  ? -5.009  -16.273 6.324   1.00 73.27  ? 52  LEU A CA  1 
ATOM   410  C C   . LEU A 1 52  ? -5.679  -16.613 4.984   1.00 73.72  ? 52  LEU A C   1 
ATOM   411  O O   . LEU A 1 52  ? -6.476  -17.546 4.927   1.00 73.02  ? 52  LEU A O   1 
ATOM   412  C CB  . LEU A 1 52  ? -5.718  -15.087 6.993   1.00 71.74  ? 52  LEU A CB  1 
ATOM   413  C CG  . LEU A 1 52  ? -7.241  -15.081 7.091   1.00 70.33  ? 52  LEU A CG  1 
ATOM   414  C CD1 . LEU A 1 52  ? -7.663  -14.361 8.359   1.00 70.64  ? 52  LEU A CD1 1 
ATOM   415  C CD2 . LEU A 1 52  ? -7.830  -14.416 5.858   1.00 68.74  ? 52  LEU A CD2 1 
ATOM   416  N N   . ASN A 1 53  ? -5.362  -15.889 3.909   1.00 74.79  ? 53  ASN A N   1 
ATOM   417  C CA  . ASN A 1 53  ? -6.007  -16.157 2.616   1.00 75.62  ? 53  ASN A CA  1 
ATOM   418  C C   . ASN A 1 53  ? -5.792  -17.569 2.078   1.00 76.21  ? 53  ASN A C   1 
ATOM   419  O O   . ASN A 1 53  ? -6.701  -18.156 1.488   1.00 77.23  ? 53  ASN A O   1 
ATOM   420  C CB  . ASN A 1 53  ? -5.568  -15.134 1.560   1.00 76.34  ? 53  ASN A CB  1 
ATOM   421  C CG  . ASN A 1 53  ? -4.093  -15.206 1.256   1.00 77.96  ? 53  ASN A CG  1 
ATOM   422  O OD1 . ASN A 1 53  ? -3.603  -16.209 0.738   1.00 78.97  ? 53  ASN A OD1 1 
ATOM   423  N ND2 . ASN A 1 53  ? -3.368  -14.137 1.578   1.00 78.78  ? 53  ASN A ND2 1 
ATOM   424  N N   . GLN A 1 54  ? -4.600  -18.119 2.277   1.00 76.14  ? 54  GLN A N   1 
ATOM   425  C CA  . GLN A 1 54  ? -4.318  -19.470 1.805   1.00 76.35  ? 54  GLN A CA  1 
ATOM   426  C C   . GLN A 1 54  ? -5.074  -20.471 2.665   1.00 76.57  ? 54  GLN A C   1 
ATOM   427  O O   . GLN A 1 54  ? -5.151  -21.655 2.339   1.00 77.97  ? 54  GLN A O   1 
ATOM   428  C CB  . GLN A 1 54  ? -2.816  -19.766 1.882   1.00 75.97  ? 54  GLN A CB  1 
ATOM   429  C CG  . GLN A 1 54  ? -1.973  -18.988 0.894   1.00 76.92  ? 54  GLN A CG  1 
ATOM   430  C CD  . GLN A 1 54  ? -0.502  -19.334 0.996   1.00 78.05  ? 54  GLN A CD  1 
ATOM   431  O OE1 . GLN A 1 54  ? 0.139   -19.076 2.014   1.00 78.03  ? 54  GLN A OE1 1 
ATOM   432  N NE2 . GLN A 1 54  ? 0.041   -19.932 -0.061  1.00 79.65  ? 54  GLN A NE2 1 
ATOM   433  N N   . ILE A 1 55  ? -5.650  -19.980 3.758   1.00 75.48  ? 55  ILE A N   1 
ATOM   434  C CA  . ILE A 1 55  ? -6.373  -20.838 4.684   1.00 73.88  ? 55  ILE A CA  1 
ATOM   435  C C   . ILE A 1 55  ? -7.851  -20.455 4.812   1.00 73.05  ? 55  ILE A C   1 
ATOM   436  O O   . ILE A 1 55  ? -8.662  -21.227 5.325   1.00 71.33  ? 55  ILE A O   1 
ATOM   437  C CB  . ILE A 1 55  ? -5.670  -20.803 6.084   1.00 74.64  ? 55  ILE A CB  1 
ATOM   438  C CG1 . ILE A 1 55  ? -5.508  -22.226 6.619   1.00 73.67  ? 55  ILE A CG1 1 
ATOM   439  C CG2 . ILE A 1 55  ? -6.428  -19.900 7.054   1.00 73.45  ? 55  ILE A CG2 1 
ATOM   440  C CD1 . ILE A 1 55  ? -4.587  -23.061 5.772   1.00 72.66  ? 55  ILE A CD1 1 
ATOM   441  N N   . ALA A 1 56  ? -8.190  -19.263 4.330   1.00 73.74  ? 56  ALA A N   1 
ATOM   442  C CA  . ALA A 1 56  ? -9.558  -18.762 4.396   1.00 73.74  ? 56  ALA A CA  1 
ATOM   443  C C   . ALA A 1 56  ? -9.785  -17.600 3.428   1.00 73.64  ? 56  ALA A C   1 
ATOM   444  O O   . ALA A 1 56  ? -8.855  -17.099 2.800   1.00 72.68  ? 56  ALA A O   1 
ATOM   445  C CB  . ALA A 1 56  ? -9.875  -18.316 5.821   1.00 73.52  ? 56  ALA A CB  1 
ATOM   446  N N   . THR A 1 57  ? -11.038 -17.183 3.314   1.00 75.12  ? 57  THR A N   1 
ATOM   447  C CA  . THR A 1 57  ? -11.398 -16.077 2.444   1.00 76.57  ? 57  THR A CA  1 
ATOM   448  C C   . THR A 1 57  ? -12.127 -15.025 3.263   1.00 77.08  ? 57  THR A C   1 
ATOM   449  O O   . THR A 1 57  ? -12.799 -15.336 4.247   1.00 77.18  ? 57  THR A O   1 
ATOM   450  C CB  . THR A 1 57  ? -12.323 -16.528 1.309   1.00 77.04  ? 57  THR A CB  1 
ATOM   451  O OG1 . THR A 1 57  ? -11.708 -17.606 0.598   1.00 78.34  ? 57  THR A OG1 1 
ATOM   452  C CG2 . THR A 1 57  ? -12.585 -15.370 0.345   1.00 77.56  ? 57  THR A CG2 1 
ATOM   453  N N   . VAL A 1 58  ? -11.991 -13.775 2.843   1.00 77.51  ? 58  VAL A N   1 
ATOM   454  C CA  . VAL A 1 58  ? -12.637 -12.672 3.532   1.00 78.21  ? 58  VAL A CA  1 
ATOM   455  C C   . VAL A 1 58  ? -13.266 -11.695 2.546   1.00 78.91  ? 58  VAL A C   1 
ATOM   456  O O   . VAL A 1 58  ? -12.564 -11.051 1.770   1.00 79.05  ? 58  VAL A O   1 
ATOM   457  C CB  . VAL A 1 58  ? -11.627 -11.890 4.397   1.00 77.78  ? 58  VAL A CB  1 
ATOM   458  C CG1 . VAL A 1 58  ? -12.354 -10.802 5.179   1.00 78.06  ? 58  VAL A CG1 1 
ATOM   459  C CG2 . VAL A 1 58  ? -10.901 -12.832 5.337   1.00 77.55  ? 58  VAL A CG2 1 
ATOM   460  N N   . THR A 1 59  ? -14.590 -11.590 2.569   1.00 78.71  ? 59  THR A N   1 
ATOM   461  C CA  . THR A 1 59  ? -15.270 -10.649 1.688   1.00 79.28  ? 59  THR A CA  1 
ATOM   462  C C   . THR A 1 59  ? -15.923 -9.569  2.536   1.00 78.88  ? 59  THR A C   1 
ATOM   463  O O   . THR A 1 59  ? -16.126 -9.753  3.733   1.00 78.72  ? 59  THR A O   1 
ATOM   464  C CB  . THR A 1 59  ? -16.356 -11.331 0.819   1.00 79.70  ? 59  THR A CB  1 
ATOM   465  O OG1 . THR A 1 59  ? -17.422 -11.799 1.655   1.00 78.74  ? 59  THR A OG1 1 
ATOM   466  C CG2 . THR A 1 59  ? -15.760 -12.496 0.030   1.00 80.49  ? 59  THR A CG2 1 
ATOM   467  N N   . ALA A 1 60  ? -16.248 -8.444  1.911   1.00 78.34  ? 60  ALA A N   1 
ATOM   468  C CA  . ALA A 1 60  ? -16.880 -7.333  2.610   1.00 77.74  ? 60  ALA A CA  1 
ATOM   469  C C   . ALA A 1 60  ? -18.280 -7.063  2.059   1.00 77.11  ? 60  ALA A C   1 
ATOM   470  O O   . ALA A 1 60  ? -18.462 -6.189  1.204   1.00 76.87  ? 60  ALA A O   1 
ATOM   471  C CB  . ALA A 1 60  ? -16.011 -6.079  2.480   1.00 77.23  ? 60  ALA A CB  1 
ATOM   472  N N   . PRO A 1 61  ? -19.287 -7.815  2.542   1.00 76.02  ? 61  PRO A N   1 
ATOM   473  C CA  . PRO A 1 61  ? -20.676 -7.652  2.094   1.00 76.90  ? 61  PRO A CA  1 
ATOM   474  C C   . PRO A 1 61  ? -21.056 -6.174  2.132   1.00 78.56  ? 61  PRO A C   1 
ATOM   475  O O   . PRO A 1 61  ? -21.024 -5.479  1.115   1.00 79.80  ? 61  PRO A O   1 
ATOM   476  C CB  . PRO A 1 61  ? -21.464 -8.478  3.109   1.00 76.41  ? 61  PRO A CB  1 
ATOM   477  C CG  . PRO A 1 61  ? -20.498 -9.547  3.510   1.00 76.09  ? 61  PRO A CG  1 
ATOM   478  C CD  . PRO A 1 61  ? -19.205 -8.776  3.656   1.00 75.29  ? 61  PRO A CD  1 
ATOM   479  N N   . ASP A 1 62  ? -21.422 -5.696  3.318   1.00 78.54  ? 62  ASP A N   1 
ATOM   480  C CA  . ASP A 1 62  ? -21.767 -4.293  3.502   1.00 76.95  ? 62  ASP A CA  1 
ATOM   481  C C   . ASP A 1 62  ? -20.563 -3.616  4.141   1.00 76.33  ? 62  ASP A C   1 
ATOM   482  O O   . ASP A 1 62  ? -19.759 -4.273  4.804   1.00 76.73  ? 62  ASP A O   1 
ATOM   483  C CB  . ASP A 1 62  ? -22.996 -4.150  4.400   1.00 78.20  ? 62  ASP A CB  1 
ATOM   484  C CG  . ASP A 1 62  ? -22.978 -5.107  5.573   1.00 80.07  ? 62  ASP A CG  1 
ATOM   485  O OD1 . ASP A 1 62  ? -23.162 -6.320  5.345   1.00 82.00  ? 62  ASP A OD1 1 
ATOM   486  O OD2 . ASP A 1 62  ? -22.779 -4.653  6.718   1.00 80.49  ? 62  ASP A OD2 1 
ATOM   487  N N   . PRO A 1 63  ? -20.414 -2.295  3.944   1.00 75.24  ? 63  PRO A N   1 
ATOM   488  C CA  . PRO A 1 63  ? -19.284 -1.550  4.515   1.00 73.41  ? 63  PRO A CA  1 
ATOM   489  C C   . PRO A 1 63  ? -19.106 -1.629  6.036   1.00 72.11  ? 63  PRO A C   1 
ATOM   490  O O   . PRO A 1 63  ? -18.135 -1.096  6.570   1.00 72.49  ? 63  PRO A O   1 
ATOM   491  C CB  . PRO A 1 63  ? -19.544 -0.121  4.041   1.00 73.26  ? 63  PRO A CB  1 
ATOM   492  C CG  . PRO A 1 63  ? -20.250 -0.325  2.724   1.00 73.35  ? 63  PRO A CG  1 
ATOM   493  C CD  . PRO A 1 63  ? -21.218 -1.431  3.057   1.00 73.62  ? 63  PRO A CD  1 
ATOM   494  N N   . ARG A 1 64  ? -20.023 -2.286  6.740   1.00 70.54  ? 64  ARG A N   1 
ATOM   495  C CA  . ARG A 1 64  ? -19.912 -2.390  8.194   1.00 70.41  ? 64  ARG A CA  1 
ATOM   496  C C   . ARG A 1 64  ? -19.513 -3.776  8.703   1.00 70.45  ? 64  ARG A C   1 
ATOM   497  O O   . ARG A 1 64  ? -19.099 -3.931  9.855   1.00 69.83  ? 64  ARG A O   1 
ATOM   498  C CB  . ARG A 1 64  ? -21.232 -1.973  8.863   1.00 72.05  ? 64  ARG A CB  1 
ATOM   499  C CG  . ARG A 1 64  ? -21.527 -0.476  8.834   1.00 73.80  ? 64  ARG A CG  1 
ATOM   500  C CD  . ARG A 1 64  ? -21.893 0.003   7.431   1.00 76.27  ? 64  ARG A CD  1 
ATOM   501  N NE  . ARG A 1 64  ? -21.844 1.463   7.310   1.00 77.20  ? 64  ARG A NE  1 
ATOM   502  C CZ  . ARG A 1 64  ? -22.025 2.131   6.172   1.00 78.20  ? 64  ARG A CZ  1 
ATOM   503  N NH1 . ARG A 1 64  ? -22.271 1.477   5.046   1.00 79.22  ? 64  ARG A NH1 1 
ATOM   504  N NH2 . ARG A 1 64  ? -21.952 3.456   6.152   1.00 78.71  ? 64  ARG A NH2 1 
ATOM   505  N N   . THR A 1 65  ? -19.623 -4.784  7.844   1.00 69.45  ? 65  THR A N   1 
ATOM   506  C CA  . THR A 1 65  ? -19.299 -6.147  8.247   1.00 68.41  ? 65  THR A CA  1 
ATOM   507  C C   . THR A 1 65  ? -18.156 -6.756  7.448   1.00 67.96  ? 65  THR A C   1 
ATOM   508  O O   . THR A 1 65  ? -17.848 -6.312  6.349   1.00 69.59  ? 65  THR A O   1 
ATOM   509  C CB  . THR A 1 65  ? -20.532 -7.057  8.114   1.00 67.86  ? 65  THR A CB  1 
ATOM   510  O OG1 . THR A 1 65  ? -21.657 -6.423  8.740   1.00 69.19  ? 65  THR A OG1 1 
ATOM   511  C CG2 . THR A 1 65  ? -20.275 -8.414  8.772   1.00 67.47  ? 65  THR A CG2 1 
ATOM   512  N N   . LEU A 1 66  ? -17.533 -7.780  8.020   1.00 66.08  ? 66  LEU A N   1 
ATOM   513  C CA  . LEU A 1 66  ? -16.418 -8.476  7.394   1.00 63.96  ? 66  LEU A CA  1 
ATOM   514  C C   . LEU A 1 66  ? -16.627 -9.967  7.665   1.00 64.51  ? 66  LEU A C   1 
ATOM   515  O O   . LEU A 1 66  ? -16.782 -10.380 8.815   1.00 63.75  ? 66  LEU A O   1 
ATOM   516  C CB  . LEU A 1 66  ? -15.102 -7.987  8.010   1.00 61.86  ? 66  LEU A CB  1 
ATOM   517  C CG  . LEU A 1 66  ? -13.853 -7.999  7.126   1.00 60.47  ? 66  LEU A CG  1 
ATOM   518  C CD1 . LEU A 1 66  ? -14.127 -7.240  5.834   1.00 59.79  ? 66  LEU A CD1 1 
ATOM   519  C CD2 . LEU A 1 66  ? -12.681 -7.372  7.875   1.00 58.65  ? 66  LEU A CD2 1 
ATOM   520  N N   . VAL A 1 67  ? -16.652 -10.769 6.606   1.00 65.32  ? 67  VAL A N   1 
ATOM   521  C CA  . VAL A 1 67  ? -16.867 -12.205 6.755   1.00 66.98  ? 67  VAL A CA  1 
ATOM   522  C C   . VAL A 1 67  ? -15.631 -13.022 6.405   1.00 67.19  ? 67  VAL A C   1 
ATOM   523  O O   . VAL A 1 67  ? -14.964 -12.768 5.400   1.00 67.41  ? 67  VAL A O   1 
ATOM   524  C CB  . VAL A 1 67  ? -18.043 -12.674 5.874   1.00 67.73  ? 67  VAL A CB  1 
ATOM   525  C CG1 . VAL A 1 67  ? -19.331 -12.007 6.331   1.00 68.42  ? 67  VAL A CG1 1 
ATOM   526  C CG2 . VAL A 1 67  ? -17.777 -12.328 4.424   1.00 67.18  ? 67  VAL A CG2 1 
ATOM   527  N N   . VAL A 1 68  ? -15.328 -14.007 7.243   1.00 67.72  ? 68  VAL A N   1 
ATOM   528  C CA  . VAL A 1 68  ? -14.162 -14.853 7.017   1.00 68.60  ? 68  VAL A CA  1 
ATOM   529  C C   . VAL A 1 68  ? -14.552 -16.316 6.824   1.00 69.26  ? 68  VAL A C   1 
ATOM   530  O O   . VAL A 1 68  ? -14.921 -17.003 7.778   1.00 66.71  ? 68  VAL A O   1 
ATOM   531  C CB  . VAL A 1 68  ? -13.160 -14.748 8.191   1.00 68.63  ? 68  VAL A CB  1 
ATOM   532  C CG1 . VAL A 1 68  ? -11.911 -15.558 7.882   1.00 67.58  ? 68  VAL A CG1 1 
ATOM   533  C CG2 . VAL A 1 68  ? -12.795 -13.289 8.435   1.00 68.45  ? 68  VAL A CG2 1 
ATOM   534  N N   . GLN A 1 69  ? -14.473 -16.775 5.578   1.00 70.66  ? 69  GLN A N   1 
ATOM   535  C CA  . GLN A 1 69  ? -14.807 -18.156 5.247   1.00 74.10  ? 69  GLN A CA  1 
ATOM   536  C C   . GLN A 1 69  ? -13.589 -19.060 5.391   1.00 74.37  ? 69  GLN A C   1 
ATOM   537  O O   . GLN A 1 69  ? -12.521 -18.769 4.859   1.00 73.66  ? 69  GLN A O   1 
ATOM   538  C CB  . GLN A 1 69  ? -15.349 -18.265 3.816   1.00 75.87  ? 69  GLN A CB  1 
ATOM   539  C CG  . GLN A 1 69  ? -16.717 -17.631 3.611   1.00 79.14  ? 69  GLN A CG  1 
ATOM   540  C CD  . GLN A 1 69  ? -17.298 -17.930 2.237   1.00 81.32  ? 69  GLN A CD  1 
ATOM   541  O OE1 . GLN A 1 69  ? -17.599 -19.083 1.913   1.00 82.08  ? 69  GLN A OE1 1 
ATOM   542  N NE2 . GLN A 1 69  ? -17.453 -16.888 1.418   1.00 82.02  ? 69  GLN A NE2 1 
ATOM   543  N N   . SER A 1 70  ? -13.760 -20.158 6.120   1.00 74.97  ? 70  SER A N   1 
ATOM   544  C CA  . SER A 1 70  ? -12.677 -21.113 6.341   1.00 75.70  ? 70  SER A CA  1 
ATOM   545  C C   . SER A 1 70  ? -13.066 -22.531 5.923   1.00 74.45  ? 70  SER A C   1 
ATOM   546  O O   . SER A 1 70  ? -13.918 -23.163 6.546   1.00 74.15  ? 70  SER A O   1 
ATOM   547  C CB  . SER A 1 70  ? -12.265 -21.115 7.824   1.00 76.54  ? 70  SER A CB  1 
ATOM   548  O OG  . SER A 1 70  ? -11.189 -22.011 8.061   1.00 77.44  ? 70  SER A OG  1 
ATOM   549  N N   . TRP A 1 71  ? -12.436 -23.023 4.861   1.00 73.32  ? 71  TRP A N   1 
ATOM   550  C CA  . TRP A 1 71  ? -12.697 -24.375 4.372   1.00 71.75  ? 71  TRP A CA  1 
ATOM   551  C C   . TRP A 1 71  ? -12.533 -25.408 5.472   1.00 70.51  ? 71  TRP A C   1 
ATOM   552  O O   . TRP A 1 71  ? -13.241 -26.415 5.505   1.00 69.05  ? 71  TRP A O   1 
ATOM   553  C CB  . TRP A 1 71  ? -11.739 -24.731 3.236   1.00 71.75  ? 71  TRP A CB  1 
ATOM   554  C CG  . TRP A 1 71  ? -12.272 -24.395 1.887   1.00 69.78  ? 71  TRP A CG  1 
ATOM   555  C CD1 . TRP A 1 71  ? -12.111 -23.224 1.203   1.00 69.86  ? 71  TRP A CD1 1 
ATOM   556  C CD2 . TRP A 1 71  ? -13.059 -25.250 1.057   1.00 69.27  ? 71  TRP A CD2 1 
ATOM   557  N NE1 . TRP A 1 71  ? -12.749 -23.303 -0.006  1.00 69.98  ? 71  TRP A NE1 1 
ATOM   558  C CE2 . TRP A 1 71  ? -13.338 -24.533 -0.123  1.00 69.75  ? 71  TRP A CE2 1 
ATOM   559  C CE3 . TRP A 1 71  ? -13.549 -26.553 1.199   1.00 67.97  ? 71  TRP A CE3 1 
ATOM   560  C CZ2 . TRP A 1 71  ? -14.099 -25.085 -1.170  1.00 69.61  ? 71  TRP A CZ2 1 
ATOM   561  C CZ3 . TRP A 1 71  ? -14.300 -27.100 0.167   1.00 68.18  ? 71  TRP A CZ3 1 
ATOM   562  C CH2 . TRP A 1 71  ? -14.568 -26.365 -1.009  1.00 68.68  ? 71  TRP A CH2 1 
ATOM   563  N N   . ASP A 1 72  ? -11.573 -25.152 6.358   1.00 69.98  ? 72  ASP A N   1 
ATOM   564  C CA  . ASP A 1 72  ? -11.292 -26.046 7.475   1.00 69.58  ? 72  ASP A CA  1 
ATOM   565  C C   . ASP A 1 72  ? -11.917 -25.495 8.751   1.00 69.81  ? 72  ASP A C   1 
ATOM   566  O O   . ASP A 1 72  ? -11.622 -24.371 9.157   1.00 70.31  ? 72  ASP A O   1 
ATOM   567  C CB  . ASP A 1 72  ? -9.778  -26.208 7.645   1.00 68.74  ? 72  ASP A CB  1 
ATOM   568  C CG  . ASP A 1 72  ? -9.422  -27.328 8.590   1.00 69.49  ? 72  ASP A CG  1 
ATOM   569  O OD1 . ASP A 1 72  ? -9.562  -27.140 9.818   1.00 69.17  ? 72  ASP A OD1 1 
ATOM   570  O OD2 . ASP A 1 72  ? -9.013  -28.404 8.102   1.00 71.41  ? 72  ASP A OD2 1 
ATOM   571  N N   . GLN A 1 73  ? -12.790 -26.284 9.374   1.00 70.37  ? 73  GLN A N   1 
ATOM   572  C CA  . GLN A 1 73  ? -13.471 -25.851 10.592  1.00 70.64  ? 73  GLN A CA  1 
ATOM   573  C C   . GLN A 1 73  ? -12.500 -25.554 11.726  1.00 69.74  ? 73  GLN A C   1 
ATOM   574  O O   . GLN A 1 73  ? -12.733 -24.663 12.539  1.00 69.60  ? 73  GLN A O   1 
ATOM   575  C CB  . GLN A 1 73  ? -14.494 -26.905 11.036  1.00 72.12  ? 73  GLN A CB  1 
ATOM   576  C CG  . GLN A 1 73  ? -13.906 -28.225 11.520  1.00 75.47  ? 73  GLN A CG  1 
ATOM   577  C CD  . GLN A 1 73  ? -14.132 -28.451 13.010  1.00 76.77  ? 73  GLN A CD  1 
ATOM   578  O OE1 . GLN A 1 73  ? -13.521 -27.790 13.853  1.00 77.30  ? 73  GLN A OE1 1 
ATOM   579  N NE2 . GLN A 1 73  ? -15.028 -29.381 13.340  1.00 77.11  ? 73  GLN A NE2 1 
ATOM   580  N N   . ASN A 1 74  ? -11.398 -26.291 11.773  1.00 70.08  ? 74  ASN A N   1 
ATOM   581  C CA  . ASN A 1 74  ? -10.400 -26.078 12.820  1.00 70.92  ? 74  ASN A CA  1 
ATOM   582  C C   . ASN A 1 74  ? -9.607  -24.786 12.614  1.00 70.06  ? 74  ASN A C   1 
ATOM   583  O O   . ASN A 1 74  ? -9.328  -24.056 13.567  1.00 69.48  ? 74  ASN A O   1 
ATOM   584  C CB  . ASN A 1 74  ? -9.442  -27.275 12.892  1.00 71.78  ? 74  ASN A CB  1 
ATOM   585  C CG  . ASN A 1 74  ? -10.000 -28.424 13.717  1.00 72.90  ? 74  ASN A CG  1 
ATOM   586  O OD1 . ASN A 1 74  ? -11.038 -29.006 13.387  1.00 73.98  ? 74  ASN A OD1 1 
ATOM   587  N ND2 . ASN A 1 74  ? -9.307  -28.756 14.803  1.00 74.50  ? 74  ASN A ND2 1 
ATOM   588  N N   . ALA A 1 75  ? -9.244  -24.514 11.365  1.00 69.99  ? 75  ALA A N   1 
ATOM   589  C CA  . ALA A 1 75  ? -8.483  -23.315 11.021  1.00 70.36  ? 75  ALA A CA  1 
ATOM   590  C C   . ALA A 1 75  ? -9.273  -22.067 11.399  1.00 71.13  ? 75  ALA A C   1 
ATOM   591  O O   . ALA A 1 75  ? -8.718  -21.073 11.870  1.00 69.72  ? 75  ALA A O   1 
ATOM   592  C CB  . ALA A 1 75  ? -8.167  -23.307 9.524   1.00 68.24  ? 75  ALA A CB  1 
ATOM   593  N N   . LEU A 1 76  ? -10.581 -22.137 11.185  1.00 72.88  ? 76  LEU A N   1 
ATOM   594  C CA  . LEU A 1 76  ? -11.481 -21.040 11.505  1.00 73.95  ? 76  LEU A CA  1 
ATOM   595  C C   . LEU A 1 76  ? -11.376 -20.699 12.996  1.00 73.86  ? 76  LEU A C   1 
ATOM   596  O O   . LEU A 1 76  ? -11.443 -19.535 13.388  1.00 73.95  ? 76  LEU A O   1 
ATOM   597  C CB  . LEU A 1 76  ? -12.914 -21.436 11.123  1.00 73.26  ? 76  LEU A CB  1 
ATOM   598  C CG  . LEU A 1 76  ? -14.059 -20.444 11.338  1.00 73.08  ? 76  LEU A CG  1 
ATOM   599  C CD1 . LEU A 1 76  ? -15.076 -20.593 10.206  1.00 72.34  ? 76  LEU A CD1 1 
ATOM   600  C CD2 . LEU A 1 76  ? -14.710 -20.686 12.702  1.00 72.78  ? 76  LEU A CD2 1 
ATOM   601  N N   . LYS A 1 77  ? -11.191 -21.723 13.819  1.00 73.79  ? 77  LYS A N   1 
ATOM   602  C CA  . LYS A 1 77  ? -11.064 -21.532 15.258  1.00 74.82  ? 77  LYS A CA  1 
ATOM   603  C C   . LYS A 1 77  ? -9.847  -20.648 15.553  1.00 76.03  ? 77  LYS A C   1 
ATOM   604  O O   . LYS A 1 77  ? -9.963  -19.595 16.180  1.00 76.13  ? 77  LYS A O   1 
ATOM   605  C CB  . LYS A 1 77  ? -10.901 -22.891 15.954  1.00 74.19  ? 77  LYS A CB  1 
ATOM   606  C CG  . LYS A 1 77  ? -11.889 -23.965 15.489  1.00 73.05  ? 77  LYS A CG  1 
ATOM   607  C CD  . LYS A 1 77  ? -13.336 -23.548 15.732  1.00 72.57  ? 77  LYS A CD  1 
ATOM   608  C CE  . LYS A 1 77  ? -14.317 -24.635 15.307  1.00 71.32  ? 77  LYS A CE  1 
ATOM   609  N NZ  . LYS A 1 77  ? -14.150 -25.894 16.084  1.00 70.02  ? 77  LYS A NZ  1 
ATOM   610  N N   . ALA A 1 78  ? -8.686  -21.084 15.069  1.00 76.92  ? 78  ALA A N   1 
ATOM   611  C CA  . ALA A 1 78  ? -7.423  -20.371 15.263  1.00 76.44  ? 78  ALA A CA  1 
ATOM   612  C C   . ALA A 1 78  ? -7.324  -19.070 14.488  1.00 76.47  ? 78  ALA A C   1 
ATOM   613  O O   . ALA A 1 78  ? -6.473  -18.237 14.777  1.00 76.61  ? 78  ALA A O   1 
ATOM   614  C CB  . ALA A 1 78  ? -6.250  -21.273 14.892  1.00 76.84  ? 78  ALA A CB  1 
ATOM   615  N N   . ILE A 1 79  ? -8.172  -18.897 13.485  1.00 77.65  ? 79  ILE A N   1 
ATOM   616  C CA  . ILE A 1 79  ? -8.145  -17.654 12.726  1.00 78.92  ? 79  ILE A CA  1 
ATOM   617  C C   . ILE A 1 79  ? -8.728  -16.578 13.623  1.00 79.34  ? 79  ILE A C   1 
ATOM   618  O O   . ILE A 1 79  ? -8.294  -15.432 13.605  1.00 79.61  ? 79  ILE A O   1 
ATOM   619  C CB  . ILE A 1 79  ? -8.990  -17.739 11.438  1.00 79.30  ? 79  ILE A CB  1 
ATOM   620  C CG1 . ILE A 1 79  ? -8.290  -18.629 10.415  1.00 79.06  ? 79  ILE A CG1 1 
ATOM   621  C CG2 . ILE A 1 79  ? -9.214  -16.340 10.865  1.00 78.72  ? 79  ILE A CG2 1 
ATOM   622  C CD1 . ILE A 1 79  ? -9.119  -18.886 9.180   1.00 79.73  ? 79  ILE A CD1 1 
ATOM   623  N N   . GLU A 1 80  ? -9.717  -16.962 14.417  1.00 80.51  ? 80  GLU A N   1 
ATOM   624  C CA  . GLU A 1 80  ? -10.342 -16.027 15.333  1.00 82.42  ? 80  GLU A CA  1 
ATOM   625  C C   . GLU A 1 80  ? -9.357  -15.678 16.451  1.00 83.00  ? 80  GLU A C   1 
ATOM   626  O O   . GLU A 1 80  ? -9.272  -14.530 16.888  1.00 83.15  ? 80  GLU A O   1 
ATOM   627  C CB  . GLU A 1 80  ? -11.611 -16.642 15.924  1.00 84.10  ? 80  GLU A CB  1 
ATOM   628  C CG  . GLU A 1 80  ? -12.356 -15.725 16.878  1.00 87.28  ? 80  GLU A CG  1 
ATOM   629  C CD  . GLU A 1 80  ? -13.648 -16.336 17.384  1.00 89.03  ? 80  GLU A CD  1 
ATOM   630  O OE1 . GLU A 1 80  ? -14.315 -15.692 18.230  1.00 89.35  ? 80  GLU A OE1 1 
ATOM   631  O OE2 . GLU A 1 80  ? -13.989 -17.455 16.935  1.00 89.17  ? 80  GLU A OE2 1 
ATOM   632  N N   . LYS A 1 81  ? -8.603  -16.678 16.896  1.00 83.56  ? 81  LYS A N   1 
ATOM   633  C CA  . LYS A 1 81  ? -7.619  -16.491 17.956  1.00 84.31  ? 81  LYS A CA  1 
ATOM   634  C C   . LYS A 1 81  ? -6.400  -15.759 17.417  1.00 84.75  ? 81  LYS A C   1 
ATOM   635  O O   . LYS A 1 81  ? -5.355  -15.720 18.056  1.00 85.09  ? 81  LYS A O   1 
ATOM   636  C CB  . LYS A 1 81  ? -7.201  -17.849 18.521  1.00 84.92  ? 81  LYS A CB  1 
ATOM   637  C CG  . LYS A 1 81  ? -8.376  -18.696 18.958  1.00 86.34  ? 81  LYS A CG  1 
ATOM   638  C CD  . LYS A 1 81  ? -7.951  -20.082 19.388  1.00 87.39  ? 81  LYS A CD  1 
ATOM   639  C CE  . LYS A 1 81  ? -9.169  -20.957 19.668  1.00 88.40  ? 81  LYS A CE  1 
ATOM   640  N NZ  . LYS A 1 81  ? -8.801  -22.347 20.067  1.00 87.94  ? 81  LYS A NZ  1 
ATOM   641  N N   . ALA A 1 82  ? -6.547  -15.181 16.233  1.00 85.46  ? 82  ALA A N   1 
ATOM   642  C CA  . ALA A 1 82  ? -5.462  -14.448 15.596  1.00 86.31  ? 82  ALA A CA  1 
ATOM   643  C C   . ALA A 1 82  ? -5.948  -13.101 15.080  1.00 87.81  ? 82  ALA A C   1 
ATOM   644  O O   . ALA A 1 82  ? -5.189  -12.129 15.048  1.00 87.77  ? 82  ALA A O   1 
ATOM   645  C CB  . ALA A 1 82  ? -4.877  -15.269 14.445  1.00 85.70  ? 82  ALA A CB  1 
ATOM   646  N N   . ILE A 1 83  ? -7.212  -13.051 14.667  1.00 89.03  ? 83  ILE A N   1 
ATOM   647  C CA  . ILE A 1 83  ? -7.789  -11.811 14.163  1.00 89.70  ? 83  ILE A CA  1 
ATOM   648  C C   . ILE A 1 83  ? -7.524  -10.727 15.197  1.00 91.37  ? 83  ILE A C   1 
ATOM   649  O O   . ILE A 1 83  ? -7.135  -9.609  14.861  1.00 92.17  ? 83  ILE A O   1 
ATOM   650  C CB  . ILE A 1 83  ? -9.316  -11.932 13.938  1.00 88.10  ? 83  ILE A CB  1 
ATOM   651  C CG1 . ILE A 1 83  ? -9.609  -12.931 12.823  1.00 86.59  ? 83  ILE A CG1 1 
ATOM   652  C CG2 . ILE A 1 83  ? -9.892  -10.574 13.555  1.00 88.21  ? 83  ILE A CG2 1 
ATOM   653  C CD1 . ILE A 1 83  ? -9.071  -12.502 11.477  1.00 86.20  ? 83  ILE A CD1 1 
ATOM   654  N N   . ARG A 1 84  ? -7.733  -11.071 16.461  1.00 92.72  ? 84  ARG A N   1 
ATOM   655  C CA  . ARG A 1 84  ? -7.482  -10.136 17.542  1.00 93.72  ? 84  ARG A CA  1 
ATOM   656  C C   . ARG A 1 84  ? -5.963  -9.998  17.641  1.00 94.70  ? 84  ARG A C   1 
ATOM   657  O O   . ARG A 1 84  ? -5.312  -9.598  16.671  1.00 94.53  ? 84  ARG A O   1 
ATOM   658  C CB  . ARG A 1 84  ? -8.079  -10.681 18.843  1.00 94.31  ? 84  ARG A CB  1 
ATOM   659  C CG  . ARG A 1 84  ? -7.767  -12.137 19.089  1.00 94.83  ? 84  ARG A CG  1 
ATOM   660  C CD  . ARG A 1 84  ? -8.302  -12.599 20.423  1.00 96.26  ? 84  ARG A CD  1 
ATOM   661  N NE  . ARG A 1 84  ? -7.658  -13.839 20.842  1.00 97.66  ? 84  ARG A NE  1 
ATOM   662  C CZ  . ARG A 1 84  ? -6.377  -13.932 21.187  1.00 97.76  ? 84  ARG A CZ  1 
ATOM   663  N NH1 . ARG A 1 84  ? -5.603  -12.852 21.172  1.00 97.21  ? 84  ARG A NH1 1 
ATOM   664  N NH2 . ARG A 1 84  ? -5.864  -15.107 21.530  1.00 98.28  ? 84  ARG A NH2 1 
ATOM   665  N N   . ASP A 1 85  ? -5.400  -10.350 18.794  1.00 95.31  ? 85  ASP A N   1 
ATOM   666  C CA  . ASP A 1 85  ? -3.959  -10.268 19.005  1.00 96.39  ? 85  ASP A CA  1 
ATOM   667  C C   . ASP A 1 85  ? -3.364  -9.044  18.311  1.00 97.67  ? 85  ASP A C   1 
ATOM   668  O O   . ASP A 1 85  ? -2.218  -9.075  17.865  1.00 97.86  ? 85  ASP A O   1 
ATOM   669  C CB  . ASP A 1 85  ? -3.260  -11.515 18.458  1.00 96.81  ? 85  ASP A CB  1 
ATOM   670  C CG  . ASP A 1 85  ? -3.936  -12.802 18.873  1.00 97.88  ? 85  ASP A CG  1 
ATOM   671  O OD1 . ASP A 1 85  ? -5.088  -13.032 18.448  1.00 98.39  ? 85  ASP A OD1 1 
ATOM   672  O OD2 . ASP A 1 85  ? -3.309  -13.588 19.617  1.00 97.88  ? 85  ASP A OD2 1 
ATOM   673  N N   . SER A 1 86  ? -4.145  -7.971  18.208  1.00 98.50  ? 86  SER A N   1 
ATOM   674  C CA  . SER A 1 86  ? -3.669  -6.762  17.550  1.00 98.67  ? 86  SER A CA  1 
ATOM   675  C C   . SER A 1 86  ? -4.529  -5.557  17.909  1.00 98.85  ? 86  SER A C   1 
ATOM   676  O O   . SER A 1 86  ? -5.563  -5.695  18.565  1.00 98.60  ? 86  SER A O   1 
ATOM   677  C CB  . SER A 1 86  ? -3.668  -6.964  16.029  1.00 98.92  ? 86  SER A CB  1 
ATOM   678  O OG  . SER A 1 86  ? -2.992  -5.908  15.366  1.00 99.96  ? 86  SER A OG  1 
ATOM   679  N N   . ASP A 1 87  ? -4.091  -4.375  17.479  1.00 98.98  ? 87  ASP A N   1 
ATOM   680  C CA  . ASP A 1 87  ? -4.824  -3.142  17.755  1.00 98.73  ? 87  ASP A CA  1 
ATOM   681  C C   . ASP A 1 87  ? -6.146  -3.137  16.992  1.00 97.64  ? 87  ASP A C   1 
ATOM   682  O O   . ASP A 1 87  ? -7.003  -2.283  17.224  1.00 98.40  ? 87  ASP A O   1 
ATOM   683  C CB  . ASP A 1 87  ? -4.004  -1.911  17.340  1.00 99.55  ? 87  ASP A CB  1 
ATOM   684  C CG  . ASP A 1 87  ? -3.807  -1.818  15.838  1.00 100.26 ? 87  ASP A CG  1 
ATOM   685  O OD1 . ASP A 1 87  ? -3.590  -0.691  15.336  1.00 100.68 ? 87  ASP A OD1 1 
ATOM   686  O OD2 . ASP A 1 87  ? -3.863  -2.869  15.162  1.00 100.41 ? 87  ASP A OD2 1 
ATOM   687  N N   . LEU A 1 88  ? -6.297  -4.093  16.077  1.00 95.33  ? 88  LEU A N   1 
ATOM   688  C CA  . LEU A 1 88  ? -7.511  -4.204  15.279  1.00 92.69  ? 88  LEU A CA  1 
ATOM   689  C C   . LEU A 1 88  ? -8.768  -4.037  16.121  1.00 91.32  ? 88  LEU A C   1 
ATOM   690  O O   . LEU A 1 88  ? -9.743  -3.436  15.681  1.00 90.56  ? 88  LEU A O   1 
ATOM   691  C CB  . LEU A 1 88  ? -7.554  -5.558  14.559  1.00 92.81  ? 88  LEU A CB  1 
ATOM   692  C CG  . LEU A 1 88  ? -6.845  -5.631  13.204  1.00 92.61  ? 88  LEU A CG  1 
ATOM   693  C CD1 . LEU A 1 88  ? -5.383  -5.254  13.358  1.00 92.72  ? 88  LEU A CD1 1 
ATOM   694  C CD2 . LEU A 1 88  ? -6.977  -7.033  12.634  1.00 92.91  ? 88  LEU A CD2 1 
ATOM   695  N N   . GLY A 1 89  ? -8.739  -4.567  17.339  1.00 90.13  ? 89  GLY A N   1 
ATOM   696  C CA  . GLY A 1 89  ? -9.896  -4.460  18.212  1.00 88.60  ? 89  GLY A CA  1 
ATOM   697  C C   . GLY A 1 89  ? -11.189 -4.894  17.537  1.00 87.59  ? 89  GLY A C   1 
ATOM   698  O O   . GLY A 1 89  ? -12.133 -4.106  17.392  1.00 87.22  ? 89  GLY A O   1 
ATOM   699  N N   . LEU A 1 90  ? -11.225 -6.153  17.113  1.00 86.31  ? 90  LEU A N   1 
ATOM   700  C CA  . LEU A 1 90  ? -12.399 -6.716  16.457  1.00 83.93  ? 90  LEU A CA  1 
ATOM   701  C C   . LEU A 1 90  ? -12.968 -7.821  17.328  1.00 83.04  ? 90  LEU A C   1 
ATOM   702  O O   . LEU A 1 90  ? -12.278 -8.367  18.189  1.00 83.10  ? 90  LEU A O   1 
ATOM   703  C CB  . LEU A 1 90  ? -12.025 -7.286  15.085  1.00 82.51  ? 90  LEU A CB  1 
ATOM   704  C CG  . LEU A 1 90  ? -11.528 -6.291  14.037  1.00 80.23  ? 90  LEU A CG  1 
ATOM   705  C CD1 . LEU A 1 90  ? -10.969 -7.053  12.851  1.00 80.29  ? 90  LEU A CD1 1 
ATOM   706  C CD2 . LEU A 1 90  ? -12.666 -5.371  13.607  1.00 79.46  ? 90  LEU A CD2 1 
ATOM   707  N N   . ASN A 1 91  ? -14.236 -8.140  17.109  1.00 82.55  ? 91  ASN A N   1 
ATOM   708  C CA  . ASN A 1 91  ? -14.884 -9.186  17.878  1.00 81.95  ? 91  ASN A CA  1 
ATOM   709  C C   . ASN A 1 91  ? -15.594 -10.152 16.944  1.00 82.30  ? 91  ASN A C   1 
ATOM   710  O O   . ASN A 1 91  ? -16.773 -9.984  16.636  1.00 82.84  ? 91  ASN A O   1 
ATOM   711  C CB  . ASN A 1 91  ? -15.893 -8.583  18.857  1.00 80.74  ? 91  ASN A CB  1 
ATOM   712  C CG  . ASN A 1 91  ? -16.255 -9.540  19.977  1.00 80.53  ? 91  ASN A CG  1 
ATOM   713  O OD1 . ASN A 1 91  ? -15.455 -9.781  20.883  1.00 80.71  ? 91  ASN A OD1 1 
ATOM   714  N ND2 . ASN A 1 91  ? -17.460 -10.099 19.916  1.00 79.41  ? 91  ASN A ND2 1 
ATOM   715  N N   . PRO A 1 92  ? -14.876 -11.176 16.467  1.00 82.68  ? 92  PRO A N   1 
ATOM   716  C CA  . PRO A 1 92  ? -15.486 -12.152 15.565  1.00 83.90  ? 92  PRO A CA  1 
ATOM   717  C C   . PRO A 1 92  ? -16.455 -13.069 16.309  1.00 85.73  ? 92  PRO A C   1 
ATOM   718  O O   . PRO A 1 92  ? -16.288 -13.332 17.499  1.00 85.83  ? 92  PRO A O   1 
ATOM   719  C CB  . PRO A 1 92  ? -14.280 -12.918 15.019  1.00 83.01  ? 92  PRO A CB  1 
ATOM   720  C CG  . PRO A 1 92  ? -13.143 -11.949 15.169  1.00 82.18  ? 92  PRO A CG  1 
ATOM   721  C CD  . PRO A 1 92  ? -13.418 -11.360 16.517  1.00 82.02  ? 92  PRO A CD  1 
ATOM   722  N N   . SER A 1 93  ? -17.470 -13.550 15.603  1.00 87.73  ? 93  SER A N   1 
ATOM   723  C CA  . SER A 1 93  ? -18.443 -14.459 16.194  1.00 89.88  ? 93  SER A CA  1 
ATOM   724  C C   . SER A 1 93  ? -18.424 -15.746 15.374  1.00 90.65  ? 93  SER A C   1 
ATOM   725  O O   . SER A 1 93  ? -18.247 -15.715 14.153  1.00 90.63  ? 93  SER A O   1 
ATOM   726  C CB  . SER A 1 93  ? -19.842 -13.835 16.180  1.00 91.24  ? 93  SER A CB  1 
ATOM   727  O OG  . SER A 1 93  ? -20.269 -13.557 14.858  1.00 93.19  ? 93  SER A OG  1 
ATOM   728  N N   . ASN A 1 94  ? -18.605 -16.873 16.053  1.00 91.91  ? 94  ASN A N   1 
ATOM   729  C CA  . ASN A 1 94  ? -18.587 -18.179 15.402  1.00 93.89  ? 94  ASN A CA  1 
ATOM   730  C C   . ASN A 1 94  ? -19.947 -18.585 14.841  1.00 95.05  ? 94  ASN A C   1 
ATOM   731  O O   . ASN A 1 94  ? -20.878 -18.870 15.593  1.00 95.73  ? 94  ASN A O   1 
ATOM   732  C CB  . ASN A 1 94  ? -18.114 -19.236 16.400  1.00 94.24  ? 94  ASN A CB  1 
ATOM   733  C CG  . ASN A 1 94  ? -16.857 -18.818 17.138  1.00 94.76  ? 94  ASN A CG  1 
ATOM   734  O OD1 . ASN A 1 94  ? -16.816 -17.749 17.755  1.00 94.90  ? 94  ASN A OD1 1 
ATOM   735  N ND2 . ASN A 1 94  ? -15.825 -19.658 17.085  1.00 93.98  ? 94  ASN A ND2 1 
ATOM   736  N N   . LYS A 1 95  ? -20.056 -18.627 13.515  1.00 96.06  ? 95  LYS A N   1 
ATOM   737  C CA  . LYS A 1 95  ? -21.315 -19.004 12.876  1.00 96.79  ? 95  LYS A CA  1 
ATOM   738  C C   . LYS A 1 95  ? -21.181 -19.581 11.465  1.00 96.53  ? 95  LYS A C   1 
ATOM   739  O O   . LYS A 1 95  ? -21.066 -18.841 10.487  1.00 96.75  ? 95  LYS A O   1 
ATOM   740  C CB  . LYS A 1 95  ? -22.263 -17.802 12.832  1.00 97.54  ? 95  LYS A CB  1 
ATOM   741  C CG  . LYS A 1 95  ? -23.630 -18.137 12.251  1.00 99.17  ? 95  LYS A CG  1 
ATOM   742  C CD  . LYS A 1 95  ? -24.308 -19.234 13.063  1.00 100.01 ? 95  LYS A CD  1 
ATOM   743  C CE  . LYS A 1 95  ? -25.620 -19.673 12.443  1.00 99.83  ? 95  LYS A CE  1 
ATOM   744  N NZ  . LYS A 1 95  ? -26.230 -20.771 13.245  1.00 99.62  ? 95  LYS A NZ  1 
ATOM   745  N N   . GLY A 1 96  ? -21.213 -20.906 11.368  1.00 95.34  ? 96  GLY A N   1 
ATOM   746  C CA  . GLY A 1 96  ? -21.108 -21.559 10.074  1.00 93.63  ? 96  GLY A CA  1 
ATOM   747  C C   . GLY A 1 96  ? -19.701 -21.636 9.515   1.00 92.81  ? 96  GLY A C   1 
ATOM   748  O O   . GLY A 1 96  ? -18.722 -21.608 10.258  1.00 91.97  ? 96  GLY A O   1 
ATOM   749  N N   . ASP A 1 97  ? -19.602 -21.731 8.192   1.00 92.19  ? 97  ASP A N   1 
ATOM   750  C CA  . ASP A 1 97  ? -18.309 -21.819 7.515   1.00 91.68  ? 97  ASP A CA  1 
ATOM   751  C C   . ASP A 1 97  ? -17.547 -20.495 7.554   1.00 90.67  ? 97  ASP A C   1 
ATOM   752  O O   . ASP A 1 97  ? -16.468 -20.371 6.970   1.00 90.10  ? 97  ASP A O   1 
ATOM   753  C CB  . ASP A 1 97  ? -18.498 -22.240 6.049   1.00 92.57  ? 97  ASP A CB  1 
ATOM   754  C CG  . ASP A 1 97  ? -19.129 -21.141 5.196   1.00 93.02  ? 97  ASP A CG  1 
ATOM   755  O OD1 . ASP A 1 97  ? -20.328 -20.841 5.384   1.00 93.42  ? 97  ASP A OD1 1 
ATOM   756  O OD2 . ASP A 1 97  ? -18.416 -20.570 4.341   1.00 92.90  ? 97  ASP A OD2 1 
ATOM   757  N N   . ALA A 1 98  ? -18.103 -19.500 8.239   1.00 89.06  ? 98  ALA A N   1 
ATOM   758  C CA  . ALA A 1 98  ? -17.441 -18.203 8.311   1.00 86.58  ? 98  ALA A CA  1 
ATOM   759  C C   . ALA A 1 98  ? -17.610 -17.488 9.640   1.00 83.92  ? 98  ALA A C   1 
ATOM   760  O O   . ALA A 1 98  ? -18.562 -17.731 10.378  1.00 83.19  ? 98  ALA A O   1 
ATOM   761  C CB  . ALA A 1 98  ? -17.941 -17.300 7.181   1.00 87.16  ? 98  ALA A CB  1 
ATOM   762  N N   . LEU A 1 99  ? -16.657 -16.606 9.930   1.00 81.45  ? 99  LEU A N   1 
ATOM   763  C CA  . LEU A 1 99  ? -16.685 -15.793 11.139  1.00 78.13  ? 99  LEU A CA  1 
ATOM   764  C C   . LEU A 1 99  ? -17.265 -14.439 10.760  1.00 75.58  ? 99  LEU A C   1 
ATOM   765  O O   . LEU A 1 99  ? -16.877 -13.849 9.746   1.00 74.46  ? 99  LEU A O   1 
ATOM   766  C CB  . LEU A 1 99  ? -15.279 -15.576 11.697  1.00 77.78  ? 99  LEU A CB  1 
ATOM   767  C CG  . LEU A 1 99  ? -14.580 -16.722 12.417  1.00 77.83  ? 99  LEU A CG  1 
ATOM   768  C CD1 . LEU A 1 99  ? -13.222 -16.236 12.898  1.00 77.19  ? 99  LEU A CD1 1 
ATOM   769  C CD2 . LEU A 1 99  ? -15.426 -17.195 13.592  1.00 78.56  ? 99  LEU A CD2 1 
ATOM   770  N N   . TYR A 1 100 ? -18.200 -13.953 11.564  1.00 72.76  ? 100 TYR A N   1 
ATOM   771  C CA  . TYR A 1 100 ? -18.798 -12.654 11.299  1.00 69.73  ? 100 TYR A CA  1 
ATOM   772  C C   . TYR A 1 100 ? -18.110 -11.634 12.180  1.00 66.24  ? 100 TYR A C   1 
ATOM   773  O O   . TYR A 1 100 ? -18.034 -11.796 13.402  1.00 66.21  ? 100 TYR A O   1 
ATOM   774  C CB  . TYR A 1 100 ? -20.306 -12.702 11.551  1.00 71.24  ? 100 TYR A CB  1 
ATOM   775  C CG  . TYR A 1 100 ? -21.015 -13.512 10.488  1.00 72.77  ? 100 TYR A CG  1 
ATOM   776  C CD1 . TYR A 1 100 ? -21.078 -13.054 9.168   1.00 73.32  ? 100 TYR A CD1 1 
ATOM   777  C CD2 . TYR A 1 100 ? -21.561 -14.763 10.782  1.00 73.23  ? 100 TYR A CD2 1 
ATOM   778  C CE1 . TYR A 1 100 ? -21.661 -13.823 8.161   1.00 73.97  ? 100 TYR A CE1 1 
ATOM   779  C CE2 . TYR A 1 100 ? -22.149 -15.545 9.781   1.00 74.18  ? 100 TYR A CE2 1 
ATOM   780  C CZ  . TYR A 1 100 ? -22.196 -15.067 8.473   1.00 74.71  ? 100 TYR A CZ  1 
ATOM   781  O OH  . TYR A 1 100 ? -22.786 -15.822 7.479   1.00 74.76  ? 100 TYR A OH  1 
ATOM   782  N N   . ILE A 1 101 ? -17.572 -10.602 11.540  1.00 61.27  ? 101 ILE A N   1 
ATOM   783  C CA  . ILE A 1 101 ? -16.851 -9.565  12.259  1.00 57.57  ? 101 ILE A CA  1 
ATOM   784  C C   . ILE A 1 101 ? -17.358 -8.186  11.920  1.00 54.99  ? 101 ILE A C   1 
ATOM   785  O O   . ILE A 1 101 ? -17.122 -7.678  10.828  1.00 50.46  ? 101 ILE A O   1 
ATOM   786  C CB  . ILE A 1 101 ? -15.354 -9.569  11.931  1.00 57.94  ? 101 ILE A CB  1 
ATOM   787  C CG1 . ILE A 1 101 ? -14.862 -11.000 11.734  1.00 55.56  ? 101 ILE A CG1 1 
ATOM   788  C CG2 . ILE A 1 101 ? -14.583 -8.870  13.063  1.00 56.36  ? 101 ILE A CG2 1 
ATOM   789  C CD1 . ILE A 1 101 ? -13.474 -11.062 11.173  1.00 55.96  ? 101 ILE A CD1 1 
ATOM   790  N N   . ASN A 1 102 ? -18.032 -7.569  12.878  1.00 54.36  ? 102 ASN A N   1 
ATOM   791  C CA  . ASN A 1 102 ? -18.551 -6.235  12.661  1.00 54.74  ? 102 ASN A CA  1 
ATOM   792  C C   . ASN A 1 102 ? -17.424 -5.233  12.823  1.00 55.09  ? 102 ASN A C   1 
ATOM   793  O O   . ASN A 1 102 ? -16.560 -5.393  13.680  1.00 55.48  ? 102 ASN A O   1 
ATOM   794  C CB  . ASN A 1 102 ? -19.650 -5.916  13.670  1.00 54.30  ? 102 ASN A CB  1 
ATOM   795  C CG  . ASN A 1 102 ? -20.150 -4.498  13.537  1.00 52.63  ? 102 ASN A CG  1 
ATOM   796  O OD1 . ASN A 1 102 ? -20.562 -3.890  14.515  1.00 49.97  ? 102 ASN A OD1 1 
ATOM   797  N ND2 . ASN A 1 102 ? -20.112 -3.963  12.319  1.00 53.56  ? 102 ASN A ND2 1 
ATOM   798  N N   . ILE A 1 103 ? -17.430 -4.209  11.979  1.00 56.08  ? 103 ILE A N   1 
ATOM   799  C CA  . ILE A 1 103 ? -16.424 -3.153  12.038  1.00 56.50  ? 103 ILE A CA  1 
ATOM   800  C C   . ILE A 1 103 ? -17.027 -1.938  12.749  1.00 56.65  ? 103 ILE A C   1 
ATOM   801  O O   . ILE A 1 103 ? -17.862 -1.225  12.183  1.00 55.86  ? 103 ILE A O   1 
ATOM   802  C CB  . ILE A 1 103 ? -15.963 -2.710  10.626  1.00 56.74  ? 103 ILE A CB  1 
ATOM   803  C CG1 . ILE A 1 103 ? -14.991 -3.729  10.041  1.00 55.84  ? 103 ILE A CG1 1 
ATOM   804  C CG2 . ILE A 1 103 ? -15.324 -1.342  10.699  1.00 56.24  ? 103 ILE A CG2 1 
ATOM   805  C CD1 . ILE A 1 103 ? -15.639 -5.020  9.645   1.00 58.37  ? 103 ILE A CD1 1 
ATOM   806  N N   . PRO A 1 104 ? -16.618 -1.696  14.006  1.00 57.45  ? 104 PRO A N   1 
ATOM   807  C CA  . PRO A 1 104 ? -17.156 -0.552  14.745  1.00 58.92  ? 104 PRO A CA  1 
ATOM   808  C C   . PRO A 1 104 ? -16.568 0.762   14.267  1.00 60.75  ? 104 PRO A C   1 
ATOM   809  O O   . PRO A 1 104 ? -15.424 0.800   13.815  1.00 60.97  ? 104 PRO A O   1 
ATOM   810  C CB  . PRO A 1 104 ? -16.760 -0.856  16.187  1.00 57.62  ? 104 PRO A CB  1 
ATOM   811  C CG  . PRO A 1 104 ? -15.441 -1.551  16.022  1.00 57.60  ? 104 PRO A CG  1 
ATOM   812  C CD  . PRO A 1 104 ? -15.705 -2.490  14.854  1.00 57.74  ? 104 PRO A CD  1 
ATOM   813  N N   . PRO A 1 105 ? -17.353 1.856   14.333  1.00 62.50  ? 105 PRO A N   1 
ATOM   814  C CA  . PRO A 1 105 ? -16.814 3.145   13.891  1.00 63.12  ? 105 PRO A CA  1 
ATOM   815  C C   . PRO A 1 105 ? -15.581 3.440   14.744  1.00 64.24  ? 105 PRO A C   1 
ATOM   816  O O   . PRO A 1 105 ? -15.579 3.209   15.952  1.00 63.61  ? 105 PRO A O   1 
ATOM   817  C CB  . PRO A 1 105 ? -17.977 4.115   14.122  1.00 61.86  ? 105 PRO A CB  1 
ATOM   818  C CG  . PRO A 1 105 ? -18.841 3.417   15.151  1.00 63.31  ? 105 PRO A CG  1 
ATOM   819  C CD  . PRO A 1 105 ? -18.764 1.980   14.730  1.00 62.71  ? 105 PRO A CD  1 
ATOM   820  N N   . LEU A 1 106 ? -14.521 3.914   14.103  1.00 66.86  ? 106 LEU A N   1 
ATOM   821  C CA  . LEU A 1 106 ? -13.277 4.194   14.808  1.00 69.87  ? 106 LEU A CA  1 
ATOM   822  C C   . LEU A 1 106 ? -13.304 5.448   15.679  1.00 70.55  ? 106 LEU A C   1 
ATOM   823  O O   . LEU A 1 106 ? -13.989 6.425   15.386  1.00 70.51  ? 106 LEU A O   1 
ATOM   824  C CB  . LEU A 1 106 ? -12.097 4.260   13.814  1.00 71.23  ? 106 LEU A CB  1 
ATOM   825  C CG  . LEU A 1 106 ? -12.143 5.153   12.563  1.00 72.35  ? 106 LEU A CG  1 
ATOM   826  C CD1 . LEU A 1 106 ? -10.769 5.169   11.906  1.00 71.95  ? 106 LEU A CD1 1 
ATOM   827  C CD2 . LEU A 1 106 ? -13.192 4.647   11.569  1.00 72.80  ? 106 LEU A CD2 1 
ATOM   828  N N   . THR A 1 107 ? -12.552 5.386   16.769  1.00 72.31  ? 107 THR A N   1 
ATOM   829  C CA  . THR A 1 107 ? -12.444 6.484   17.717  1.00 75.04  ? 107 THR A CA  1 
ATOM   830  C C   . THR A 1 107 ? -11.660 7.630   17.091  1.00 76.51  ? 107 THR A C   1 
ATOM   831  O O   . THR A 1 107 ? -10.717 7.405   16.338  1.00 76.91  ? 107 THR A O   1 
ATOM   832  C CB  . THR A 1 107 ? -11.699 6.034   18.983  1.00 75.52  ? 107 THR A CB  1 
ATOM   833  O OG1 . THR A 1 107 ? -12.411 4.948   19.598  1.00 75.98  ? 107 THR A OG1 1 
ATOM   834  C CG2 . THR A 1 107 ? -11.559 7.194   19.956  1.00 75.89  ? 107 THR A CG2 1 
ATOM   835  N N   . GLU A 1 108 ? -12.051 8.858   17.406  1.00 78.93  ? 108 GLU A N   1 
ATOM   836  C CA  . GLU A 1 108 ? -11.361 10.031  16.882  1.00 81.29  ? 108 GLU A CA  1 
ATOM   837  C C   . GLU A 1 108 ? -9.943  10.124  17.442  1.00 82.02  ? 108 GLU A C   1 
ATOM   838  O O   . GLU A 1 108 ? -9.280  11.143  17.296  1.00 81.76  ? 108 GLU A O   1 
ATOM   839  C CB  . GLU A 1 108 ? -12.140 11.304  17.219  1.00 82.33  ? 108 GLU A CB  1 
ATOM   840  C CG  . GLU A 1 108 ? -13.358 11.545  16.343  1.00 83.18  ? 108 GLU A CG  1 
ATOM   841  C CD  . GLU A 1 108 ? -13.007 11.630  14.861  1.00 84.72  ? 108 GLU A CD  1 
ATOM   842  O OE1 . GLU A 1 108 ? -11.900 12.112  14.525  1.00 83.42  ? 108 GLU A OE1 1 
ATOM   843  O OE2 . GLU A 1 108 ? -13.845 11.224  14.029  1.00 85.92  ? 108 GLU A OE2 1 
ATOM   844  N N   . GLU A 1 109 ? -9.492  9.059   18.098  1.00 83.48  ? 109 GLU A N   1 
ATOM   845  C CA  . GLU A 1 109 ? -8.140  9.007   18.652  1.00 85.08  ? 109 GLU A CA  1 
ATOM   846  C C   . GLU A 1 109 ? -7.263  8.317   17.615  1.00 85.20  ? 109 GLU A C   1 
ATOM   847  O O   . GLU A 1 109 ? -6.254  8.864   17.164  1.00 85.49  ? 109 GLU A O   1 
ATOM   848  C CB  . GLU A 1 109 ? -8.121  8.211   19.967  1.00 86.59  ? 109 GLU A CB  1 
ATOM   849  C CG  . GLU A 1 109 ? -6.748  7.649   20.342  1.00 89.03  ? 109 GLU A CG  1 
ATOM   850  C CD  . GLU A 1 109 ? -5.718  8.729   20.613  1.00 91.43  ? 109 GLU A CD  1 
ATOM   851  O OE1 . GLU A 1 109 ? -5.901  9.497   21.584  1.00 93.37  ? 109 GLU A OE1 1 
ATOM   852  O OE2 . GLU A 1 109 ? -4.727  8.810   19.854  1.00 92.24  ? 109 GLU A OE2 1 
ATOM   853  N N   . ARG A 1 110 ? -7.668  7.111   17.232  1.00 84.81  ? 110 ARG A N   1 
ATOM   854  C CA  . ARG A 1 110 ? -6.936  6.346   16.231  1.00 84.54  ? 110 ARG A CA  1 
ATOM   855  C C   . ARG A 1 110 ? -7.253  6.917   14.850  1.00 82.82  ? 110 ARG A C   1 
ATOM   856  O O   . ARG A 1 110 ? -6.560  6.640   13.869  1.00 82.95  ? 110 ARG A O   1 
ATOM   857  C CB  . ARG A 1 110 ? -7.334  4.866   16.294  1.00 85.77  ? 110 ARG A CB  1 
ATOM   858  C CG  . ARG A 1 110 ? -7.188  4.263   17.675  1.00 89.14  ? 110 ARG A CG  1 
ATOM   859  C CD  . ARG A 1 110 ? -7.551  2.791   17.684  1.00 91.75  ? 110 ARG A CD  1 
ATOM   860  N NE  . ARG A 1 110 ? -7.703  2.289   19.048  1.00 93.85  ? 110 ARG A NE  1 
ATOM   861  C CZ  . ARG A 1 110 ? -7.936  1.016   19.356  1.00 95.20  ? 110 ARG A CZ  1 
ATOM   862  N NH1 . ARG A 1 110 ? -8.042  0.106   18.397  1.00 95.42  ? 110 ARG A NH1 1 
ATOM   863  N NH2 . ARG A 1 110 ? -8.078  0.653   20.624  1.00 95.56  ? 110 ARG A NH2 1 
ATOM   864  N N   . ARG A 1 111 ? -8.307  7.724   14.785  1.00 79.58  ? 111 ARG A N   1 
ATOM   865  C CA  . ARG A 1 111 ? -8.705  8.349   13.535  1.00 77.08  ? 111 ARG A CA  1 
ATOM   866  C C   . ARG A 1 111 ? -7.666  9.418   13.237  1.00 76.28  ? 111 ARG A C   1 
ATOM   867  O O   . ARG A 1 111 ? -7.387  9.739   12.078  1.00 76.02  ? 111 ARG A O   1 
ATOM   868  C CB  . ARG A 1 111 ? -10.087 8.970   13.690  1.00 77.20  ? 111 ARG A CB  1 
ATOM   869  C CG  . ARG A 1 111 ? -10.813 9.233   12.393  1.00 77.34  ? 111 ARG A CG  1 
ATOM   870  C CD  . ARG A 1 111 ? -12.263 8.834   12.579  1.00 77.11  ? 111 ARG A CD  1 
ATOM   871  N NE  . ARG A 1 111 ? -13.150 9.415   11.585  1.00 76.95  ? 111 ARG A NE  1 
ATOM   872  C CZ  . ARG A 1 111 ? -14.468 9.264   11.600  1.00 78.04  ? 111 ARG A CZ  1 
ATOM   873  N NH1 . ARG A 1 111 ? -15.036 8.544   12.558  1.00 77.75  ? 111 ARG A NH1 1 
ATOM   874  N NH2 . ARG A 1 111 ? -15.215 9.842   10.667  1.00 78.25  ? 111 ARG A NH2 1 
ATOM   875  N N   . LYS A 1 112 ? -7.101  9.968   14.308  1.00 73.79  ? 112 LYS A N   1 
ATOM   876  C CA  . LYS A 1 112 ? -6.062  10.977  14.194  1.00 71.66  ? 112 LYS A CA  1 
ATOM   877  C C   . LYS A 1 112 ? -4.846  10.206  13.734  1.00 71.00  ? 112 LYS A C   1 
ATOM   878  O O   . LYS A 1 112 ? -4.254  10.504  12.701  1.00 71.50  ? 112 LYS A O   1 
ATOM   879  C CB  . LYS A 1 112 ? -5.763  11.621  15.558  1.00 71.86  ? 112 LYS A CB  1 
ATOM   880  C CG  . LYS A 1 112 ? -6.801  12.623  16.063  1.00 71.40  ? 112 LYS A CG  1 
ATOM   881  C CD  . LYS A 1 112 ? -6.416  13.195  17.435  1.00 71.76  ? 112 LYS A CD  1 
ATOM   882  C CE  . LYS A 1 112 ? -7.497  14.134  17.993  1.00 72.06  ? 112 LYS A CE  1 
ATOM   883  N NZ  . LYS A 1 112 ? -7.219  14.605  19.385  1.00 69.35  ? 112 LYS A NZ  1 
ATOM   884  N N   . ASP A 1 113 ? -4.509  9.185   14.516  1.00 70.18  ? 113 ASP A N   1 
ATOM   885  C CA  . ASP A 1 113 ? -3.366  8.315   14.252  1.00 69.20  ? 113 ASP A CA  1 
ATOM   886  C C   . ASP A 1 113 ? -3.380  7.714   12.850  1.00 67.27  ? 113 ASP A C   1 
ATOM   887  O O   . ASP A 1 113 ? -2.356  7.236   12.355  1.00 66.57  ? 113 ASP A O   1 
ATOM   888  C CB  . ASP A 1 113 ? -3.322  7.171   15.280  1.00 71.86  ? 113 ASP A CB  1 
ATOM   889  C CG  . ASP A 1 113 ? -2.772  7.605   16.626  1.00 74.51  ? 113 ASP A CG  1 
ATOM   890  O OD1 . ASP A 1 113 ? -1.572  7.951   16.678  1.00 75.19  ? 113 ASP A OD1 1 
ATOM   891  O OD2 . ASP A 1 113 ? -3.536  7.592   17.622  1.00 75.33  ? 113 ASP A OD2 1 
ATOM   892  N N   . LEU A 1 114 ? -4.545  7.725   12.215  1.00 63.87  ? 114 LEU A N   1 
ATOM   893  C CA  . LEU A 1 114 ? -4.665  7.168   10.878  1.00 61.03  ? 114 LEU A CA  1 
ATOM   894  C C   . LEU A 1 114 ? -4.522  8.199   9.760   1.00 59.56  ? 114 LEU A C   1 
ATOM   895  O O   . LEU A 1 114 ? -3.777  7.983   8.800   1.00 57.58  ? 114 LEU A O   1 
ATOM   896  C CB  . LEU A 1 114 ? -5.988  6.410   10.751  1.00 59.83  ? 114 LEU A CB  1 
ATOM   897  C CG  . LEU A 1 114 ? -5.937  4.897   11.009  1.00 60.54  ? 114 LEU A CG  1 
ATOM   898  C CD1 . LEU A 1 114 ? -4.746  4.518   11.887  1.00 61.39  ? 114 LEU A CD1 1 
ATOM   899  C CD2 . LEU A 1 114 ? -7.243  4.474   11.648  1.00 59.36  ? 114 LEU A CD2 1 
ATOM   900  N N   . VAL A 1 115 ? -5.218  9.323   9.874   1.00 56.98  ? 115 VAL A N   1 
ATOM   901  C CA  . VAL A 1 115 ? -5.101  10.322  8.831   1.00 55.79  ? 115 VAL A CA  1 
ATOM   902  C C   . VAL A 1 115 ? -3.699  10.878  8.826   1.00 56.06  ? 115 VAL A C   1 
ATOM   903  O O   . VAL A 1 115 ? -3.144  11.164  7.766   1.00 56.10  ? 115 VAL A O   1 
ATOM   904  C CB  . VAL A 1 115 ? -6.080  11.469  9.023   1.00 54.36  ? 115 VAL A CB  1 
ATOM   905  C CG1 . VAL A 1 115 ? -5.858  12.513  7.941   1.00 53.40  ? 115 VAL A CG1 1 
ATOM   906  C CG2 . VAL A 1 115 ? -7.498  10.945  8.968   1.00 55.57  ? 115 VAL A CG2 1 
ATOM   907  N N   . ARG A 1 116 ? -3.122  11.021  10.014  1.00 56.29  ? 116 ARG A N   1 
ATOM   908  C CA  . ARG A 1 116 ? -1.766  11.541  10.122  1.00 56.27  ? 116 ARG A CA  1 
ATOM   909  C C   . ARG A 1 116 ? -0.780  10.557  9.505   1.00 54.54  ? 116 ARG A C   1 
ATOM   910  O O   . ARG A 1 116 ? 0.142   10.951  8.790   1.00 55.08  ? 116 ARG A O   1 
ATOM   911  C CB  . ARG A 1 116 ? -1.385  11.789  11.589  1.00 59.48  ? 116 ARG A CB  1 
ATOM   912  C CG  . ARG A 1 116 ? -1.403  10.553  12.487  1.00 62.29  ? 116 ARG A CG  1 
ATOM   913  C CD  . ARG A 1 116 ? -0.435  10.709  13.669  1.00 66.24  ? 116 ARG A CD  1 
ATOM   914  N NE  . ARG A 1 116 ? -0.595  11.979  14.389  1.00 69.33  ? 116 ARG A NE  1 
ATOM   915  C CZ  . ARG A 1 116 ? -1.634  12.291  15.164  1.00 69.37  ? 116 ARG A CZ  1 
ATOM   916  N NH1 . ARG A 1 116 ? -2.622  11.423  15.335  1.00 69.44  ? 116 ARG A NH1 1 
ATOM   917  N NH2 . ARG A 1 116 ? -1.683  13.476  15.766  1.00 69.45  ? 116 ARG A NH2 1 
ATOM   918  N N   . ALA A 1 117 ? -0.982  9.274   9.781   1.00 51.05  ? 117 ALA A N   1 
ATOM   919  C CA  . ALA A 1 117 ? -0.108  8.245   9.243   1.00 49.08  ? 117 ALA A CA  1 
ATOM   920  C C   . ALA A 1 117 ? -0.111  8.271   7.712   1.00 48.81  ? 117 ALA A C   1 
ATOM   921  O O   . ALA A 1 117 ? 0.953   8.203   7.084   1.00 48.94  ? 117 ALA A O   1 
ATOM   922  C CB  . ALA A 1 117 ? -0.550  6.883   9.744   1.00 48.42  ? 117 ALA A CB  1 
ATOM   923  N N   . VAL A 1 118 ? -1.307  8.370   7.127   1.00 46.04  ? 118 VAL A N   1 
ATOM   924  C CA  . VAL A 1 118 ? -1.476  8.416   5.676   1.00 43.28  ? 118 VAL A CA  1 
ATOM   925  C C   . VAL A 1 118 ? -0.683  9.563   5.066   1.00 42.94  ? 118 VAL A C   1 
ATOM   926  O O   . VAL A 1 118 ? 0.077   9.370   4.131   1.00 40.98  ? 118 VAL A O   1 
ATOM   927  C CB  . VAL A 1 118 ? -2.971  8.599   5.276   1.00 42.02  ? 118 VAL A CB  1 
ATOM   928  C CG1 . VAL A 1 118 ? -3.096  8.792   3.769   1.00 38.24  ? 118 VAL A CG1 1 
ATOM   929  C CG2 . VAL A 1 118 ? -3.771  7.407   5.697   1.00 39.33  ? 118 VAL A CG2 1 
ATOM   930  N N   . ARG A 1 119 ? -0.869  10.760  5.601   1.00 45.46  ? 119 ARG A N   1 
ATOM   931  C CA  . ARG A 1 119 ? -0.166  11.934  5.091   1.00 49.34  ? 119 ARG A CA  1 
ATOM   932  C C   . ARG A 1 119 ? 1.341   11.845  5.294   1.00 49.67  ? 119 ARG A C   1 
ATOM   933  O O   . ARG A 1 119 ? 2.122   12.379  4.506   1.00 49.94  ? 119 ARG A O   1 
ATOM   934  C CB  . ARG A 1 119 ? -0.705  13.191  5.761   1.00 51.44  ? 119 ARG A CB  1 
ATOM   935  C CG  . ARG A 1 119 ? -2.184  13.435  5.477   1.00 55.62  ? 119 ARG A CG  1 
ATOM   936  C CD  . ARG A 1 119 ? -2.651  14.702  6.148   1.00 57.37  ? 119 ARG A CD  1 
ATOM   937  N NE  . ARG A 1 119 ? -1.850  15.858  5.740   1.00 58.96  ? 119 ARG A NE  1 
ATOM   938  C CZ  . ARG A 1 119 ? -1.911  16.418  4.536   1.00 57.32  ? 119 ARG A CZ  1 
ATOM   939  N NH1 . ARG A 1 119 ? -2.736  15.924  3.629   1.00 55.12  ? 119 ARG A NH1 1 
ATOM   940  N NH2 . ARG A 1 119 ? -1.162  17.476  4.248   1.00 56.89  ? 119 ARG A NH2 1 
ATOM   941  N N   . GLN A 1 120 ? 1.745   11.152  6.350   1.00 50.36  ? 120 GLN A N   1 
ATOM   942  C CA  . GLN A 1 120 ? 3.157   10.987  6.642   1.00 50.82  ? 120 GLN A CA  1 
ATOM   943  C C   . GLN A 1 120 ? 3.736   10.045  5.588   1.00 48.73  ? 120 GLN A C   1 
ATOM   944  O O   . GLN A 1 120 ? 4.830   10.255  5.083   1.00 47.97  ? 120 GLN A O   1 
ATOM   945  C CB  . GLN A 1 120 ? 3.343   10.395  8.046   1.00 55.43  ? 120 GLN A CB  1 
ATOM   946  C CG  . GLN A 1 120 ? 4.746   10.585  8.642   1.00 61.23  ? 120 GLN A CG  1 
ATOM   947  C CD  . GLN A 1 120 ? 4.951   11.969  9.260   1.00 65.95  ? 120 GLN A CD  1 
ATOM   948  O OE1 . GLN A 1 120 ? 4.440   12.260  10.350  1.00 68.29  ? 120 GLN A OE1 1 
ATOM   949  N NE2 . GLN A 1 120 ? 5.694   12.832  8.562   1.00 66.51  ? 120 GLN A NE2 1 
ATOM   950  N N   . TYR A 1 121 ? 2.986   9.004   5.257   1.00 48.42  ? 121 TYR A N   1 
ATOM   951  C CA  . TYR A 1 121 ? 3.435   8.042   4.256   1.00 47.45  ? 121 TYR A CA  1 
ATOM   952  C C   . TYR A 1 121 ? 3.448   8.669   2.875   1.00 45.54  ? 121 TYR A C   1 
ATOM   953  O O   . TYR A 1 121 ? 4.329   8.396   2.062   1.00 42.82  ? 121 TYR A O   1 
ATOM   954  C CB  . TYR A 1 121 ? 2.522   6.816   4.232   1.00 49.21  ? 121 TYR A CB  1 
ATOM   955  C CG  . TYR A 1 121 ? 2.734   5.849   5.374   1.00 53.32  ? 121 TYR A CG  1 
ATOM   956  C CD1 . TYR A 1 121 ? 4.026   5.506   5.794   1.00 53.28  ? 121 TYR A CD1 1 
ATOM   957  C CD2 . TYR A 1 121 ? 1.645   5.235   6.006   1.00 53.75  ? 121 TYR A CD2 1 
ATOM   958  C CE1 . TYR A 1 121 ? 4.229   4.575   6.814   1.00 53.42  ? 121 TYR A CE1 1 
ATOM   959  C CE2 . TYR A 1 121 ? 1.838   4.298   7.026   1.00 54.80  ? 121 TYR A CE2 1 
ATOM   960  C CZ  . TYR A 1 121 ? 3.131   3.975   7.422   1.00 55.44  ? 121 TYR A CZ  1 
ATOM   961  O OH  . TYR A 1 121 ? 3.317   3.051   8.426   1.00 59.25  ? 121 TYR A OH  1 
ATOM   962  N N   . ALA A 1 122 ? 2.455   9.507   2.618   1.00 44.36  ? 122 ALA A N   1 
ATOM   963  C CA  . ALA A 1 122 ? 2.347   10.186  1.338   1.00 44.78  ? 122 ALA A CA  1 
ATOM   964  C C   . ALA A 1 122 ? 3.581   11.042  1.057   1.00 44.04  ? 122 ALA A C   1 
ATOM   965  O O   . ALA A 1 122 ? 4.175   10.954  -0.021  1.00 41.43  ? 122 ALA A O   1 
ATOM   966  C CB  . ALA A 1 122 ? 1.085   11.054  1.314   1.00 45.46  ? 122 ALA A CB  1 
ATOM   967  N N   . GLU A 1 123 ? 3.968   11.872  2.023   1.00 44.41  ? 123 GLU A N   1 
ATOM   968  C CA  . GLU A 1 123 ? 5.134   12.726  1.823   1.00 45.24  ? 123 GLU A CA  1 
ATOM   969  C C   . GLU A 1 123 ? 6.402   11.880  1.719   1.00 42.54  ? 123 GLU A C   1 
ATOM   970  O O   . GLU A 1 123 ? 7.351   12.253  1.019   1.00 40.14  ? 123 GLU A O   1 
ATOM   971  C CB  . GLU A 1 123 ? 5.264   13.761  2.943   1.00 47.62  ? 123 GLU A CB  1 
ATOM   972  C CG  . GLU A 1 123 ? 6.227   14.900  2.586   1.00 52.77  ? 123 GLU A CG  1 
ATOM   973  C CD  . GLU A 1 123 ? 5.819   15.663  1.303   1.00 56.92  ? 123 GLU A CD  1 
ATOM   974  O OE1 . GLU A 1 123 ? 4.621   15.992  1.151   1.00 56.15  ? 123 GLU A OE1 1 
ATOM   975  O OE2 . GLU A 1 123 ? 6.695   15.945  0.451   1.00 56.75  ? 123 GLU A OE2 1 
ATOM   976  N N   . GLU A 1 124 ? 6.408   10.739  2.407   1.00 39.53  ? 124 GLU A N   1 
ATOM   977  C CA  . GLU A 1 124 ? 7.548   9.829   2.333   1.00 40.78  ? 124 GLU A CA  1 
ATOM   978  C C   . GLU A 1 124 ? 7.623   9.296   0.901   1.00 39.20  ? 124 GLU A C   1 
ATOM   979  O O   . GLU A 1 124 ? 8.702   9.030   0.366   1.00 39.12  ? 124 GLU A O   1 
ATOM   980  C CB  . GLU A 1 124 ? 7.382   8.652   3.300   1.00 42.28  ? 124 GLU A CB  1 
ATOM   981  C CG  . GLU A 1 124 ? 7.877   8.916   4.717   1.00 48.23  ? 124 GLU A CG  1 
ATOM   982  C CD  . GLU A 1 124 ? 7.693   7.711   5.635   1.00 50.34  ? 124 GLU A CD  1 
ATOM   983  O OE1 . GLU A 1 124 ? 8.010   6.588   5.192   1.00 52.36  ? 124 GLU A OE1 1 
ATOM   984  O OE2 . GLU A 1 124 ? 7.245   7.882   6.792   1.00 51.13  ? 124 GLU A OE2 1 
ATOM   985  N N   . GLY A 1 125 ? 6.460   9.145   0.288   1.00 36.10  ? 125 GLY A N   1 
ATOM   986  C CA  . GLY A 1 125 ? 6.416   8.669   -1.077  1.00 33.49  ? 125 GLY A CA  1 
ATOM   987  C C   . GLY A 1 125 ? 6.974   9.721   -2.013  1.00 31.46  ? 125 GLY A C   1 
ATOM   988  O O   . GLY A 1 125 ? 7.843   9.443   -2.827  1.00 31.95  ? 125 GLY A O   1 
ATOM   989  N N   . ARG A 1 126 ? 6.484   10.942  -1.885  1.00 29.53  ? 126 ARG A N   1 
ATOM   990  C CA  . ARG A 1 126 ? 6.958   12.023  -2.736  1.00 31.15  ? 126 ARG A CA  1 
ATOM   991  C C   . ARG A 1 126 ? 8.455   12.271  -2.604  1.00 30.61  ? 126 ARG A C   1 
ATOM   992  O O   . ARG A 1 126 ? 9.146   12.505  -3.598  1.00 30.93  ? 126 ARG A O   1 
ATOM   993  C CB  . ARG A 1 126 ? 6.225   13.321  -2.416  1.00 32.14  ? 126 ARG A CB  1 
ATOM   994  C CG  . ARG A 1 126 ? 4.728   13.216  -2.426  1.00 32.83  ? 126 ARG A CG  1 
ATOM   995  C CD  . ARG A 1 126 ? 4.090   14.586  -2.320  1.00 32.23  ? 126 ARG A CD  1 
ATOM   996  N NE  . ARG A 1 126 ? 2.656   14.441  -2.125  1.00 35.51  ? 126 ARG A NE  1 
ATOM   997  C CZ  . ARG A 1 126 ? 2.091   14.162  -0.957  1.00 35.75  ? 126 ARG A CZ  1 
ATOM   998  N NH1 . ARG A 1 126 ? 2.839   14.015  0.126   1.00 38.91  ? 126 ARG A NH1 1 
ATOM   999  N NH2 . ARG A 1 126 ? 0.783   13.995  -0.884  1.00 37.43  ? 126 ARG A NH2 1 
ATOM   1000 N N   . VAL A 1 127 ? 8.949   12.232  -1.370  1.00 29.85  ? 127 VAL A N   1 
ATOM   1001 C CA  . VAL A 1 127 ? 10.366  12.464  -1.105  1.00 29.39  ? 127 VAL A CA  1 
ATOM   1002 C C   . VAL A 1 127 ? 11.217  11.457  -1.840  1.00 30.35  ? 127 VAL A C   1 
ATOM   1003 O O   . VAL A 1 127 ? 12.257  11.796  -2.415  1.00 32.20  ? 127 VAL A O   1 
ATOM   1004 C CB  . VAL A 1 127 ? 10.677  12.372  0.404   1.00 31.42  ? 127 VAL A CB  1 
ATOM   1005 C CG1 . VAL A 1 127 ? 12.191  12.305  0.623   1.00 30.30  ? 127 VAL A CG1 1 
ATOM   1006 C CG2 . VAL A 1 127 ? 10.084  13.579  1.123   1.00 25.52  ? 127 VAL A CG2 1 
ATOM   1007 N N   . ALA A 1 128 ? 10.754  10.215  -1.819  1.00 28.59  ? 128 ALA A N   1 
ATOM   1008 C CA  . ALA A 1 128 ? 11.429  9.124   -2.495  1.00 26.87  ? 128 ALA A CA  1 
ATOM   1009 C C   . ALA A 1 128 ? 11.401  9.359   -4.002  1.00 28.08  ? 128 ALA A C   1 
ATOM   1010 O O   . ALA A 1 128 ? 12.389  9.172   -4.699  1.00 29.33  ? 128 ALA A O   1 
ATOM   1011 C CB  . ALA A 1 128 ? 10.727  7.815   -2.163  1.00 23.92  ? 128 ALA A CB  1 
ATOM   1012 N N   . ILE A 1 129 ? 10.249  9.774   -4.499  1.00 28.50  ? 129 ILE A N   1 
ATOM   1013 C CA  . ILE A 1 129 ? 10.092  10.005  -5.922  1.00 27.09  ? 129 ILE A CA  1 
ATOM   1014 C C   . ILE A 1 129 ? 10.926  11.196  -6.400  1.00 27.62  ? 129 ILE A C   1 
ATOM   1015 O O   . ILE A 1 129 ? 11.579  11.127  -7.438  1.00 26.18  ? 129 ILE A O   1 
ATOM   1016 C CB  . ILE A 1 129 ? 8.581   10.179  -6.257  1.00 23.69  ? 129 ILE A CB  1 
ATOM   1017 C CG1 . ILE A 1 129 ? 7.892   8.811   -6.182  1.00 22.62  ? 129 ILE A CG1 1 
ATOM   1018 C CG2 . ILE A 1 129 ? 8.408   10.834  -7.614  1.00 17.77  ? 129 ILE A CG2 1 
ATOM   1019 C CD1 . ILE A 1 129 ? 6.382   8.873   -6.295  1.00 25.86  ? 129 ILE A CD1 1 
ATOM   1020 N N   . ARG A 1 130 ? 10.923  12.280  -5.637  1.00 29.67  ? 130 ARG A N   1 
ATOM   1021 C CA  . ARG A 1 130 ? 11.706  13.458  -6.009  1.00 30.78  ? 130 ARG A CA  1 
ATOM   1022 C C   . ARG A 1 130 ? 13.202  13.134  -5.955  1.00 30.65  ? 130 ARG A C   1 
ATOM   1023 O O   . ARG A 1 130 ? 13.988  13.659  -6.735  1.00 30.84  ? 130 ARG A O   1 
ATOM   1024 C CB  . ARG A 1 130 ? 11.351  14.626  -5.083  1.00 31.20  ? 130 ARG A CB  1 
ATOM   1025 C CG  . ARG A 1 130 ? 9.894   15.034  -5.230  1.00 32.23  ? 130 ARG A CG  1 
ATOM   1026 C CD  . ARG A 1 130 ? 9.514   16.212  -4.362  1.00 33.95  ? 130 ARG A CD  1 
ATOM   1027 N NE  . ARG A 1 130 ? 8.250   16.800  -4.813  1.00 37.74  ? 130 ARG A NE  1 
ATOM   1028 C CZ  . ARG A 1 130 ? 7.139   16.889  -4.080  1.00 37.54  ? 130 ARG A CZ  1 
ATOM   1029 N NH1 . ARG A 1 130 ? 7.111   16.425  -2.832  1.00 36.52  ? 130 ARG A NH1 1 
ATOM   1030 N NH2 . ARG A 1 130 ? 6.052   17.454  -4.603  1.00 34.03  ? 130 ARG A NH2 1 
ATOM   1031 N N   . ASN A 1 131 ? 13.582  12.243  -5.046  1.00 30.75  ? 131 ASN A N   1 
ATOM   1032 C CA  . ASN A 1 131 ? 14.964  11.826  -4.928  1.00 29.87  ? 131 ASN A CA  1 
ATOM   1033 C C   . ASN A 1 131 ? 15.345  10.937  -6.090  1.00 31.28  ? 131 ASN A C   1 
ATOM   1034 O O   . ASN A 1 131 ? 16.511  10.886  -6.506  1.00 32.82  ? 131 ASN A O   1 
ATOM   1035 C CB  . ASN A 1 131 ? 15.178  11.076  -3.618  1.00 31.38  ? 131 ASN A CB  1 
ATOM   1036 C CG  . ASN A 1 131 ? 15.471  12.015  -2.463  1.00 35.64  ? 131 ASN A CG  1 
ATOM   1037 O OD1 . ASN A 1 131 ? 15.457  11.622  -1.299  1.00 36.24  ? 131 ASN A OD1 1 
ATOM   1038 N ND2 . ASN A 1 131 ? 15.750  13.269  -2.790  1.00 38.05  ? 131 ASN A ND2 1 
ATOM   1039 N N   . ILE A 1 132 ? 14.368  10.217  -6.621  1.00 30.25  ? 132 ILE A N   1 
ATOM   1040 C CA  . ILE A 1 132 ? 14.668  9.365   -7.748  1.00 31.83  ? 132 ILE A CA  1 
ATOM   1041 C C   . ILE A 1 132 ? 14.872  10.280  -8.952  1.00 32.45  ? 132 ILE A C   1 
ATOM   1042 O O   . ILE A 1 132 ? 15.779  10.057  -9.755  1.00 34.46  ? 132 ILE A O   1 
ATOM   1043 C CB  . ILE A 1 132 ? 13.552  8.328   -7.992  1.00 31.62  ? 132 ILE A CB  1 
ATOM   1044 C CG1 . ILE A 1 132 ? 13.559  7.304   -6.859  1.00 30.72  ? 132 ILE A CG1 1 
ATOM   1045 C CG2 . ILE A 1 132 ? 13.761  7.636   -9.338  1.00 28.77  ? 132 ILE A CG2 1 
ATOM   1046 C CD1 . ILE A 1 132 ? 12.386  6.353   -6.887  1.00 32.79  ? 132 ILE A CD1 1 
ATOM   1047 N N   . ARG A 1 133 ? 14.051  11.325  -9.060  1.00 31.68  ? 133 ARG A N   1 
ATOM   1048 C CA  . ARG A 1 133 ? 14.209  12.290  -10.150 1.00 31.64  ? 133 ARG A CA  1 
ATOM   1049 C C   . ARG A 1 133 ? 15.603  12.892  -10.003 1.00 32.56  ? 133 ARG A C   1 
ATOM   1050 O O   . ARG A 1 133 ? 16.347  13.060  -10.973 1.00 31.18  ? 133 ARG A O   1 
ATOM   1051 C CB  . ARG A 1 133 ? 13.169  13.413  -10.052 1.00 28.70  ? 133 ARG A CB  1 
ATOM   1052 C CG  . ARG A 1 133 ? 13.507  14.643  -10.902 1.00 29.75  ? 133 ARG A CG  1 
ATOM   1053 C CD  . ARG A 1 133 ? 12.400  15.709  -10.895 1.00 31.07  ? 133 ARG A CD  1 
ATOM   1054 N NE  . ARG A 1 133 ? 12.204  16.281  -9.563  1.00 37.94  ? 133 ARG A NE  1 
ATOM   1055 C CZ  . ARG A 1 133 ? 11.177  17.056  -9.205  1.00 38.66  ? 133 ARG A CZ  1 
ATOM   1056 N NH1 . ARG A 1 133 ? 10.230  17.367  -10.074 1.00 35.51  ? 133 ARG A NH1 1 
ATOM   1057 N NH2 . ARG A 1 133 ? 11.099  17.526  -7.964  1.00 41.40  ? 133 ARG A NH2 1 
ATOM   1058 N N   . ARG A 1 134 ? 15.955  13.200  -8.766  1.00 31.98  ? 134 ARG A N   1 
ATOM   1059 C CA  . ARG A 1 134 ? 17.248  13.788  -8.495  1.00 36.35  ? 134 ARG A CA  1 
ATOM   1060 C C   . ARG A 1 134 ? 18.386  12.903  -9.000  1.00 37.71  ? 134 ARG A C   1 
ATOM   1061 O O   . ARG A 1 134 ? 19.318  13.391  -9.650  1.00 39.02  ? 134 ARG A O   1 
ATOM   1062 C CB  . ARG A 1 134 ? 17.422  14.035  -6.996  1.00 36.75  ? 134 ARG A CB  1 
ATOM   1063 C CG  . ARG A 1 134 ? 18.500  15.047  -6.688  1.00 39.33  ? 134 ARG A CG  1 
ATOM   1064 C CD  . ARG A 1 134 ? 19.064  14.854  -5.294  1.00 43.53  ? 134 ARG A CD  1 
ATOM   1065 N NE  . ARG A 1 134 ? 20.072  13.793  -5.265  1.00 43.24  ? 134 ARG A NE  1 
ATOM   1066 C CZ  . ARG A 1 134 ? 19.931  12.638  -4.624  1.00 42.49  ? 134 ARG A CZ  1 
ATOM   1067 N NH1 . ARG A 1 134 ? 18.818  12.380  -3.948  1.00 40.74  ? 134 ARG A NH1 1 
ATOM   1068 N NH2 . ARG A 1 134 ? 20.907  11.742  -4.665  1.00 42.43  ? 134 ARG A NH2 1 
ATOM   1069 N N   . GLU A 1 135 ? 18.312  11.605  -8.712  1.00 36.66  ? 135 GLU A N   1 
ATOM   1070 C CA  . GLU A 1 135 ? 19.366  10.696  -9.148  1.00 35.88  ? 135 GLU A CA  1 
ATOM   1071 C C   . GLU A 1 135 ? 19.384  10.565  -10.668 1.00 35.46  ? 135 GLU A C   1 
ATOM   1072 O O   . GLU A 1 135 ? 20.447  10.477  -11.285 1.00 34.54  ? 135 GLU A O   1 
ATOM   1073 C CB  . GLU A 1 135 ? 19.185  9.310   -8.513  1.00 38.16  ? 135 GLU A CB  1 
ATOM   1074 C CG  . GLU A 1 135 ? 19.173  9.291   -6.981  1.00 42.01  ? 135 GLU A CG  1 
ATOM   1075 C CD  . GLU A 1 135 ? 18.861  7.908   -6.396  1.00 44.37  ? 135 GLU A CD  1 
ATOM   1076 O OE1 . GLU A 1 135 ? 17.912  7.252   -6.882  1.00 42.57  ? 135 GLU A OE1 1 
ATOM   1077 O OE2 . GLU A 1 135 ? 19.559  7.486   -5.440  1.00 45.65  ? 135 GLU A OE2 1 
ATOM   1078 N N   . ALA A 1 136 ? 18.201  10.557  -11.268 1.00 36.12  ? 136 ALA A N   1 
ATOM   1079 C CA  . ALA A 1 136 ? 18.076  10.432  -12.716 1.00 35.78  ? 136 ALA A CA  1 
ATOM   1080 C C   . ALA A 1 136 ? 18.669  11.644  -13.421 1.00 36.44  ? 136 ALA A C   1 
ATOM   1081 O O   . ALA A 1 136 ? 19.301  11.521  -14.468 1.00 35.57  ? 136 ALA A O   1 
ATOM   1082 C CB  . ALA A 1 136 ? 16.617  10.263  -13.097 1.00 34.45  ? 136 ALA A CB  1 
ATOM   1083 N N   . LEU A 1 137 ? 18.466  12.815  -12.832 1.00 37.44  ? 137 LEU A N   1 
ATOM   1084 C CA  . LEU A 1 137 ? 18.997  14.041  -13.398 1.00 38.25  ? 137 LEU A CA  1 
ATOM   1085 C C   . LEU A 1 137 ? 20.529  14.044  -13.290 1.00 39.59  ? 137 LEU A C   1 
ATOM   1086 O O   . LEU A 1 137 ? 21.228  14.454  -14.218 1.00 40.71  ? 137 LEU A O   1 
ATOM   1087 C CB  . LEU A 1 137 ? 18.360  15.256  -12.699 1.00 37.75  ? 137 LEU A CB  1 
ATOM   1088 C CG  . LEU A 1 137 ? 17.122  15.906  -13.376 1.00 38.88  ? 137 LEU A CG  1 
ATOM   1089 C CD1 . LEU A 1 137 ? 16.148  14.852  -13.886 1.00 41.08  ? 137 LEU A CD1 1 
ATOM   1090 C CD2 . LEU A 1 137 ? 16.407  16.828  -12.399 1.00 32.79  ? 137 LEU A CD2 1 
ATOM   1091 N N   . ASP A 1 138 ? 21.061  13.567  -12.172 1.00 40.32  ? 138 ASP A N   1 
ATOM   1092 C CA  . ASP A 1 138 ? 22.511  13.497  -12.025 1.00 41.17  ? 138 ASP A CA  1 
ATOM   1093 C C   . ASP A 1 138 ? 23.093  12.593  -13.110 1.00 42.16  ? 138 ASP A C   1 
ATOM   1094 O O   . ASP A 1 138 ? 24.123  12.908  -13.714 1.00 41.90  ? 138 ASP A O   1 
ATOM   1095 C CB  . ASP A 1 138 ? 22.900  12.940  -10.653 1.00 42.20  ? 138 ASP A CB  1 
ATOM   1096 C CG  . ASP A 1 138 ? 22.755  13.955  -9.549  1.00 46.24  ? 138 ASP A CG  1 
ATOM   1097 O OD1 . ASP A 1 138 ? 22.635  15.156  -9.879  1.00 48.40  ? 138 ASP A OD1 1 
ATOM   1098 O OD2 . ASP A 1 138 ? 22.774  13.550  -8.360  1.00 46.08  ? 138 ASP A OD2 1 
ATOM   1099 N N   . LYS A 1 139 ? 22.433  11.464  -13.353 1.00 40.85  ? 139 LYS A N   1 
ATOM   1100 C CA  . LYS A 1 139 ? 22.898  10.538  -14.372 1.00 41.14  ? 139 LYS A CA  1 
ATOM   1101 C C   . LYS A 1 139 ? 22.758  11.166  -15.755 1.00 41.28  ? 139 LYS A C   1 
ATOM   1102 O O   . LYS A 1 139 ? 23.559  10.906  -16.657 1.00 40.28  ? 139 LYS A O   1 
ATOM   1103 C CB  . LYS A 1 139 ? 22.103  9.234   -14.323 1.00 43.15  ? 139 LYS A CB  1 
ATOM   1104 C CG  . LYS A 1 139 ? 22.218  8.483   -13.022 1.00 45.99  ? 139 LYS A CG  1 
ATOM   1105 C CD  . LYS A 1 139 ? 21.666  7.077   -13.161 1.00 48.48  ? 139 LYS A CD  1 
ATOM   1106 C CE  . LYS A 1 139 ? 21.812  6.307   -11.854 1.00 52.23  ? 139 LYS A CE  1 
ATOM   1107 N NZ  . LYS A 1 139 ? 21.399  4.876   -11.961 1.00 52.35  ? 139 LYS A NZ  1 
ATOM   1108 N N   . LEU A 1 140 ? 21.737  11.998  -15.925 1.00 39.42  ? 140 LEU A N   1 
ATOM   1109 C CA  . LEU A 1 140 ? 21.551  12.641  -17.210 1.00 38.56  ? 140 LEU A CA  1 
ATOM   1110 C C   . LEU A 1 140 ? 22.654  13.662  -17.414 1.00 39.61  ? 140 LEU A C   1 
ATOM   1111 O O   . LEU A 1 140 ? 23.100  13.875  -18.536 1.00 39.03  ? 140 LEU A O   1 
ATOM   1112 C CB  . LEU A 1 140 ? 20.173  13.316  -17.306 1.00 37.13  ? 140 LEU A CB  1 
ATOM   1113 C CG  . LEU A 1 140 ? 19.811  13.957  -18.662 1.00 34.75  ? 140 LEU A CG  1 
ATOM   1114 C CD1 . LEU A 1 140 ? 20.015  12.978  -19.804 1.00 33.92  ? 140 LEU A CD1 1 
ATOM   1115 C CD2 . LEU A 1 140 ? 18.367  14.425  -18.633 1.00 33.74  ? 140 LEU A CD2 1 
ATOM   1116 N N   . LYS A 1 141 ? 23.125  14.276  -16.333 1.00 42.24  ? 141 LYS A N   1 
ATOM   1117 C CA  . LYS A 1 141 ? 24.192  15.259  -16.485 1.00 45.07  ? 141 LYS A CA  1 
ATOM   1118 C C   . LYS A 1 141 ? 25.466  14.604  -17.003 1.00 45.62  ? 141 LYS A C   1 
ATOM   1119 O O   . LYS A 1 141 ? 26.119  15.121  -17.910 1.00 47.14  ? 141 LYS A O   1 
ATOM   1120 C CB  . LYS A 1 141 ? 24.495  15.978  -15.169 1.00 46.77  ? 141 LYS A CB  1 
ATOM   1121 C CG  . LYS A 1 141 ? 25.356  17.206  -15.399 1.00 51.07  ? 141 LYS A CG  1 
ATOM   1122 C CD  . LYS A 1 141 ? 25.549  18.050  -14.156 1.00 55.61  ? 141 LYS A CD  1 
ATOM   1123 C CE  . LYS A 1 141 ? 26.671  17.519  -13.285 1.00 58.65  ? 141 LYS A CE  1 
ATOM   1124 N NZ  . LYS A 1 141 ? 27.000  18.479  -12.195 1.00 61.56  ? 141 LYS A NZ  1 
ATOM   1125 N N   . LYS A 1 142 ? 25.821  13.457  -16.441 1.00 45.19  ? 142 LYS A N   1 
ATOM   1126 C CA  . LYS A 1 142 ? 27.028  12.770  -16.887 1.00 46.27  ? 142 LYS A CA  1 
ATOM   1127 C C   . LYS A 1 142 ? 26.845  12.199  -18.290 1.00 45.62  ? 142 LYS A C   1 
ATOM   1128 O O   . LYS A 1 142 ? 27.712  12.335  -19.160 1.00 45.36  ? 142 LYS A O   1 
ATOM   1129 C CB  . LYS A 1 142 ? 27.403  11.638  -15.913 1.00 47.85  ? 142 LYS A CB  1 
ATOM   1130 C CG  . LYS A 1 142 ? 27.949  12.093  -14.554 1.00 52.55  ? 142 LYS A CG  1 
ATOM   1131 C CD  . LYS A 1 142 ? 29.190  12.996  -14.701 1.00 58.58  ? 142 LYS A CD  1 
ATOM   1132 C CE  . LYS A 1 142 ? 28.835  14.496  -14.848 1.00 61.18  ? 142 LYS A CE  1 
ATOM   1133 N NZ  . LYS A 1 142 ? 30.019  15.401  -15.022 1.00 62.41  ? 142 LYS A NZ  1 
ATOM   1134 N N   . LEU A 1 143 ? 25.701  11.569  -18.510 1.00 43.29  ? 143 LEU A N   1 
ATOM   1135 C CA  . LEU A 1 143 ? 25.414  10.962  -19.791 1.00 41.79  ? 143 LEU A CA  1 
ATOM   1136 C C   . LEU A 1 143 ? 25.453  11.989  -20.937 1.00 41.52  ? 143 LEU A C   1 
ATOM   1137 O O   . LEU A 1 143 ? 25.998  11.725  -22.010 1.00 39.19  ? 143 LEU A O   1 
ATOM   1138 C CB  . LEU A 1 143 ? 24.054  10.266  -19.706 1.00 43.52  ? 143 LEU A CB  1 
ATOM   1139 C CG  . LEU A 1 143 ? 23.776  9.128   -20.695 1.00 48.43  ? 143 LEU A CG  1 
ATOM   1140 C CD1 . LEU A 1 143 ? 24.955  8.143   -20.700 1.00 50.17  ? 143 LEU A CD1 1 
ATOM   1141 C CD2 . LEU A 1 143 ? 22.470  8.416   -20.305 1.00 47.37  ? 143 LEU A CD2 1 
ATOM   1142 N N   . ALA A 1 144 ? 24.897  13.171  -20.700 1.00 39.83  ? 144 ALA A N   1 
ATOM   1143 C CA  . ALA A 1 144 ? 24.868  14.197  -21.734 1.00 39.63  ? 144 ALA A CA  1 
ATOM   1144 C C   . ALA A 1 144 ? 26.278  14.653  -22.110 1.00 40.79  ? 144 ALA A C   1 
ATOM   1145 O O   . ALA A 1 144 ? 26.623  14.751  -23.285 1.00 40.61  ? 144 ALA A O   1 
ATOM   1146 C CB  . ALA A 1 144 ? 24.024  15.395  -21.265 1.00 34.24  ? 144 ALA A CB  1 
ATOM   1147 N N   . LYS A 1 145 ? 27.086  14.935  -21.096 1.00 42.77  ? 145 LYS A N   1 
ATOM   1148 C CA  . LYS A 1 145 ? 28.464  15.387  -21.286 1.00 43.77  ? 145 LYS A CA  1 
ATOM   1149 C C   . LYS A 1 145 ? 29.278  14.290  -21.964 1.00 44.46  ? 145 LYS A C   1 
ATOM   1150 O O   . LYS A 1 145 ? 30.053  14.532  -22.890 1.00 47.25  ? 145 LYS A O   1 
ATOM   1151 C CB  . LYS A 1 145 ? 29.064  15.708  -19.920 1.00 44.37  ? 145 LYS A CB  1 
ATOM   1152 C CG  . LYS A 1 145 ? 30.416  16.359  -19.930 1.00 48.80  ? 145 LYS A CG  1 
ATOM   1153 C CD  . LYS A 1 145 ? 30.773  16.768  -18.508 1.00 54.94  ? 145 LYS A CD  1 
ATOM   1154 C CE  . LYS A 1 145 ? 32.018  17.639  -18.443 1.00 57.84  ? 145 LYS A CE  1 
ATOM   1155 N NZ  . LYS A 1 145 ? 32.282  18.098  -17.036 1.00 60.71  ? 145 LYS A NZ  1 
ATOM   1156 N N   . GLU A 1 146 ? 29.069  13.073  -21.488 1.00 42.49  ? 146 GLU A N   1 
ATOM   1157 C CA  . GLU A 1 146 ? 29.753  11.898  -21.991 1.00 40.58  ? 146 GLU A CA  1 
ATOM   1158 C C   . GLU A 1 146 ? 29.397  11.584  -23.440 1.00 38.93  ? 146 GLU A C   1 
ATOM   1159 O O   . GLU A 1 146 ? 30.257  11.201  -24.225 1.00 41.75  ? 146 GLU A O   1 
ATOM   1160 C CB  . GLU A 1 146 ? 29.387  10.722  -21.102 1.00 42.21  ? 146 GLU A CB  1 
ATOM   1161 C CG  . GLU A 1 146 ? 30.336  9.573   -21.140 1.00 45.25  ? 146 GLU A CG  1 
ATOM   1162 C CD  . GLU A 1 146 ? 30.062  8.604   -20.019 1.00 48.46  ? 146 GLU A CD  1 
ATOM   1163 O OE1 . GLU A 1 146 ? 28.983  7.974   -20.018 1.00 52.01  ? 146 GLU A OE1 1 
ATOM   1164 O OE2 . GLU A 1 146 ? 30.925  8.480   -19.125 1.00 50.49  ? 146 GLU A OE2 1 
ATOM   1165 N N   . LEU A 1 147 ? 28.126  11.734  -23.794 1.00 35.85  ? 147 LEU A N   1 
ATOM   1166 C CA  . LEU A 1 147 ? 27.671  11.464  -25.156 1.00 32.13  ? 147 LEU A CA  1 
ATOM   1167 C C   . LEU A 1 147 ? 27.586  12.745  -26.008 1.00 31.96  ? 147 LEU A C   1 
ATOM   1168 O O   . LEU A 1 147 ? 27.109  12.713  -27.138 1.00 30.47  ? 147 LEU A O   1 
ATOM   1169 C CB  . LEU A 1 147 ? 26.292  10.794  -25.143 1.00 29.75  ? 147 LEU A CB  1 
ATOM   1170 C CG  . LEU A 1 147 ? 26.058  9.422   -24.509 1.00 31.04  ? 147 LEU A CG  1 
ATOM   1171 C CD1 . LEU A 1 147 ? 24.566  9.112   -24.533 1.00 28.78  ? 147 LEU A CD1 1 
ATOM   1172 C CD2 . LEU A 1 147 ? 26.835  8.348   -25.254 1.00 29.40  ? 147 LEU A CD2 1 
ATOM   1173 N N   . HIS A 1 148 ? 28.028  13.872  -25.468 1.00 29.82  ? 148 HIS A N   1 
ATOM   1174 C CA  . HIS A 1 148 ? 27.976  15.114  -26.229 1.00 33.01  ? 148 HIS A CA  1 
ATOM   1175 C C   . HIS A 1 148 ? 26.616  15.345  -26.909 1.00 34.73  ? 148 HIS A C   1 
ATOM   1176 O O   . HIS A 1 148 ? 26.543  15.577  -28.122 1.00 36.39  ? 148 HIS A O   1 
ATOM   1177 C CB  . HIS A 1 148 ? 29.079  15.118  -27.293 1.00 32.01  ? 148 HIS A CB  1 
ATOM   1178 C CG  . HIS A 1 148 ? 30.462  15.084  -26.729 1.00 32.10  ? 148 HIS A CG  1 
ATOM   1179 N ND1 . HIS A 1 148 ? 31.311  16.172  -26.777 1.00 31.91  ? 148 HIS A ND1 1 
ATOM   1180 C CD2 . HIS A 1 148 ? 31.129  14.111  -26.062 1.00 32.41  ? 148 HIS A CD2 1 
ATOM   1181 C CE1 . HIS A 1 148 ? 32.440  15.869  -26.163 1.00 31.11  ? 148 HIS A CE1 1 
ATOM   1182 N NE2 . HIS A 1 148 ? 32.357  14.626  -25.717 1.00 32.02  ? 148 HIS A NE2 1 
ATOM   1183 N N   . LEU A 1 149 ? 25.540  15.269  -26.134 1.00 36.18  ? 149 LEU A N   1 
ATOM   1184 C CA  . LEU A 1 149 ? 24.195  15.494  -26.666 1.00 35.60  ? 149 LEU A CA  1 
ATOM   1185 C C   . LEU A 1 149 ? 23.979  16.995  -26.878 1.00 34.85  ? 149 LEU A C   1 
ATOM   1186 O O   . LEU A 1 149 ? 24.601  17.814  -26.217 1.00 33.16  ? 149 LEU A O   1 
ATOM   1187 C CB  . LEU A 1 149 ? 23.137  14.965  -25.687 1.00 36.02  ? 149 LEU A CB  1 
ATOM   1188 C CG  . LEU A 1 149 ? 23.092  13.452  -25.430 1.00 36.21  ? 149 LEU A CG  1 
ATOM   1189 C CD1 . LEU A 1 149 ? 22.122  13.189  -24.284 1.00 34.48  ? 149 LEU A CD1 1 
ATOM   1190 C CD2 . LEU A 1 149 ? 22.667  12.688  -26.698 1.00 32.41  ? 149 LEU A CD2 1 
ATOM   1191 N N   . SER A 1 150 ? 23.102  17.347  -27.807 1.00 36.73  ? 150 SER A N   1 
ATOM   1192 C CA  . SER A 1 150 ? 22.804  18.749  -28.090 1.00 38.91  ? 150 SER A CA  1 
ATOM   1193 C C   . SER A 1 150 ? 21.994  19.347  -26.934 1.00 41.01  ? 150 SER A C   1 
ATOM   1194 O O   . SER A 1 150 ? 21.465  18.614  -26.092 1.00 40.58  ? 150 SER A O   1 
ATOM   1195 C CB  . SER A 1 150 ? 21.987  18.852  -29.378 1.00 38.71  ? 150 SER A CB  1 
ATOM   1196 O OG  . SER A 1 150 ? 20.706  18.269  -29.202 1.00 38.63  ? 150 SER A OG  1 
ATOM   1197 N N   . GLU A 1 151 ? 21.891  20.674  -26.893 1.00 43.04  ? 151 GLU A N   1 
ATOM   1198 C CA  . GLU A 1 151 ? 21.116  21.324  -25.839 1.00 44.70  ? 151 GLU A CA  1 
ATOM   1199 C C   . GLU A 1 151 ? 19.682  20.832  -25.935 1.00 44.14  ? 151 GLU A C   1 
ATOM   1200 O O   . GLU A 1 151 ? 19.053  20.521  -24.932 1.00 41.74  ? 151 GLU A O   1 
ATOM   1201 C CB  . GLU A 1 151 ? 21.117  22.846  -25.990 1.00 46.88  ? 151 GLU A CB  1 
ATOM   1202 C CG  . GLU A 1 151 ? 20.396  23.541  -24.834 1.00 54.17  ? 151 GLU A CG  1 
ATOM   1203 C CD  . GLU A 1 151 ? 20.078  25.008  -25.095 1.00 57.93  ? 151 GLU A CD  1 
ATOM   1204 O OE1 . GLU A 1 151 ? 19.216  25.288  -25.959 1.00 59.79  ? 151 GLU A OE1 1 
ATOM   1205 O OE2 . GLU A 1 151 ? 20.689  25.878  -24.431 1.00 60.15  ? 151 GLU A OE2 1 
ATOM   1206 N N   . ASP A 1 152 ? 19.171  20.757  -27.158 1.00 46.55  ? 152 ASP A N   1 
ATOM   1207 C CA  . ASP A 1 152 ? 17.805  20.294  -27.381 1.00 48.99  ? 152 ASP A CA  1 
ATOM   1208 C C   . ASP A 1 152 ? 17.602  18.831  -26.997 1.00 48.01  ? 152 ASP A C   1 
ATOM   1209 O O   . ASP A 1 152 ? 16.552  18.464  -26.471 1.00 48.48  ? 152 ASP A O   1 
ATOM   1210 C CB  . ASP A 1 152 ? 17.411  20.516  -28.844 1.00 50.27  ? 152 ASP A CB  1 
ATOM   1211 C CG  . ASP A 1 152 ? 17.220  21.980  -29.173 1.00 54.43  ? 152 ASP A CG  1 
ATOM   1212 O OD1 . ASP A 1 152 ? 17.094  22.306  -30.378 1.00 56.17  ? 152 ASP A OD1 1 
ATOM   1213 O OD2 . ASP A 1 152 ? 17.192  22.801  -28.221 1.00 56.01  ? 152 ASP A OD2 1 
ATOM   1214 N N   . GLU A 1 153 ? 18.599  17.996  -27.262 1.00 46.69  ? 153 GLU A N   1 
ATOM   1215 C CA  . GLU A 1 153 ? 18.492  16.588  -26.905 1.00 46.41  ? 153 GLU A CA  1 
ATOM   1216 C C   . GLU A 1 153 ? 18.470  16.416  -25.388 1.00 44.76  ? 153 GLU A C   1 
ATOM   1217 O O   . GLU A 1 153 ? 17.641  15.683  -24.848 1.00 42.19  ? 153 GLU A O   1 
ATOM   1218 C CB  . GLU A 1 153 ? 19.667  15.792  -27.480 1.00 47.85  ? 153 GLU A CB  1 
ATOM   1219 C CG  . GLU A 1 153 ? 19.592  15.521  -28.972 1.00 50.16  ? 153 GLU A CG  1 
ATOM   1220 C CD  . GLU A 1 153 ? 20.791  14.737  -29.470 1.00 53.37  ? 153 GLU A CD  1 
ATOM   1221 O OE1 . GLU A 1 153 ? 21.922  15.279  -29.430 1.00 51.21  ? 153 GLU A OE1 1 
ATOM   1222 O OE2 . GLU A 1 153 ? 20.600  13.574  -29.890 1.00 55.03  ? 153 GLU A OE2 1 
ATOM   1223 N N   . THR A 1 154 ? 19.383  17.100  -24.703 1.00 43.72  ? 154 THR A N   1 
ATOM   1224 C CA  . THR A 1 154 ? 19.462  16.992  -23.255 1.00 43.61  ? 154 THR A CA  1 
ATOM   1225 C C   . THR A 1 154 ? 18.271  17.619  -22.547 1.00 43.29  ? 154 THR A C   1 
ATOM   1226 O O   . THR A 1 154 ? 17.774  17.060  -21.575 1.00 43.42  ? 154 THR A O   1 
ATOM   1227 C CB  . THR A 1 154 ? 20.792  17.596  -22.700 1.00 43.99  ? 154 THR A CB  1 
ATOM   1228 O OG1 . THR A 1 154 ? 20.649  17.864  -21.295 1.00 45.60  ? 154 THR A OG1 1 
ATOM   1229 C CG2 . THR A 1 154 ? 21.160  18.852  -23.415 1.00 44.42  ? 154 THR A CG2 1 
ATOM   1230 N N   . LYS A 1 155 ? 17.809  18.773  -23.026 1.00 43.72  ? 155 LYS A N   1 
ATOM   1231 C CA  . LYS A 1 155 ? 16.648  19.432  -22.420 1.00 42.93  ? 155 LYS A CA  1 
ATOM   1232 C C   . LYS A 1 155 ? 15.406  18.589  -22.645 1.00 43.25  ? 155 LYS A C   1 
ATOM   1233 O O   . LYS A 1 155 ? 14.464  18.624  -21.853 1.00 45.06  ? 155 LYS A O   1 
ATOM   1234 C CB  . LYS A 1 155 ? 16.434  20.822  -23.014 1.00 43.41  ? 155 LYS A CB  1 
ATOM   1235 C CG  . LYS A 1 155 ? 17.484  21.835  -22.598 1.00 45.60  ? 155 LYS A CG  1 
ATOM   1236 C CD  . LYS A 1 155 ? 17.461  22.067  -21.100 1.00 47.73  ? 155 LYS A CD  1 
ATOM   1237 C CE  . LYS A 1 155 ? 18.382  23.214  -20.721 1.00 51.30  ? 155 LYS A CE  1 
ATOM   1238 N NZ  . LYS A 1 155 ? 18.024  24.501  -21.428 1.00 53.23  ? 155 LYS A NZ  1 
ATOM   1239 N N   . ARG A 1 156 ? 15.405  17.818  -23.726 1.00 42.05  ? 156 ARG A N   1 
ATOM   1240 C CA  . ARG A 1 156 ? 14.277  16.947  -24.023 1.00 41.06  ? 156 ARG A CA  1 
ATOM   1241 C C   . ARG A 1 156 ? 14.300  15.785  -23.026 1.00 40.38  ? 156 ARG A C   1 
ATOM   1242 O O   . ARG A 1 156 ? 13.260  15.338  -22.544 1.00 39.03  ? 156 ARG A O   1 
ATOM   1243 C CB  . ARG A 1 156 ? 14.382  16.434  -25.463 1.00 40.97  ? 156 ARG A CB  1 
ATOM   1244 C CG  . ARG A 1 156 ? 13.286  15.463  -25.889 1.00 43.00  ? 156 ARG A CG  1 
ATOM   1245 C CD  . ARG A 1 156 ? 11.907  16.058  -25.685 1.00 47.28  ? 156 ARG A CD  1 
ATOM   1246 N NE  . ARG A 1 156 ? 11.281  15.491  -24.491 1.00 53.69  ? 156 ARG A NE  1 
ATOM   1247 C CZ  . ARG A 1 156 ? 10.524  14.390  -24.480 1.00 54.48  ? 156 ARG A CZ  1 
ATOM   1248 N NH1 . ARG A 1 156 ? 10.277  13.730  -25.601 1.00 55.92  ? 156 ARG A NH1 1 
ATOM   1249 N NH2 . ARG A 1 156 ? 10.034  13.929  -23.339 1.00 52.06  ? 156 ARG A NH2 1 
ATOM   1250 N N   . ALA A 1 157 ? 15.502  15.315  -22.706 1.00 38.74  ? 157 ALA A N   1 
ATOM   1251 C CA  . ALA A 1 157 ? 15.657  14.207  -21.775 1.00 36.99  ? 157 ALA A CA  1 
ATOM   1252 C C   . ALA A 1 157 ? 15.247  14.627  -20.371 1.00 35.47  ? 157 ALA A C   1 
ATOM   1253 O O   . ALA A 1 157 ? 14.749  13.824  -19.592 1.00 34.40  ? 157 ALA A O   1 
ATOM   1254 C CB  . ALA A 1 157 ? 17.098  13.720  -21.779 1.00 34.81  ? 157 ALA A CB  1 
ATOM   1255 N N   . GLU A 1 158 ? 15.462  15.895  -20.051 1.00 35.26  ? 158 GLU A N   1 
ATOM   1256 C CA  . GLU A 1 158 ? 15.097  16.403  -18.735 1.00 34.57  ? 158 GLU A CA  1 
ATOM   1257 C C   . GLU A 1 158 ? 13.595  16.417  -18.638 1.00 32.61  ? 158 GLU A C   1 
ATOM   1258 O O   . GLU A 1 158 ? 13.025  16.038  -17.622 1.00 32.01  ? 158 GLU A O   1 
ATOM   1259 C CB  . GLU A 1 158 ? 15.644  17.808  -18.535 1.00 36.15  ? 158 GLU A CB  1 
ATOM   1260 C CG  . GLU A 1 158 ? 17.134  17.847  -18.267 1.00 41.89  ? 158 GLU A CG  1 
ATOM   1261 C CD  . GLU A 1 158 ? 17.731  19.212  -18.532 1.00 44.89  ? 158 GLU A CD  1 
ATOM   1262 O OE1 . GLU A 1 158 ? 17.090  20.228  -18.186 1.00 46.03  ? 158 GLU A OE1 1 
ATOM   1263 O OE2 . GLU A 1 158 ? 18.845  19.261  -19.086 1.00 48.68  ? 158 GLU A OE2 1 
ATOM   1264 N N   . ALA A 1 159 ? 12.966  16.834  -19.729 1.00 33.75  ? 159 ALA A N   1 
ATOM   1265 C CA  . ALA A 1 159 ? 11.511  16.905  -19.836 1.00 31.90  ? 159 ALA A CA  1 
ATOM   1266 C C   . ALA A 1 159 ? 10.887  15.528  -19.673 1.00 30.65  ? 159 ALA A C   1 
ATOM   1267 O O   . ALA A 1 159 ? 9.816   15.395  -19.091 1.00 32.81  ? 159 ALA A O   1 
ATOM   1268 C CB  . ALA A 1 159 ? 11.114  17.498  -21.204 1.00 29.58  ? 159 ALA A CB  1 
ATOM   1269 N N   . GLU A 1 160 ? 11.565  14.504  -20.177 1.00 28.90  ? 160 GLU A N   1 
ATOM   1270 C CA  . GLU A 1 160 ? 11.051  13.151  -20.083 1.00 27.86  ? 160 GLU A CA  1 
ATOM   1271 C C   . GLU A 1 160 ? 11.075  12.683  -18.642 1.00 30.80  ? 160 GLU A C   1 
ATOM   1272 O O   . GLU A 1 160 ? 10.131  12.031  -18.172 1.00 29.98  ? 160 GLU A O   1 
ATOM   1273 C CB  . GLU A 1 160 ? 11.880  12.196  -20.933 1.00 27.44  ? 160 GLU A CB  1 
ATOM   1274 C CG  . GLU A 1 160 ? 11.311  10.802  -20.967 1.00 25.72  ? 160 GLU A CG  1 
ATOM   1275 C CD  . GLU A 1 160 ? 9.986   10.753  -21.689 1.00 28.26  ? 160 GLU A CD  1 
ATOM   1276 O OE1 . GLU A 1 160 ? 9.259   9.734   -21.545 1.00 30.49  ? 160 GLU A OE1 1 
ATOM   1277 O OE2 . GLU A 1 160 ? 9.676   11.729  -22.407 1.00 22.35  ? 160 GLU A OE2 1 
ATOM   1278 N N   . ILE A 1 161 ? 12.162  13.023  -17.946 1.00 30.81  ? 161 ILE A N   1 
ATOM   1279 C CA  . ILE A 1 161 ? 12.337  12.657  -16.541 1.00 31.23  ? 161 ILE A CA  1 
ATOM   1280 C C   . ILE A 1 161 ? 11.315  13.415  -15.699 1.00 33.17  ? 161 ILE A C   1 
ATOM   1281 O O   . ILE A 1 161 ? 10.710  12.872  -14.766 1.00 32.57  ? 161 ILE A O   1 
ATOM   1282 C CB  . ILE A 1 161 ? 13.739  13.041  -16.017 1.00 31.07  ? 161 ILE A CB  1 
ATOM   1283 C CG1 . ILE A 1 161 ? 14.835  12.425  -16.892 1.00 29.56  ? 161 ILE A CG1 1 
ATOM   1284 C CG2 . ILE A 1 161 ? 13.865  12.610  -14.553 1.00 28.90  ? 161 ILE A CG2 1 
ATOM   1285 C CD1 . ILE A 1 161 ? 14.817  10.917  -16.910 1.00 31.23  ? 161 ILE A CD1 1 
ATOM   1286 N N   . GLN A 1 162 ? 11.140  14.686  -16.039 1.00 31.79  ? 162 GLN A N   1 
ATOM   1287 C CA  . GLN A 1 162 ? 10.204  15.529  -15.329 1.00 32.78  ? 162 GLN A CA  1 
ATOM   1288 C C   . GLN A 1 162 ? 8.783   14.976  -15.472 1.00 33.79  ? 162 GLN A C   1 
ATOM   1289 O O   . GLN A 1 162 ? 7.989   14.988  -14.527 1.00 33.36  ? 162 GLN A O   1 
ATOM   1290 C CB  . GLN A 1 162 ? 10.276  16.954  -15.872 1.00 33.06  ? 162 GLN A CB  1 
ATOM   1291 C CG  . GLN A 1 162 ? 9.623   17.955  -14.952 1.00 36.24  ? 162 GLN A CG  1 
ATOM   1292 C CD  . GLN A 1 162 ? 10.060  17.756  -13.495 1.00 42.53  ? 162 GLN A CD  1 
ATOM   1293 O OE1 . GLN A 1 162 ? 11.244  17.923  -13.141 1.00 41.94  ? 162 GLN A OE1 1 
ATOM   1294 N NE2 . GLN A 1 162 ? 9.103   17.377  -12.646 1.00 40.78  ? 162 GLN A NE2 1 
ATOM   1295 N N   . LYS A 1 163 ? 8.471   14.481  -16.664 1.00 33.90  ? 163 LYS A N   1 
ATOM   1296 C CA  . LYS A 1 163 ? 7.154   13.922  -16.925 1.00 32.15  ? 163 LYS A CA  1 
ATOM   1297 C C   . LYS A 1 163 ? 6.898   12.634  -16.150 1.00 29.65  ? 163 LYS A C   1 
ATOM   1298 O O   . LYS A 1 163 ? 5.786   12.384  -15.706 1.00 30.44  ? 163 LYS A O   1 
ATOM   1299 C CB  . LYS A 1 163 ? 6.988   13.642  -18.412 1.00 33.33  ? 163 LYS A CB  1 
ATOM   1300 C CG  . LYS A 1 163 ? 5.694   12.932  -18.735 1.00 35.64  ? 163 LYS A CG  1 
ATOM   1301 C CD  . LYS A 1 163 ? 5.712   12.390  -20.137 1.00 40.41  ? 163 LYS A CD  1 
ATOM   1302 C CE  . LYS A 1 163 ? 6.475   11.090  -20.228 1.00 41.18  ? 163 LYS A CE  1 
ATOM   1303 N NZ  . LYS A 1 163 ? 6.357   10.557  -21.625 1.00 47.34  ? 163 LYS A NZ  1 
ATOM   1304 N N   . ILE A 1 164 ? 7.918   11.803  -16.007 1.00 28.24  ? 164 ILE A N   1 
ATOM   1305 C CA  . ILE A 1 164 ? 7.740   10.558  -15.273 1.00 28.36  ? 164 ILE A CA  1 
ATOM   1306 C C   . ILE A 1 164 ? 7.543   10.881  -13.800 1.00 27.01  ? 164 ILE A C   1 
ATOM   1307 O O   . ILE A 1 164 ? 6.678   10.320  -13.151 1.00 27.96  ? 164 ILE A O   1 
ATOM   1308 C CB  . ILE A 1 164 ? 8.953   9.630   -15.437 1.00 28.45  ? 164 ILE A CB  1 
ATOM   1309 C CG1 . ILE A 1 164 ? 9.209   9.383   -16.922 1.00 28.47  ? 164 ILE A CG1 1 
ATOM   1310 C CG2 . ILE A 1 164 ? 8.701   8.313   -14.714 1.00 30.12  ? 164 ILE A CG2 1 
ATOM   1311 C CD1 . ILE A 1 164 ? 10.498  8.670   -17.229 1.00 26.08  ? 164 ILE A CD1 1 
ATOM   1312 N N   . THR A 1 165 ? 8.341   11.809  -13.293 1.00 27.29  ? 165 THR A N   1 
ATOM   1313 C CA  . THR A 1 165 ? 8.251   12.244  -11.903 1.00 28.49  ? 165 THR A CA  1 
ATOM   1314 C C   . THR A 1 165 ? 6.826   12.685  -11.533 1.00 29.15  ? 165 THR A C   1 
ATOM   1315 O O   . THR A 1 165 ? 6.249   12.209  -10.537 1.00 29.21  ? 165 THR A O   1 
ATOM   1316 C CB  . THR A 1 165 ? 9.212   13.442  -11.632 1.00 28.27  ? 165 THR A CB  1 
ATOM   1317 O OG1 . THR A 1 165 ? 10.536  13.102  -12.057 1.00 27.93  ? 165 THR A OG1 1 
ATOM   1318 C CG2 . THR A 1 165 ? 9.243   13.782  -10.159 1.00 25.77  ? 165 THR A CG2 1 
ATOM   1319 N N   . ASP A 1 166 ? 6.265   13.591  -12.333 1.00 28.37  ? 166 ASP A N   1 
ATOM   1320 C CA  . ASP A 1 166 ? 4.918   14.108  -12.076 1.00 30.29  ? 166 ASP A CA  1 
ATOM   1321 C C   . ASP A 1 166 ? 3.807   13.072  -12.174 1.00 33.10  ? 166 ASP A C   1 
ATOM   1322 O O   . ASP A 1 166 ? 2.744   13.255  -11.588 1.00 34.43  ? 166 ASP A O   1 
ATOM   1323 C CB  . ASP A 1 166 ? 4.551   15.243  -13.032 1.00 29.23  ? 166 ASP A CB  1 
ATOM   1324 C CG  . ASP A 1 166 ? 5.496   16.391  -12.971 1.00 28.09  ? 166 ASP A CG  1 
ATOM   1325 O OD1 . ASP A 1 166 ? 6.096   16.608  -11.898 1.00 29.90  ? 166 ASP A OD1 1 
ATOM   1326 O OD2 . ASP A 1 166 ? 5.618   17.074  -14.006 1.00 26.05  ? 166 ASP A OD2 1 
ATOM   1327 N N   . GLU A 1 167 ? 4.023   12.004  -12.931 1.00 34.30  ? 167 GLU A N   1 
ATOM   1328 C CA  . GLU A 1 167 ? 2.984   10.996  -13.030 1.00 36.24  ? 167 GLU A CA  1 
ATOM   1329 C C   . GLU A 1 167 ? 2.894   10.223  -11.729 1.00 35.44  ? 167 GLU A C   1 
ATOM   1330 O O   . GLU A 1 167 ? 1.805   9.919   -11.258 1.00 34.58  ? 167 GLU A O   1 
ATOM   1331 C CB  . GLU A 1 167 ? 3.261   10.042  -14.189 1.00 39.39  ? 167 GLU A CB  1 
ATOM   1332 C CG  . GLU A 1 167 ? 3.187   10.726  -15.544 1.00 49.11  ? 167 GLU A CG  1 
ATOM   1333 C CD  . GLU A 1 167 ? 3.364   9.757   -16.687 1.00 52.24  ? 167 GLU A CD  1 
ATOM   1334 O OE1 . GLU A 1 167 ? 4.152   10.064  -17.609 1.00 55.02  ? 167 GLU A OE1 1 
ATOM   1335 O OE2 . GLU A 1 167 ? 2.712   8.696   -16.659 1.00 54.66  ? 167 GLU A OE2 1 
ATOM   1336 N N   . PHE A 1 168 ? 4.041   9.919   -11.135 1.00 33.36  ? 168 PHE A N   1 
ATOM   1337 C CA  . PHE A 1 168 ? 4.033   9.170   -9.895  1.00 32.26  ? 168 PHE A CA  1 
ATOM   1338 C C   . PHE A 1 168 ? 3.680   10.038  -8.698  1.00 32.26  ? 168 PHE A C   1 
ATOM   1339 O O   . PHE A 1 168 ? 3.151   9.554   -7.699  1.00 33.27  ? 168 PHE A O   1 
ATOM   1340 C CB  . PHE A 1 168 ? 5.377   8.474   -9.688  1.00 31.98  ? 168 PHE A CB  1 
ATOM   1341 C CG  . PHE A 1 168 ? 5.590   7.308   -10.611 1.00 31.11  ? 168 PHE A CG  1 
ATOM   1342 C CD1 . PHE A 1 168 ? 6.036   7.503   -11.918 1.00 29.60  ? 168 PHE A CD1 1 
ATOM   1343 C CD2 . PHE A 1 168 ? 5.294   6.015   -10.183 1.00 28.30  ? 168 PHE A CD2 1 
ATOM   1344 C CE1 . PHE A 1 168 ? 6.183   6.418   -12.786 1.00 29.86  ? 168 PHE A CE1 1 
ATOM   1345 C CE2 . PHE A 1 168 ? 5.435   4.930   -11.037 1.00 27.56  ? 168 PHE A CE2 1 
ATOM   1346 C CZ  . PHE A 1 168 ? 5.880   5.128   -12.347 1.00 26.41  ? 168 PHE A CZ  1 
ATOM   1347 N N   . ILE A 1 169 ? 3.975   11.327  -8.801  1.00 30.03  ? 169 ILE A N   1 
ATOM   1348 C CA  . ILE A 1 169 ? 3.630   12.238  -7.735  1.00 25.39  ? 169 ILE A CA  1 
ATOM   1349 C C   . ILE A 1 169 ? 2.100   12.298  -7.739  1.00 24.87  ? 169 ILE A C   1 
ATOM   1350 O O   . ILE A 1 169 ? 1.448   12.149  -6.702  1.00 22.59  ? 169 ILE A O   1 
ATOM   1351 C CB  . ILE A 1 169 ? 4.259   13.640  -7.990  1.00 26.46  ? 169 ILE A CB  1 
ATOM   1352 C CG1 . ILE A 1 169 ? 5.743   13.616  -7.603  1.00 22.43  ? 169 ILE A CG1 1 
ATOM   1353 C CG2 . ILE A 1 169 ? 3.519   14.717  -7.169  1.00 24.76  ? 169 ILE A CG2 1 
ATOM   1354 C CD1 . ILE A 1 169 ? 5.967   13.241  -6.127  1.00 17.16  ? 169 ILE A CD1 1 
ATOM   1355 N N   . ALA A 1 170 ? 1.537   12.463  -8.933  1.00 22.20  ? 170 ALA A N   1 
ATOM   1356 C CA  . ALA A 1 170 ? 0.094   12.523  -9.103  1.00 23.15  ? 170 ALA A CA  1 
ATOM   1357 C C   . ALA A 1 170 ? -0.590  11.236  -8.641  1.00 26.69  ? 170 ALA A C   1 
ATOM   1358 O O   . ALA A 1 170 ? -1.637  11.263  -7.993  1.00 27.70  ? 170 ALA A O   1 
ATOM   1359 C CB  . ALA A 1 170 ? -0.239  12.785  -10.547 1.00 19.36  ? 170 ALA A CB  1 
ATOM   1360 N N   . LYS A 1 171 ? 0.020   10.109  -8.977  1.00 29.13  ? 171 LYS A N   1 
ATOM   1361 C CA  . LYS A 1 171 ? -0.506  8.810   -8.609  1.00 30.58  ? 171 LYS A CA  1 
ATOM   1362 C C   . LYS A 1 171 ? -0.317  8.576   -7.106  1.00 31.24  ? 171 LYS A C   1 
ATOM   1363 O O   . LYS A 1 171 ? -1.155  7.944   -6.448  1.00 30.32  ? 171 LYS A O   1 
ATOM   1364 C CB  . LYS A 1 171 ? 0.219   7.735   -9.420  1.00 34.27  ? 171 LYS A CB  1 
ATOM   1365 C CG  . LYS A 1 171 ? -0.642  6.580   -9.859  1.00 37.89  ? 171 LYS A CG  1 
ATOM   1366 C CD  . LYS A 1 171 ? -0.984  5.653   -8.706  1.00 41.47  ? 171 LYS A CD  1 
ATOM   1367 C CE  . LYS A 1 171 ? -1.713  4.416   -9.215  1.00 41.52  ? 171 LYS A CE  1 
ATOM   1368 N NZ  . LYS A 1 171 ? -1.732  3.338   -8.189  1.00 46.20  ? 171 LYS A NZ  1 
ATOM   1369 N N   . ALA A 1 172 ? 0.782   9.089   -6.561  1.00 30.49  ? 172 ALA A N   1 
ATOM   1370 C CA  . ALA A 1 172 ? 1.037   8.924   -5.135  1.00 30.25  ? 172 ALA A CA  1 
ATOM   1371 C C   . ALA A 1 172 ? -0.049  9.678   -4.372  1.00 31.21  ? 172 ALA A C   1 
ATOM   1372 O O   . ALA A 1 172 ? -0.667  9.136   -3.458  1.00 30.01  ? 172 ALA A O   1 
ATOM   1373 C CB  . ALA A 1 172 ? 2.420   9.458   -4.767  1.00 28.64  ? 172 ALA A CB  1 
ATOM   1374 N N   . ASP A 1 173 ? -0.279  10.927  -4.760  1.00 30.41  ? 173 ASP A N   1 
ATOM   1375 C CA  . ASP A 1 173 ? -1.309  11.728  -4.124  1.00 32.39  ? 173 ASP A CA  1 
ATOM   1376 C C   . ASP A 1 173 ? -2.677  11.058  -4.201  1.00 34.11  ? 173 ASP A C   1 
ATOM   1377 O O   . ASP A 1 173 ? -3.419  11.034  -3.224  1.00 36.25  ? 173 ASP A O   1 
ATOM   1378 C CB  . ASP A 1 173 ? -1.419  13.096  -4.787  1.00 33.55  ? 173 ASP A CB  1 
ATOM   1379 C CG  . ASP A 1 173 ? -0.132  13.885  -4.719  1.00 36.50  ? 173 ASP A CG  1 
ATOM   1380 O OD1 . ASP A 1 173 ? 0.503   13.929  -3.630  1.00 29.16  ? 173 ASP A OD1 1 
ATOM   1381 O OD2 . ASP A 1 173 ? 0.217   14.466  -5.775  1.00 39.38  ? 173 ASP A OD2 1 
ATOM   1382 N N   . GLN A 1 174 ? -3.013  10.515  -5.362  1.00 34.64  ? 174 GLN A N   1 
ATOM   1383 C CA  . GLN A 1 174 ? -4.305  9.865   -5.523  1.00 35.99  ? 174 GLN A CA  1 
ATOM   1384 C C   . GLN A 1 174 ? -4.476  8.711   -4.550  1.00 35.00  ? 174 GLN A C   1 
ATOM   1385 O O   . GLN A 1 174 ? -5.545  8.516   -3.986  1.00 36.40  ? 174 GLN A O   1 
ATOM   1386 C CB  . GLN A 1 174 ? -4.474  9.345   -6.941  1.00 39.26  ? 174 GLN A CB  1 
ATOM   1387 C CG  . GLN A 1 174 ? -5.876  8.839   -7.217  1.00 43.17  ? 174 GLN A CG  1 
ATOM   1388 C CD  . GLN A 1 174 ? -5.999  8.242   -8.594  1.00 45.24  ? 174 GLN A CD  1 
ATOM   1389 O OE1 . GLN A 1 174 ? -6.944  8.541   -9.336  1.00 44.76  ? 174 GLN A OE1 1 
ATOM   1390 N NE2 . GLN A 1 174 ? -5.039  7.389   -8.954  1.00 45.70  ? 174 GLN A NE2 1 
ATOM   1391 N N   . LEU A 1 175 ? -3.424  7.936   -4.357  1.00 33.92  ? 175 LEU A N   1 
ATOM   1392 C CA  . LEU A 1 175 ? -3.496  6.826   -3.426  1.00 34.31  ? 175 LEU A CA  1 
ATOM   1393 C C   . LEU A 1 175 ? -3.760  7.315   -2.013  1.00 36.28  ? 175 LEU A C   1 
ATOM   1394 O O   . LEU A 1 175 ? -4.698  6.854   -1.354  1.00 34.59  ? 175 LEU A O   1 
ATOM   1395 C CB  . LEU A 1 175 ? -2.190  6.048   -3.432  1.00 34.16  ? 175 LEU A CB  1 
ATOM   1396 C CG  . LEU A 1 175 ? -2.121  4.842   -4.346  1.00 37.22  ? 175 LEU A CG  1 
ATOM   1397 C CD1 . LEU A 1 175 ? -2.743  5.151   -5.684  1.00 40.04  ? 175 LEU A CD1 1 
ATOM   1398 C CD2 . LEU A 1 175 ? -0.664  4.449   -4.481  1.00 39.78  ? 175 LEU A CD2 1 
ATOM   1399 N N   . ALA A 1 176 ? -2.918  8.246   -1.558  1.00 35.15  ? 176 ALA A N   1 
ATOM   1400 C CA  . ALA A 1 176 ? -3.024  8.781   -0.209  1.00 37.52  ? 176 ALA A CA  1 
ATOM   1401 C C   . ALA A 1 176 ? -4.403  9.367   0.040   1.00 38.78  ? 176 ALA A C   1 
ATOM   1402 O O   . ALA A 1 176 ? -5.102  9.001   0.984   1.00 39.33  ? 176 ALA A O   1 
ATOM   1403 C CB  . ALA A 1 176 ? -1.950  9.848   0.021   1.00 38.09  ? 176 ALA A CB  1 
ATOM   1404 N N   . GLU A 1 177 ? -4.791  10.279  -0.833  1.00 40.26  ? 177 GLU A N   1 
ATOM   1405 C CA  . GLU A 1 177 ? -6.079  10.929  -0.730  1.00 41.35  ? 177 GLU A CA  1 
ATOM   1406 C C   . GLU A 1 177 ? -7.261  9.942   -0.669  1.00 42.21  ? 177 GLU A C   1 
ATOM   1407 O O   . GLU A 1 177 ? -8.250  10.202  0.019   1.00 41.79  ? 177 GLU A O   1 
ATOM   1408 C CB  . GLU A 1 177 ? -6.231  11.896  -1.899  1.00 41.56  ? 177 GLU A CB  1 
ATOM   1409 C CG  . GLU A 1 177 ? -7.628  12.398  -2.100  1.00 45.94  ? 177 GLU A CG  1 
ATOM   1410 C CD  . GLU A 1 177 ? -8.393  11.535  -3.056  1.00 46.57  ? 177 GLU A CD  1 
ATOM   1411 O OE1 . GLU A 1 177 ? -7.931  11.390  -4.205  1.00 49.79  ? 177 GLU A OE1 1 
ATOM   1412 O OE2 . GLU A 1 177 ? -9.449  11.006  -2.659  1.00 50.50  ? 177 GLU A OE2 1 
ATOM   1413 N N   . LYS A 1 178 ? -7.162  8.816   -1.375  1.00 40.08  ? 178 LYS A N   1 
ATOM   1414 C CA  . LYS A 1 178 ? -8.232  7.827   -1.359  1.00 38.14  ? 178 LYS A CA  1 
ATOM   1415 C C   . LYS A 1 178 ? -8.291  7.124   -0.009  1.00 38.70  ? 178 LYS A C   1 
ATOM   1416 O O   . LYS A 1 178 ? -9.370  6.890   0.531   1.00 37.45  ? 178 LYS A O   1 
ATOM   1417 C CB  . LYS A 1 178 ? -8.031  6.799   -2.475  1.00 40.47  ? 178 LYS A CB  1 
ATOM   1418 C CG  . LYS A 1 178 ? -8.530  7.258   -3.828  1.00 43.80  ? 178 LYS A CG  1 
ATOM   1419 C CD  . LYS A 1 178 ? -8.154  6.267   -4.918  1.00 46.55  ? 178 LYS A CD  1 
ATOM   1420 C CE  . LYS A 1 178 ? -8.770  6.657   -6.264  1.00 47.18  ? 178 LYS A CE  1 
ATOM   1421 N NZ  . LYS A 1 178 ? -10.261 6.562   -6.251  1.00 47.60  ? 178 LYS A NZ  1 
ATOM   1422 N N   . LYS A 1 179 ? -7.130  6.782   0.539   1.00 40.59  ? 179 LYS A N   1 
ATOM   1423 C CA  . LYS A 1 179 ? -7.079  6.130   1.843   1.00 41.42  ? 179 LYS A CA  1 
ATOM   1424 C C   . LYS A 1 179 ? -7.578  7.098   2.910   1.00 43.41  ? 179 LYS A C   1 
ATOM   1425 O O   . LYS A 1 179 ? -8.155  6.687   3.924   1.00 45.93  ? 179 LYS A O   1 
ATOM   1426 C CB  . LYS A 1 179 ? -5.656  5.699   2.173   1.00 41.86  ? 179 LYS A CB  1 
ATOM   1427 C CG  . LYS A 1 179 ? -5.496  5.194   3.596   1.00 42.65  ? 179 LYS A CG  1 
ATOM   1428 C CD  . LYS A 1 179 ? -6.158  3.852   3.802   1.00 43.64  ? 179 LYS A CD  1 
ATOM   1429 C CE  . LYS A 1 179 ? -5.467  2.767   2.993   1.00 47.44  ? 179 LYS A CE  1 
ATOM   1430 N NZ  . LYS A 1 179 ? -6.113  1.440   3.180   1.00 48.36  ? 179 LYS A NZ  1 
ATOM   1431 N N   . GLU A 1 180 ? -7.367  8.390   2.669   1.00 42.32  ? 180 GLU A N   1 
ATOM   1432 C CA  . GLU A 1 180 ? -7.804  9.422   3.598   1.00 41.76  ? 180 GLU A CA  1 
ATOM   1433 C C   . GLU A 1 180 ? -9.330  9.438   3.666   1.00 43.62  ? 180 GLU A C   1 
ATOM   1434 O O   . GLU A 1 180 ? -9.923  9.519   4.741   1.00 43.73  ? 180 GLU A O   1 
ATOM   1435 C CB  . GLU A 1 180 ? -7.293  10.782  3.131   1.00 40.80  ? 180 GLU A CB  1 
ATOM   1436 C CG  . GLU A 1 180 ? -6.752  11.674  4.233   1.00 38.07  ? 180 GLU A CG  1 
ATOM   1437 C CD  . GLU A 1 180 ? -6.155  12.946  3.679   1.00 36.36  ? 180 GLU A CD  1 
ATOM   1438 O OE1 . GLU A 1 180 ? -5.414  12.859  2.690   1.00 37.51  ? 180 GLU A OE1 1 
ATOM   1439 O OE2 . GLU A 1 180 ? -6.417  14.032  4.224   1.00 37.74  ? 180 GLU A OE2 1 
ATOM   1440 N N   . GLN A 1 181 ? -9.963  9.345   2.504   1.00 44.19  ? 181 GLN A N   1 
ATOM   1441 C CA  . GLN A 1 181 ? -11.412 9.343   2.436   1.00 46.67  ? 181 GLN A CA  1 
ATOM   1442 C C   . GLN A 1 181 ? -12.014 8.076   3.004   1.00 49.24  ? 181 GLN A C   1 
ATOM   1443 O O   . GLN A 1 181 ? -13.142 8.092   3.481   1.00 50.23  ? 181 GLN A O   1 
ATOM   1444 C CB  . GLN A 1 181 ? -11.877 9.514   1.001   1.00 46.40  ? 181 GLN A CB  1 
ATOM   1445 C CG  . GLN A 1 181 ? -11.463 10.815  0.414   1.00 49.38  ? 181 GLN A CG  1 
ATOM   1446 C CD  . GLN A 1 181 ? -11.992 11.003  -0.979  1.00 52.34  ? 181 GLN A CD  1 
ATOM   1447 O OE1 . GLN A 1 181 ? -11.821 10.142  -1.841  1.00 53.54  ? 181 GLN A OE1 1 
ATOM   1448 N NE2 . GLN A 1 181 ? -12.631 12.143  -1.219  1.00 52.84  ? 181 GLN A NE2 1 
ATOM   1449 N N   . GLU A 1 182 ? -11.274 6.974   2.947   1.00 51.40  ? 182 GLU A N   1 
ATOM   1450 C CA  . GLU A 1 182 ? -11.777 5.729   3.503   1.00 53.91  ? 182 GLU A CA  1 
ATOM   1451 C C   . GLU A 1 182 ? -11.726 5.851   5.010   1.00 55.88  ? 182 GLU A C   1 
ATOM   1452 O O   . GLU A 1 182 ? -12.668 5.487   5.708   1.00 56.88  ? 182 GLU A O   1 
ATOM   1453 C CB  . GLU A 1 182 ? -10.920 4.548   3.059   1.00 55.82  ? 182 GLU A CB  1 
ATOM   1454 C CG  . GLU A 1 182 ? -10.943 4.307   1.568   1.00 60.87  ? 182 GLU A CG  1 
ATOM   1455 C CD  . GLU A 1 182 ? -9.977  3.229   1.135   1.00 63.82  ? 182 GLU A CD  1 
ATOM   1456 O OE1 . GLU A 1 182 ? -9.836  3.035   -0.095  1.00 64.72  ? 182 GLU A OE1 1 
ATOM   1457 O OE2 . GLU A 1 182 ? -9.368  2.585   2.025   1.00 66.05  ? 182 GLU A OE2 1 
ATOM   1458 N N   . ILE A 1 183 ? -10.619 6.385   5.510   1.00 57.36  ? 183 ILE A N   1 
ATOM   1459 C CA  . ILE A 1 183 ? -10.457 6.552   6.945   1.00 58.05  ? 183 ILE A CA  1 
ATOM   1460 C C   . ILE A 1 183 ? -11.454 7.551   7.531   1.00 60.27  ? 183 ILE A C   1 
ATOM   1461 O O   . ILE A 1 183 ? -12.007 7.320   8.604   1.00 61.76  ? 183 ILE A O   1 
ATOM   1462 C CB  . ILE A 1 183 ? -9.030  7.004   7.283   1.00 55.66  ? 183 ILE A CB  1 
ATOM   1463 C CG1 . ILE A 1 183 ? -8.036  5.942   6.819   1.00 54.79  ? 183 ILE A CG1 1 
ATOM   1464 C CG2 . ILE A 1 183 ? -8.906  7.251   8.775   1.00 53.82  ? 183 ILE A CG2 1 
ATOM   1465 C CD1 . ILE A 1 183 ? -6.591  6.309   7.062   1.00 54.32  ? 183 ILE A CD1 1 
ATOM   1466 N N   . LEU A 1 184 ? -11.687 8.658   6.831   1.00 61.94  ? 184 LEU A N   1 
ATOM   1467 C CA  . LEU A 1 184 ? -12.627 9.664   7.319   1.00 63.09  ? 184 LEU A CA  1 
ATOM   1468 C C   . LEU A 1 184 ? -14.050 9.254   7.014   1.00 65.13  ? 184 LEU A C   1 
ATOM   1469 O O   . LEU A 1 184 ? -14.944 10.093  6.902   1.00 65.22  ? 184 LEU A O   1 
ATOM   1470 C CB  . LEU A 1 184 ? -12.341 11.031  6.700   1.00 59.75  ? 184 LEU A CB  1 
ATOM   1471 C CG  . LEU A 1 184 ? -11.019 11.628  7.179   1.00 59.60  ? 184 LEU A CG  1 
ATOM   1472 C CD1 . LEU A 1 184 ? -10.807 12.975  6.514   1.00 58.55  ? 184 LEU A CD1 1 
ATOM   1473 C CD2 . LEU A 1 184 ? -11.019 11.760  8.697   1.00 57.78  ? 184 LEU A CD2 1 
ATOM   1474 N N   . GLY A 1 185 ? -14.246 7.948   6.880   1.00 67.23  ? 185 GLY A N   1 
ATOM   1475 C CA  . GLY A 1 185 ? -15.561 7.398   6.611   1.00 69.75  ? 185 GLY A CA  1 
ATOM   1476 C C   . GLY A 1 185 ? -15.938 6.470   7.748   1.00 71.38  ? 185 GLY A C   1 
ATOM   1477 O O   . GLY A 1 185 ? -16.077 5.252   7.506   1.00 72.08  ? 185 GLY A O   1 
ATOM   1478 O OXT . GLY A 1 185 ? -16.074 6.960   8.892   1.00 74.64  ? 185 GLY A OXT 1 
HETATM 1479 O O   . HOH B 2 .   ? 3.714   19.498  -11.554 1.00 35.47  ? 201 HOH A O   1 
HETATM 1480 O O   . HOH B 2 .   ? 10.114  1.853   -27.183 1.00 29.27  ? 202 HOH A O   1 
HETATM 1481 O O   . HOH B 2 .   ? 29.431  17.919  -24.820 1.00 55.39  ? 203 HOH A O   1 
HETATM 1482 O O   . HOH B 2 .   ? 29.362  6.539   -22.337 1.00 59.80  ? 204 HOH A O   1 
HETATM 1483 O O   . HOH B 2 .   ? 24.313  22.314  -28.991 1.00 38.49  ? 205 HOH A O   1 
HETATM 1484 O O   . HOH B 2 .   ? 4.725   18.315  -2.539  1.00 37.25  ? 206 HOH A O   1 
HETATM 1485 O O   . HOH B 2 .   ? 20.241  16.756  -15.354 1.00 56.20  ? 207 HOH A O   1 
HETATM 1486 O O   . HOH B 2 .   ? 6.407   18.043  -7.848  1.00 66.81  ? 208 HOH A O   1 
HETATM 1487 O O   . HOH B 2 .   ? 0.046   2.026   -11.678 1.00 59.98  ? 209 HOH A O   1 
HETATM 1488 O O   . HOH B 2 .   ? -10.040 8.629   -8.523  1.00 39.70  ? 210 HOH A O   1 
HETATM 1489 O O   . HOH B 2 .   ? 9.808   21.104  -9.420  1.00 41.18  ? 211 HOH A O   1 
HETATM 1490 O O   . HOH B 2 .   ? 18.807  1.032   -25.136 1.00 55.21  ? 212 HOH A O   1 
HETATM 1491 O O   . HOH B 2 .   ? 5.425   7.517   -16.217 1.00 48.97  ? 213 HOH A O   1 
HETATM 1492 O O   . HOH B 2 .   ? -15.499 -5.823  16.142  1.00 59.36  ? 214 HOH A O   1 
HETATM 1493 O O   . HOH B 2 .   ? -6.616  -0.928  4.234   1.00 35.16  ? 215 HOH A O   1 
HETATM 1494 O O   . HOH B 2 .   ? 4.238   5.075   -16.423 1.00 71.65  ? 216 HOH A O   1 
HETATM 1495 O O   . HOH B 2 .   ? 19.696  18.218  -31.953 1.00 57.46  ? 217 HOH A O   1 
HETATM 1496 O O   . HOH B 2 .   ? 6.350   -20.385 10.554  1.00 73.60  ? 218 HOH A O   1 
HETATM 1497 O O   . HOH B 2 .   ? 34.674  13.825  -24.772 1.00 47.61  ? 219 HOH A O   1 
HETATM 1498 O O   . HOH B 2 .   ? -5.126  4.126   -1.435  1.00 28.60  ? 220 HOH A O   1 
HETATM 1499 O O   . HOH B 2 .   ? 17.574  6.282   -12.327 1.00 46.09  ? 221 HOH A O   1 
HETATM 1500 O O   . HOH B 2 .   ? 11.468  -0.119  -27.176 1.00 60.73  ? 222 HOH A O   1 
HETATM 1501 O O   . HOH B 2 .   ? 25.772  1.014   -20.951 1.00 49.99  ? 223 HOH A O   1 
HETATM 1502 O O   . HOH B 2 .   ? 14.981  11.362  -25.200 1.00 43.47  ? 224 HOH A O   1 
HETATM 1503 O O   . HOH B 2 .   ? -0.881  -8.034  11.789  1.00 51.81  ? 225 HOH A O   1 
HETATM 1504 O O   . HOH B 2 .   ? 4.719   2.833   -14.629 1.00 66.55  ? 226 HOH A O   1 
HETATM 1505 O O   . HOH B 2 .   ? 19.785  16.722  -9.158  1.00 53.74  ? 227 HOH A O   1 
HETATM 1506 O O   . HOH B 2 .   ? 26.531  18.079  -28.660 1.00 64.62  ? 228 HOH A O   1 
HETATM 1507 O O   . HOH B 2 .   ? 20.544  3.361   -9.884  1.00 56.84  ? 229 HOH A O   1 
HETATM 1508 O O   . HOH B 2 .   ? 32.715  6.747   -17.849 1.00 59.67  ? 230 HOH A O   1 
HETATM 1509 O O   . HOH B 2 .   ? -2.696  0.236   -0.488  1.00 45.94  ? 231 HOH A O   1 
HETATM 1510 O O   . HOH B 2 .   ? 0.439   -0.113  -8.559  1.00 63.01  ? 232 HOH A O   1 
HETATM 1511 O O   . HOH B 2 .   ? 35.588  16.373  -23.705 1.00 63.10  ? 233 HOH A O   1 
HETATM 1512 O O   . HOH B 2 .   ? 21.675  4.738   -17.526 1.00 41.14  ? 234 HOH A O   1 
HETATM 1513 O O   . HOH B 2 .   ? 3.141   6.908   -14.569 1.00 41.50  ? 235 HOH A O   1 
HETATM 1514 O O   . HOH B 2 .   ? 25.841  17.702  -18.988 1.00 38.90  ? 236 HOH A O   1 
HETATM 1515 O O   . HOH B 2 .   ? 22.406  10.891  -30.581 1.00 59.89  ? 237 HOH A O   1 
HETATM 1516 O O   . HOH B 2 .   ? -17.003 -9.022  -1.143  1.00 66.71  ? 238 HOH A O   1 
HETATM 1517 O O   . HOH B 2 .   ? 23.637  17.617  -11.360 1.00 67.09  ? 239 HOH A O   1 
HETATM 1518 O O   . HOH B 2 .   ? 7.983   -3.826  -8.412  1.00 55.89  ? 240 HOH A O   1 
HETATM 1519 O O   . HOH B 2 .   ? -1.617  16.135  8.913   1.00 53.73  ? 241 HOH A O   1 
HETATM 1520 O O   . HOH B 2 .   ? 22.615  15.539  -6.171  1.00 65.46  ? 242 HOH A O   1 
HETATM 1521 O O   . HOH B 2 .   ? -1.546  -0.527  -10.658 1.00 68.44  ? 243 HOH A O   1 
HETATM 1522 O O   . HOH B 2 .   ? 1.906   -9.634  9.346   1.00 58.03  ? 244 HOH A O   1 
HETATM 1523 O O   . HOH B 2 .   ? -13.137 0.710   1.601   1.00 65.64  ? 245 HOH A O   1 
HETATM 1524 O O   . HOH B 2 .   ? -13.505 1.847   16.705  1.00 56.15  ? 246 HOH A O   1 
HETATM 1525 O O   . HOH B 2 .   ? 22.907  18.304  -17.883 1.00 48.39  ? 247 HOH A O   1 
HETATM 1526 O O   . HOH B 2 .   ? 6.430   7.520   -22.856 1.00 45.19  ? 248 HOH A O   1 
HETATM 1527 O O   . HOH B 2 .   ? 8.899   19.889  -7.732  1.00 53.90  ? 249 HOH A O   1 
HETATM 1528 O O   . HOH B 2 .   ? 15.653  0.270   -21.542 1.00 58.20  ? 250 HOH A O   1 
HETATM 1529 O O   . HOH B 2 .   ? 16.533  -0.372  -24.319 1.00 43.60  ? 251 HOH A O   1 
HETATM 1530 O O   . HOH B 2 .   ? 16.713  6.628   -9.809  1.00 65.05  ? 252 HOH A O   1 
HETATM 1531 O O   . HOH B 2 .   ? 10.708  -0.107  -16.870 1.00 78.66  ? 253 HOH A O   1 
HETATM 1532 O O   . HOH B 2 .   ? 13.822  23.046  -33.979 1.00 49.15  ? 254 HOH A O   1 
HETATM 1533 O O   . HOH B 2 .   ? 12.380  20.429  -23.693 1.00 51.25  ? 255 HOH A O   1 
HETATM 1534 O O   . HOH B 2 .   ? 23.229  -2.282  -20.752 1.00 73.70  ? 256 HOH A O   1 
HETATM 1535 O O   . HOH B 2 .   ? -12.562 8.358   -3.916  1.00 52.47  ? 257 HOH A O   1 
HETATM 1536 O O   . HOH B 2 .   ? -21.673 -23.980 6.512   1.00 64.26  ? 258 HOH A O   1 
HETATM 1537 O O   . HOH B 2 .   ? -2.723  -3.250  -4.959  1.00 56.02  ? 259 HOH A O   1 
HETATM 1538 O O   . HOH B 2 .   ? 34.023  11.722  -22.707 1.00 38.03  ? 260 HOH A O   1 
HETATM 1539 O O   . HOH B 2 .   ? -10.138 9.391   -5.438  1.00 55.75  ? 261 HOH A O   1 
HETATM 1540 O O   . HOH B 2 .   ? 11.447  9.986   -25.665 1.00 41.48  ? 262 HOH A O   1 
HETATM 1541 O O   . HOH B 2 .   ? 4.103   17.591  -9.502  1.00 34.84  ? 263 HOH A O   1 
HETATM 1542 O O   . HOH B 2 .   ? 1.861   16.667  -11.712 1.00 62.90  ? 264 HOH A O   1 
HETATM 1543 O O   . HOH B 2 .   ? 29.560  5.468   -17.968 1.00 56.50  ? 265 HOH A O   1 
HETATM 1544 O O   . HOH B 2 .   ? 14.451  20.932  -25.725 1.00 68.08  ? 266 HOH A O   1 
HETATM 1545 O O   . HOH B 2 .   ? 29.789  19.743  -16.817 1.00 70.25  ? 267 HOH A O   1 
HETATM 1546 O O   . HOH B 2 .   ? 23.677  1.283   -13.997 1.00 58.63  ? 268 HOH A O   1 
HETATM 1547 O O   . HOH B 2 .   ? -0.089  -10.677 17.961  1.00 60.30  ? 269 HOH A O   1 
HETATM 1548 O O   . HOH B 2 .   ? -20.271 -15.336 0.415   1.00 69.49  ? 270 HOH A O   1 
HETATM 1549 O O   . HOH B 2 .   ? 26.762  4.620   -19.198 1.00 49.64  ? 271 HOH A O   1 
HETATM 1550 O O   . HOH B 2 .   ? -19.636 -13.724 -2.270  1.00 50.68  ? 272 HOH A O   1 
HETATM 1551 O O   . HOH B 2 .   ? -7.517  11.866  22.058  1.00 74.99  ? 273 HOH A O   1 
HETATM 1552 O O   . HOH B 2 .   ? 5.507   5.516   2.084   1.00 58.62  ? 274 HOH A O   1 
HETATM 1553 O O   . HOH B 2 .   ? -9.101  -7.532  18.463  1.00 69.37  ? 275 HOH A O   1 
HETATM 1554 O O   . HOH B 2 .   ? 11.080  7.035   -25.466 1.00 78.55  ? 276 HOH A O   1 
HETATM 1555 O O   . HOH B 2 .   ? -23.234 -15.489 1.020   1.00 80.02  ? 277 HOH A O   1 
HETATM 1556 O O   . HOH B 2 .   ? -16.660 1.437   9.496   1.00 57.54  ? 278 HOH A O   1 
HETATM 1557 O O   . HOH B 2 .   ? 13.819  18.071  -10.790 1.00 34.81  ? 279 HOH A O   1 
HETATM 1558 O O   . HOH B 2 .   ? 4.943   22.316  -11.380 1.00 38.28  ? 280 HOH A O   1 
HETATM 1559 O O   . HOH B 2 .   ? 8.544   17.763  -18.297 1.00 51.97  ? 281 HOH A O   1 
HETATM 1560 O O   . HOH B 2 .   ? 32.285  8.614   -24.610 1.00 56.29  ? 282 HOH A O   1 
HETATM 1561 O O   . HOH B 2 .   ? 8.061   4.533   -24.323 1.00 51.79  ? 283 HOH A O   1 
HETATM 1562 O O   . HOH B 2 .   ? -16.469 5.606   11.626  1.00 74.91  ? 284 HOH A O   1 
HETATM 1563 O O   . HOH B 2 .   ? 1.433   4.206   -15.897 1.00 60.78  ? 285 HOH A O   1 
HETATM 1564 O O   . HOH B 2 .   ? 5.291   18.005  -0.298  1.00 33.14  ? 286 HOH A O   1 
HETATM 1565 O O   . HOH B 2 .   ? 12.386  12.431  -27.601 1.00 49.02  ? 287 HOH A O   1 
HETATM 1566 O O   . HOH B 2 .   ? 6.477   -1.398  -13.320 1.00 52.08  ? 288 HOH A O   1 
# 
